data_1BLK
#
_entry.id   1BLK
#
_cell.length_a   1.000
_cell.length_b   1.000
_cell.length_c   1.000
_cell.angle_alpha   90.00
_cell.angle_beta   90.00
_cell.angle_gamma   90.00
#
_symmetry.space_group_name_H-M   'P 1'
#
_entity_poly.entity_id   1
_entity_poly.type   'polypeptide(L)'
_entity_poly.pdbx_seq_one_letter_code
;GSVAPVETLEVEKWFFRTISRKDAERQLLAPMNKAGSFLIRESESNKGAFSLSVKDITTQGEVVKHYKIRSLDNGGYYIS
PRITFPTLQALVQHYSKKGDGLCQKLTLPCVNLA
;
_entity_poly.pdbx_strand_id   A
#
# COMPACT_ATOMS: atom_id res chain seq x y z
N GLY A 1 -27.74 -8.17 4.04
CA GLY A 1 -27.29 -8.41 5.41
C GLY A 1 -27.98 -7.49 6.41
N SER A 2 -27.53 -6.23 6.37
CA SER A 2 -28.08 -5.21 7.26
C SER A 2 -27.55 -3.85 6.79
N VAL A 3 -28.36 -3.19 5.92
CA VAL A 3 -28.07 -1.87 5.36
C VAL A 3 -26.57 -1.72 4.98
N ALA A 4 -26.24 -2.39 3.86
CA ALA A 4 -24.85 -2.38 3.40
C ALA A 4 -24.78 -2.72 1.90
N PRO A 5 -25.25 -3.94 1.48
CA PRO A 5 -25.21 -4.31 0.07
C PRO A 5 -26.05 -3.36 -0.81
N VAL A 6 -25.31 -2.39 -1.41
CA VAL A 6 -25.93 -1.38 -2.26
C VAL A 6 -24.82 -0.48 -2.83
N GLU A 7 -24.12 -1.02 -3.84
CA GLU A 7 -23.05 -0.25 -4.47
C GLU A 7 -22.00 0.25 -3.46
N THR A 8 -21.15 -0.73 -3.08
CA THR A 8 -20.09 -0.47 -2.10
C THR A 8 -18.69 -0.73 -2.69
N LEU A 9 -18.39 0.10 -3.73
CA LEU A 9 -17.10 0.00 -4.40
C LEU A 9 -16.00 0.51 -3.45
N GLU A 10 -15.00 -0.36 -3.27
CA GLU A 10 -13.87 -0.06 -2.38
C GLU A 10 -12.81 0.73 -3.17
N VAL A 11 -12.52 1.94 -2.66
CA VAL A 11 -11.55 2.83 -3.32
C VAL A 11 -10.83 3.75 -2.30
N GLU A 12 -10.33 3.08 -1.26
CA GLU A 12 -9.59 3.71 -0.18
C GLU A 12 -8.18 3.99 -0.67
N LYS A 13 -7.60 4.94 0.08
CA LYS A 13 -6.25 5.42 -0.11
C LYS A 13 -5.20 4.39 0.29
N TRP A 14 -5.39 3.18 -0.23
CA TRP A 14 -4.46 2.08 -0.03
C TRP A 14 -4.39 1.36 -1.40
N PHE A 15 -5.57 0.87 -1.88
CA PHE A 15 -5.63 0.19 -3.18
C PHE A 15 -5.86 1.21 -4.31
N PHE A 16 -4.72 1.79 -4.75
CA PHE A 16 -4.74 2.80 -5.82
C PHE A 16 -4.36 2.12 -7.15
N ARG A 17 -4.60 2.90 -8.24
CA ARG A 17 -4.30 2.39 -9.61
C ARG A 17 -2.80 2.59 -9.89
N THR A 18 -2.43 2.75 -11.17
CA THR A 18 -1.03 2.96 -11.49
C THR A 18 -0.78 4.46 -11.55
N ILE A 19 -0.77 5.01 -10.33
CA ILE A 19 -0.43 6.41 -10.22
C ILE A 19 1.06 6.49 -10.46
N SER A 20 1.49 7.72 -10.77
CA SER A 20 2.91 7.86 -11.03
C SER A 20 3.64 7.58 -9.69
N ARG A 21 4.94 7.33 -9.88
CA ARG A 21 5.82 6.99 -8.76
C ARG A 21 5.84 8.13 -7.75
N LYS A 22 6.29 9.28 -8.29
CA LYS A 22 6.36 10.49 -7.50
C LYS A 22 5.00 10.97 -6.99
N ASP A 23 3.94 10.42 -7.64
CA ASP A 23 2.60 10.86 -7.27
C ASP A 23 2.18 10.24 -5.96
N ALA A 24 2.19 8.92 -5.96
CA ALA A 24 1.86 8.14 -4.78
C ALA A 24 2.69 8.63 -3.57
N GLU A 25 3.95 8.94 -3.92
CA GLU A 25 4.91 9.48 -2.97
C GLU A 25 4.49 10.89 -2.50
N ARG A 26 3.97 11.72 -3.42
CA ARG A 26 3.57 13.10 -3.09
C ARG A 26 2.43 13.12 -2.07
N GLN A 27 1.60 12.06 -2.20
CA GLN A 27 0.44 11.90 -1.34
C GLN A 27 0.84 11.42 0.05
N LEU A 28 1.65 10.33 0.09
CA LEU A 28 2.09 9.82 1.37
C LEU A 28 2.91 10.86 2.15
N LEU A 29 3.82 11.52 1.39
CA LEU A 29 4.71 12.54 1.94
C LEU A 29 3.96 13.80 2.40
N ALA A 30 2.62 13.79 2.19
CA ALA A 30 1.80 14.91 2.64
C ALA A 30 1.85 14.97 4.17
N PRO A 31 1.88 16.19 4.73
CA PRO A 31 1.96 16.38 6.17
C PRO A 31 0.73 15.93 6.96
N MET A 32 -0.31 15.55 6.20
CA MET A 32 -1.51 15.04 6.82
C MET A 32 -1.28 13.57 7.29
N ASN A 33 -0.57 12.84 6.40
CA ASN A 33 -0.23 11.43 6.60
C ASN A 33 1.22 11.20 7.09
N LYS A 34 1.41 9.95 7.56
CA LYS A 34 2.72 9.52 8.04
C LYS A 34 2.90 8.00 7.83
N ALA A 35 3.94 7.43 8.49
CA ALA A 35 4.26 6.01 8.37
C ALA A 35 3.04 5.11 8.58
N GLY A 36 2.58 4.51 7.47
CA GLY A 36 1.39 3.65 7.59
C GLY A 36 0.38 3.83 6.46
N SER A 37 0.24 5.09 6.06
CA SER A 37 -0.54 5.41 4.86
C SER A 37 0.28 4.81 3.72
N PHE A 38 -0.43 4.08 2.83
CA PHE A 38 0.23 3.41 1.69
C PHE A 38 -0.52 3.72 0.37
N LEU A 39 0.14 3.19 -0.68
CA LEU A 39 -0.26 3.27 -2.08
C LEU A 39 0.24 2.02 -2.73
N ILE A 40 -0.75 1.18 -3.22
CA ILE A 40 -0.24 -0.05 -3.82
C ILE A 40 -0.60 0.32 -5.29
N ARG A 41 0.42 0.82 -6.01
CA ARG A 41 0.11 1.22 -7.36
C ARG A 41 0.41 0.02 -8.25
N GLU A 42 -0.21 -0.01 -9.44
CA GLU A 42 0.05 -1.15 -10.31
C GLU A 42 1.22 -0.86 -11.22
N SER A 43 2.04 -1.89 -11.48
CA SER A 43 3.13 -1.58 -12.40
C SER A 43 2.49 -1.58 -13.81
N GLU A 44 2.44 -0.37 -14.44
CA GLU A 44 1.84 -0.23 -15.77
C GLU A 44 2.75 -0.77 -16.91
N SER A 45 3.24 -1.97 -16.67
CA SER A 45 4.13 -2.66 -17.60
C SER A 45 3.80 -4.15 -17.64
N ASN A 46 3.50 -4.67 -16.43
CA ASN A 46 3.16 -6.07 -16.23
C ASN A 46 1.66 -6.27 -16.01
N LYS A 47 1.17 -7.30 -16.71
CA LYS A 47 -0.21 -7.77 -16.64
C LYS A 47 -0.58 -8.48 -15.32
N GLY A 48 -0.15 -7.92 -14.18
CA GLY A 48 -0.48 -8.62 -12.93
C GLY A 48 0.39 -8.24 -11.74
N ALA A 49 1.44 -7.41 -12.01
CA ALA A 49 2.34 -7.02 -10.91
C ALA A 49 1.94 -5.61 -10.39
N PHE A 50 2.37 -5.33 -9.14
CA PHE A 50 2.08 -4.08 -8.46
C PHE A 50 3.37 -3.61 -7.74
N SER A 51 3.22 -2.50 -6.99
CA SER A 51 4.26 -1.85 -6.19
C SER A 51 3.53 -1.23 -4.98
N LEU A 52 4.31 -0.89 -3.93
CA LEU A 52 3.74 -0.33 -2.71
C LEU A 52 4.71 0.68 -2.03
N SER A 53 4.16 1.90 -1.82
CA SER A 53 4.80 3.04 -1.20
C SER A 53 4.22 3.22 0.22
N VAL A 54 5.12 3.52 1.18
CA VAL A 54 4.72 3.74 2.59
C VAL A 54 5.54 4.90 3.07
N LYS A 55 5.04 5.69 4.03
CA LYS A 55 5.95 6.77 4.39
C LYS A 55 7.04 6.28 5.35
N ASP A 56 8.31 6.58 5.00
CA ASP A 56 9.37 6.17 5.92
C ASP A 56 9.87 7.44 6.60
N ILE A 57 10.03 7.19 7.91
CA ILE A 57 10.48 8.21 8.83
C ILE A 57 11.90 7.86 9.26
N THR A 58 12.80 8.73 8.77
CA THR A 58 14.23 8.63 9.05
C THR A 58 14.77 10.00 9.44
N THR A 59 15.97 9.94 10.04
CA THR A 59 16.68 11.14 10.48
C THR A 59 17.19 11.93 9.24
N GLN A 60 17.16 11.25 8.05
CA GLN A 60 17.61 11.90 6.81
C GLN A 60 16.41 12.44 5.99
N GLY A 61 15.47 13.03 6.75
CA GLY A 61 14.27 13.60 6.15
C GLY A 61 13.18 12.53 5.99
N GLU A 62 11.94 13.01 5.80
CA GLU A 62 10.83 12.12 5.62
C GLU A 62 10.75 11.73 4.13
N VAL A 63 10.61 10.40 3.94
CA VAL A 63 10.58 9.79 2.63
C VAL A 63 9.39 8.80 2.57
N VAL A 64 9.42 8.00 1.49
CA VAL A 64 8.45 6.95 1.22
C VAL A 64 9.24 5.63 1.32
N LYS A 65 8.63 4.57 0.82
CA LYS A 65 9.15 3.21 0.70
C LYS A 65 8.80 2.60 -0.64
N HIS A 66 9.52 1.52 -1.01
CA HIS A 66 9.19 0.83 -2.27
C HIS A 66 9.34 -0.69 -2.07
N TYR A 67 8.19 -1.41 -2.02
CA TYR A 67 8.15 -2.87 -1.85
C TYR A 67 7.49 -3.48 -3.13
N LYS A 68 8.28 -4.36 -3.80
CA LYS A 68 7.91 -5.08 -5.01
C LYS A 68 6.98 -6.29 -4.75
N ILE A 69 5.73 -6.16 -5.25
CA ILE A 69 4.66 -7.17 -5.25
C ILE A 69 4.60 -7.97 -6.57
N ARG A 70 4.79 -9.29 -6.41
CA ARG A 70 4.71 -10.22 -7.53
C ARG A 70 3.33 -10.85 -7.53
N SER A 71 3.03 -11.55 -8.65
CA SER A 71 1.75 -12.22 -8.78
C SER A 71 1.99 -13.66 -9.23
N LEU A 72 1.69 -14.54 -8.25
CA LEU A 72 1.87 -15.96 -8.40
C LEU A 72 0.57 -16.61 -8.85
N ASP A 73 0.80 -17.60 -9.72
CA ASP A 73 -0.32 -18.36 -10.27
C ASP A 73 -1.06 -19.18 -9.20
N ASN A 74 -0.33 -19.43 -8.10
CA ASN A 74 -0.89 -20.19 -7.00
C ASN A 74 -0.41 -19.64 -5.65
N GLY A 75 -0.34 -18.30 -5.64
CA GLY A 75 0.11 -17.64 -4.42
C GLY A 75 -0.23 -16.15 -4.32
N GLY A 76 -1.16 -15.70 -5.18
CA GLY A 76 -1.64 -14.33 -5.19
C GLY A 76 -0.59 -13.23 -5.34
N TYR A 77 -0.09 -12.80 -4.16
CA TYR A 77 0.89 -11.73 -4.05
C TYR A 77 1.86 -12.11 -2.95
N TYR A 78 3.11 -11.66 -3.21
CA TYR A 78 4.19 -11.93 -2.25
C TYR A 78 5.26 -10.84 -2.38
N ILE A 79 5.73 -10.42 -1.17
CA ILE A 79 6.78 -9.36 -1.17
C ILE A 79 8.06 -9.94 -0.53
N SER A 80 7.79 -10.73 0.54
CA SER A 80 8.85 -11.42 1.25
C SER A 80 8.45 -12.87 1.00
N PRO A 81 9.40 -13.68 0.49
CA PRO A 81 9.10 -15.06 0.14
C PRO A 81 8.79 -15.99 1.32
N ARG A 82 8.90 -15.43 2.54
CA ARG A 82 8.56 -16.21 3.73
C ARG A 82 7.04 -16.10 4.03
N ILE A 83 6.38 -15.18 3.27
CA ILE A 83 4.96 -14.82 3.38
C ILE A 83 4.30 -14.30 2.05
N THR A 84 3.33 -15.16 1.68
CA THR A 84 2.51 -15.00 0.49
C THR A 84 1.04 -14.73 0.96
N PHE A 85 0.23 -14.14 0.03
CA PHE A 85 -1.18 -13.82 0.30
C PHE A 85 -2.01 -14.12 -0.95
N PRO A 86 -3.35 -14.10 -0.85
CA PRO A 86 -4.19 -14.37 -2.02
C PRO A 86 -4.51 -13.09 -2.81
N THR A 87 -4.68 -11.99 -2.06
CA THR A 87 -4.97 -10.68 -2.65
C THR A 87 -4.20 -9.69 -1.82
N LEU A 88 -4.19 -8.45 -2.34
CA LEU A 88 -3.45 -7.49 -1.58
C LEU A 88 -4.27 -7.10 -0.33
N GLN A 89 -5.59 -7.37 -0.30
CA GLN A 89 -6.25 -6.96 0.96
C GLN A 89 -5.77 -7.82 2.13
N ALA A 90 -5.57 -9.12 1.83
CA ALA A 90 -5.13 -10.04 2.89
C ALA A 90 -3.64 -9.84 3.20
N LEU A 91 -2.96 -9.22 2.24
CA LEU A 91 -1.55 -8.91 2.40
C LEU A 91 -1.39 -7.73 3.33
N VAL A 92 -2.21 -6.71 3.02
CA VAL A 92 -2.17 -5.45 3.71
C VAL A 92 -2.74 -5.62 5.15
N GLN A 93 -3.77 -6.50 5.27
CA GLN A 93 -4.43 -6.83 6.53
C GLN A 93 -3.44 -7.50 7.50
N HIS A 94 -2.61 -8.38 6.90
CA HIS A 94 -1.68 -9.14 7.75
C HIS A 94 -0.63 -8.16 8.27
N TYR A 95 -0.19 -7.31 7.31
CA TYR A 95 0.76 -6.25 7.66
C TYR A 95 0.08 -5.15 8.50
N SER A 96 -1.28 -5.23 8.57
CA SER A 96 -1.99 -4.25 9.40
C SER A 96 -1.94 -4.66 10.88
N LYS A 97 -1.34 -5.84 11.21
CA LYS A 97 -1.26 -6.18 12.65
C LYS A 97 0.13 -6.06 13.26
N LYS A 98 1.14 -6.19 12.39
CA LYS A 98 2.49 -6.04 12.91
C LYS A 98 3.38 -5.60 11.75
N GLY A 99 4.68 -5.66 12.03
CA GLY A 99 5.66 -5.24 11.03
C GLY A 99 6.57 -6.42 10.84
N ASP A 100 5.90 -7.40 10.22
CA ASP A 100 6.54 -8.71 9.95
C ASP A 100 7.57 -8.66 8.83
N GLY A 101 7.08 -7.98 7.81
CA GLY A 101 7.81 -7.78 6.56
C GLY A 101 8.28 -6.34 6.44
N LEU A 102 7.34 -5.43 6.70
CA LEU A 102 7.67 -4.01 6.66
C LEU A 102 8.10 -3.59 8.06
N CYS A 103 9.04 -2.64 8.02
CA CYS A 103 9.63 -2.12 9.26
C CYS A 103 8.66 -1.21 10.04
N GLN A 104 7.57 -0.83 9.33
CA GLN A 104 6.55 0.00 9.92
C GLN A 104 5.30 -0.53 9.27
N LYS A 105 4.51 -1.03 10.21
CA LYS A 105 3.24 -1.61 9.97
C LYS A 105 2.22 -0.51 9.58
N LEU A 106 1.11 -1.01 9.05
CA LEU A 106 0.01 -0.17 8.59
C LEU A 106 -0.91 0.30 9.70
N THR A 107 -1.16 1.62 9.57
CA THR A 107 -2.02 2.32 10.51
C THR A 107 -3.30 2.84 9.85
N LEU A 108 -3.11 3.89 9.01
CA LEU A 108 -4.22 4.56 8.32
C LEU A 108 -3.79 4.93 6.91
N PRO A 109 -4.61 4.57 5.89
CA PRO A 109 -4.32 4.91 4.49
C PRO A 109 -4.19 6.45 4.32
N CYS A 110 -3.90 6.88 3.07
CA CYS A 110 -3.73 8.32 2.84
C CYS A 110 -5.07 9.07 2.95
N VAL A 111 -4.94 10.37 3.19
CA VAL A 111 -6.09 11.26 3.30
C VAL A 111 -6.57 11.56 1.88
N ASN A 112 -7.88 11.79 1.80
CA ASN A 112 -8.44 12.14 0.49
C ASN A 112 -7.95 13.55 0.12
N LEU A 113 -8.14 13.88 -1.17
CA LEU A 113 -7.74 15.18 -1.70
C LEU A 113 -6.20 15.33 -1.69
N ALA A 114 -5.60 14.85 -2.80
CA ALA A 114 -4.14 14.93 -2.92
C ALA A 114 -3.67 16.39 -3.10
N GLY A 1 -30.15 -1.47 16.12
CA GLY A 1 -30.05 -1.72 14.69
C GLY A 1 -29.36 -0.57 13.96
N SER A 2 -29.39 -0.67 12.62
CA SER A 2 -28.76 0.36 11.80
C SER A 2 -27.23 0.29 11.97
N VAL A 3 -26.62 -0.72 11.33
CA VAL A 3 -25.18 -0.89 11.47
C VAL A 3 -24.42 -0.17 10.35
N ALA A 4 -24.89 -0.39 9.11
CA ALA A 4 -24.26 0.20 7.93
C ALA A 4 -22.87 -0.43 7.75
N PRO A 5 -22.85 -1.68 7.20
CA PRO A 5 -21.61 -2.41 6.99
C PRO A 5 -20.66 -1.71 6.01
N VAL A 6 -21.19 -1.52 4.78
CA VAL A 6 -20.42 -0.88 3.74
C VAL A 6 -20.53 0.64 3.86
N GLU A 7 -21.80 1.10 4.02
CA GLU A 7 -22.09 2.52 4.14
C GLU A 7 -22.04 3.23 2.77
N THR A 8 -20.81 3.38 2.26
CA THR A 8 -20.62 4.03 0.96
C THR A 8 -19.29 3.60 0.31
N LEU A 9 -18.17 3.93 1.00
CA LEU A 9 -16.86 3.59 0.45
C LEU A 9 -16.64 2.06 0.54
N GLU A 10 -15.59 1.63 -0.20
CA GLU A 10 -15.21 0.23 -0.25
C GLU A 10 -13.87 0.03 0.48
N VAL A 11 -12.83 0.62 -0.13
CA VAL A 11 -11.48 0.52 0.41
C VAL A 11 -10.73 1.82 0.12
N GLU A 12 -10.12 1.91 -1.09
CA GLU A 12 -9.40 3.12 -1.46
C GLU A 12 -8.22 3.31 -0.54
N LYS A 13 -7.37 4.24 -0.98
CA LYS A 13 -6.24 4.66 -0.20
C LYS A 13 -5.08 3.71 -0.33
N TRP A 14 -5.38 2.45 0.08
CA TRP A 14 -4.29 1.50 -0.02
C TRP A 14 -4.30 1.00 -1.47
N PHE A 15 -5.52 0.72 -1.99
CA PHE A 15 -5.68 0.35 -3.39
C PHE A 15 -5.87 1.67 -4.21
N PHE A 16 -4.79 2.20 -4.84
CA PHE A 16 -4.93 3.48 -5.58
C PHE A 16 -4.53 3.37 -7.06
N ARG A 17 -4.89 2.23 -7.72
CA ARG A 17 -4.56 2.11 -9.16
C ARG A 17 -3.08 2.33 -9.45
N THR A 18 -2.78 2.48 -10.75
CA THR A 18 -1.41 2.74 -11.13
C THR A 18 -1.19 4.27 -11.29
N ILE A 19 -1.15 4.96 -10.13
CA ILE A 19 -0.85 6.39 -10.18
C ILE A 19 0.65 6.53 -10.48
N SER A 20 1.04 7.76 -10.88
CA SER A 20 2.48 7.91 -11.14
C SER A 20 3.23 7.65 -9.83
N ARG A 21 4.49 7.27 -10.04
CA ARG A 21 5.32 6.94 -8.89
C ARG A 21 5.41 8.13 -7.94
N LYS A 22 5.91 9.22 -8.54
CA LYS A 22 6.01 10.49 -7.82
C LYS A 22 4.68 11.02 -7.33
N ASP A 23 3.58 10.49 -7.93
CA ASP A 23 2.27 10.97 -7.56
C ASP A 23 1.85 10.35 -6.22
N ALA A 24 1.82 9.02 -6.23
CA ALA A 24 1.48 8.27 -5.02
C ALA A 24 2.36 8.72 -3.83
N GLU A 25 3.65 8.91 -4.17
CA GLU A 25 4.63 9.34 -3.18
C GLU A 25 4.31 10.75 -2.66
N ARG A 26 3.72 11.60 -3.53
CA ARG A 26 3.39 12.97 -3.15
C ARG A 26 2.35 12.99 -2.01
N GLN A 27 1.58 11.89 -2.00
CA GLN A 27 0.52 11.76 -0.99
C GLN A 27 1.06 11.41 0.39
N LEU A 28 1.79 10.27 0.42
CA LEU A 28 2.36 9.81 1.68
C LEU A 28 3.33 10.84 2.26
N LEU A 29 4.11 11.49 1.37
CA LEU A 29 5.07 12.49 1.83
C LEU A 29 4.40 13.75 2.40
N ALA A 30 3.05 13.79 2.31
CA ALA A 30 2.30 14.92 2.85
C ALA A 30 2.48 14.93 4.38
N PRO A 31 2.51 16.16 4.96
CA PRO A 31 2.68 16.29 6.40
C PRO A 31 1.52 15.74 7.22
N MET A 32 0.38 15.59 6.52
CA MET A 32 -0.78 14.99 7.11
C MET A 32 -0.65 13.51 7.37
N ASN A 33 0.06 12.90 6.39
CA ASN A 33 0.31 11.48 6.43
C ASN A 33 1.68 11.17 7.05
N LYS A 34 1.77 9.94 7.61
CA LYS A 34 3.07 9.54 8.16
C LYS A 34 3.23 8.02 8.05
N ALA A 35 4.33 7.51 8.64
CA ALA A 35 4.63 6.09 8.60
C ALA A 35 3.41 5.23 8.97
N GLY A 36 2.89 4.52 7.93
CA GLY A 36 1.70 3.68 8.04
C GLY A 36 0.66 3.94 6.95
N SER A 37 0.61 5.18 6.47
CA SER A 37 -0.21 5.53 5.30
C SER A 37 0.48 4.80 4.14
N PHE A 38 -0.36 4.07 3.35
CA PHE A 38 0.22 3.30 2.26
C PHE A 38 -0.66 3.48 0.98
N LEU A 39 -0.08 2.91 -0.11
CA LEU A 39 -0.71 2.90 -1.45
C LEU A 39 -0.10 1.68 -2.18
N ILE A 40 -0.87 1.02 -3.10
CA ILE A 40 -0.21 -0.11 -3.74
C ILE A 40 -0.49 0.20 -5.23
N ARG A 41 0.51 0.86 -5.88
CA ARG A 41 0.26 1.21 -7.26
C ARG A 41 0.83 0.10 -8.14
N GLU A 42 0.17 -0.08 -9.28
CA GLU A 42 0.60 -1.13 -10.21
C GLU A 42 1.57 -0.56 -11.20
N SER A 43 2.56 -1.42 -11.53
CA SER A 43 3.48 -0.94 -12.54
C SER A 43 2.74 -1.08 -13.88
N GLU A 44 2.32 0.09 -14.43
CA GLU A 44 1.59 0.09 -15.68
C GLU A 44 2.49 -0.16 -16.92
N SER A 45 3.42 -1.12 -16.77
CA SER A 45 4.34 -1.48 -17.84
C SER A 45 4.65 -2.99 -17.83
N ASN A 46 4.43 -3.65 -16.66
CA ASN A 46 4.72 -5.09 -16.55
C ASN A 46 3.40 -5.90 -16.73
N LYS A 47 3.57 -7.25 -16.62
CA LYS A 47 2.51 -8.25 -16.61
C LYS A 47 1.63 -8.35 -15.35
N GLY A 48 1.06 -7.22 -14.87
CA GLY A 48 0.20 -7.36 -13.69
C GLY A 48 0.91 -7.39 -12.33
N ALA A 49 1.96 -6.55 -12.25
CA ALA A 49 2.74 -6.40 -10.99
C ALA A 49 2.23 -5.15 -10.21
N PHE A 50 2.60 -5.14 -8.91
CA PHE A 50 2.20 -4.07 -8.00
C PHE A 50 3.44 -3.60 -7.19
N SER A 51 3.25 -2.43 -6.54
CA SER A 51 4.29 -1.78 -5.74
C SER A 51 3.65 -1.05 -4.54
N LEU A 52 4.25 -1.19 -3.35
CA LEU A 52 3.73 -0.56 -2.12
C LEU A 52 4.60 0.63 -1.67
N SER A 53 3.88 1.72 -1.35
CA SER A 53 4.44 2.99 -0.89
C SER A 53 4.12 3.20 0.59
N VAL A 54 5.15 3.57 1.37
CA VAL A 54 4.88 3.82 2.78
C VAL A 54 5.70 5.02 3.18
N LYS A 55 5.21 5.83 4.13
CA LYS A 55 6.05 6.98 4.43
C LYS A 55 7.19 6.55 5.37
N ASP A 56 8.44 6.70 4.84
CA ASP A 56 9.51 6.32 5.76
C ASP A 56 10.00 7.62 6.37
N ILE A 57 10.41 7.45 7.63
CA ILE A 57 10.79 8.61 8.43
C ILE A 57 12.00 8.27 9.30
N THR A 58 13.10 8.97 8.94
CA THR A 58 14.37 8.82 9.62
C THR A 58 14.94 10.17 10.02
N THR A 59 16.05 10.09 10.81
CA THR A 59 16.82 11.26 11.28
C THR A 59 17.44 12.04 10.10
N GLN A 60 17.33 11.46 8.86
CA GLN A 60 17.92 12.09 7.69
C GLN A 60 16.90 12.95 6.92
N GLY A 61 15.93 12.25 6.33
CA GLY A 61 14.89 12.94 5.58
C GLY A 61 13.61 12.12 5.47
N GLU A 62 12.53 12.89 5.16
CA GLU A 62 11.21 12.31 5.03
C GLU A 62 11.06 11.77 3.60
N VAL A 63 10.79 10.45 3.52
CA VAL A 63 10.65 9.79 2.24
C VAL A 63 9.45 8.84 2.28
N VAL A 64 9.39 8.02 1.21
CA VAL A 64 8.39 6.97 1.07
C VAL A 64 9.18 5.66 1.11
N LYS A 65 8.54 4.58 0.67
CA LYS A 65 9.14 3.25 0.56
C LYS A 65 8.65 2.61 -0.71
N HIS A 66 9.37 1.54 -1.16
CA HIS A 66 8.94 0.84 -2.36
C HIS A 66 9.17 -0.68 -2.19
N TYR A 67 8.05 -1.43 -2.11
CA TYR A 67 8.09 -2.90 -1.97
C TYR A 67 7.24 -3.48 -3.12
N LYS A 68 7.95 -4.03 -4.14
CA LYS A 68 7.31 -4.60 -5.33
C LYS A 68 6.70 -6.01 -5.06
N ILE A 69 5.39 -6.09 -5.25
CA ILE A 69 4.65 -7.36 -5.20
C ILE A 69 4.59 -7.97 -6.59
N ARG A 70 4.91 -9.27 -6.64
CA ARG A 70 4.84 -9.99 -7.89
C ARG A 70 3.51 -10.71 -7.91
N SER A 71 3.26 -11.35 -9.06
CA SER A 71 1.99 -12.08 -9.21
C SER A 71 2.30 -13.53 -9.59
N LEU A 72 1.98 -14.40 -8.61
CA LEU A 72 2.18 -15.83 -8.76
C LEU A 72 0.89 -16.48 -9.23
N ASP A 73 1.13 -17.52 -10.04
CA ASP A 73 0.00 -18.28 -10.57
C ASP A 73 -0.80 -19.00 -9.46
N ASN A 74 -0.07 -19.38 -8.39
CA ASN A 74 -0.70 -20.12 -7.31
C ASN A 74 -0.25 -19.61 -5.92
N GLY A 75 -0.07 -18.28 -5.91
CA GLY A 75 0.35 -17.62 -4.67
C GLY A 75 -0.06 -16.16 -4.55
N GLY A 76 -0.88 -15.71 -5.52
CA GLY A 76 -1.39 -14.36 -5.52
C GLY A 76 -0.30 -13.29 -5.64
N TYR A 77 0.19 -12.88 -4.45
CA TYR A 77 1.20 -11.85 -4.36
C TYR A 77 2.16 -12.23 -3.25
N TYR A 78 3.40 -11.79 -3.48
CA TYR A 78 4.42 -12.10 -2.44
C TYR A 78 5.53 -11.05 -2.43
N ILE A 79 5.90 -10.70 -1.16
CA ILE A 79 6.99 -9.68 -1.03
C ILE A 79 8.21 -10.37 -0.40
N SER A 80 7.86 -11.22 0.58
CA SER A 80 8.86 -11.99 1.27
C SER A 80 8.44 -13.42 0.89
N PRO A 81 9.36 -14.18 0.25
CA PRO A 81 9.01 -15.51 -0.23
C PRO A 81 8.53 -16.49 0.86
N ARG A 82 8.74 -16.06 2.12
CA ARG A 82 8.25 -16.86 3.23
C ARG A 82 6.71 -16.71 3.26
N ILE A 83 6.27 -15.43 3.32
CA ILE A 83 4.86 -15.03 3.33
C ILE A 83 4.29 -14.58 1.94
N THR A 84 3.17 -15.30 1.64
CA THR A 84 2.43 -15.09 0.39
C THR A 84 0.93 -14.93 0.73
N PHE A 85 0.24 -14.24 -0.20
CA PHE A 85 -1.20 -14.02 0.00
C PHE A 85 -1.93 -14.12 -1.35
N PRO A 86 -3.27 -14.35 -1.33
CA PRO A 86 -4.06 -14.45 -2.57
C PRO A 86 -4.21 -13.09 -3.31
N THR A 87 -4.48 -12.03 -2.52
CA THR A 87 -4.67 -10.67 -3.06
C THR A 87 -3.91 -9.75 -2.11
N LEU A 88 -3.80 -8.47 -2.55
CA LEU A 88 -3.11 -7.53 -1.70
C LEU A 88 -4.00 -7.19 -0.50
N GLN A 89 -5.29 -7.57 -0.52
CA GLN A 89 -6.09 -7.27 0.67
C GLN A 89 -5.64 -8.10 1.89
N ALA A 90 -5.44 -9.41 1.67
CA ALA A 90 -5.03 -10.26 2.80
C ALA A 90 -3.57 -10.01 3.19
N LEU A 91 -2.81 -9.48 2.22
CA LEU A 91 -1.42 -9.16 2.49
C LEU A 91 -1.33 -7.88 3.32
N VAL A 92 -2.14 -6.91 2.88
CA VAL A 92 -2.12 -5.58 3.50
C VAL A 92 -2.77 -5.63 4.92
N GLN A 93 -3.82 -6.48 5.03
CA GLN A 93 -4.56 -6.71 6.25
C GLN A 93 -3.60 -7.23 7.35
N HIS A 94 -2.71 -8.12 6.85
CA HIS A 94 -1.79 -8.78 7.76
C HIS A 94 -0.78 -7.75 8.27
N TYR A 95 -0.29 -6.95 7.31
CA TYR A 95 0.63 -5.88 7.70
C TYR A 95 -0.16 -4.76 8.45
N SER A 96 -1.53 -4.86 8.46
CA SER A 96 -2.27 -3.83 9.22
C SER A 96 -2.22 -4.13 10.75
N LYS A 97 -1.63 -5.28 11.14
CA LYS A 97 -1.59 -5.57 12.58
C LYS A 97 -0.18 -5.38 13.19
N LYS A 98 0.85 -5.59 12.34
CA LYS A 98 2.21 -5.38 12.83
C LYS A 98 3.13 -5.09 11.64
N GLY A 99 4.43 -5.14 11.96
CA GLY A 99 5.46 -4.87 10.97
C GLY A 99 6.40 -6.05 10.85
N ASP A 100 5.75 -7.16 10.46
CA ASP A 100 6.43 -8.44 10.28
C ASP A 100 7.28 -8.50 9.00
N GLY A 101 7.46 -7.32 8.40
CA GLY A 101 8.23 -7.29 7.17
C GLY A 101 8.77 -5.92 6.88
N LEU A 102 7.82 -4.95 6.84
CA LEU A 102 8.23 -3.59 6.53
C LEU A 102 8.59 -2.76 7.77
N CYS A 103 8.62 -3.46 8.94
CA CYS A 103 8.91 -2.82 10.23
C CYS A 103 8.04 -1.58 10.53
N GLN A 104 6.94 -1.44 9.75
CA GLN A 104 6.03 -0.33 9.88
C GLN A 104 4.67 -0.77 9.40
N LYS A 105 3.88 -1.12 10.41
CA LYS A 105 2.53 -1.58 10.15
C LYS A 105 1.69 -0.41 9.61
N LEU A 106 0.51 -0.82 9.15
CA LEU A 106 -0.42 0.14 8.57
C LEU A 106 -1.18 0.87 9.69
N THR A 107 -1.12 2.20 9.63
CA THR A 107 -1.81 2.98 10.65
C THR A 107 -3.04 3.68 10.03
N LEU A 108 -2.77 4.62 9.10
CA LEU A 108 -3.84 5.38 8.46
C LEU A 108 -3.51 5.53 6.96
N PRO A 109 -4.11 4.67 6.10
CA PRO A 109 -3.85 4.67 4.65
C PRO A 109 -4.09 6.04 4.01
N CYS A 110 -2.98 6.75 3.90
CA CYS A 110 -2.89 8.11 3.30
C CYS A 110 -4.14 8.98 3.58
N VAL A 111 -4.40 9.91 2.63
CA VAL A 111 -5.58 10.75 2.76
C VAL A 111 -5.88 11.37 1.39
N ASN A 112 -6.85 12.32 1.39
CA ASN A 112 -7.24 13.02 0.18
C ASN A 112 -7.47 14.49 0.48
N LEU A 113 -8.58 14.76 1.21
CA LEU A 113 -8.95 16.14 1.56
C LEU A 113 -9.01 17.02 0.30
N ALA A 114 -10.01 16.68 -0.54
CA ALA A 114 -10.17 17.43 -1.79
C ALA A 114 -11.65 17.45 -2.21
N GLY A 1 -21.61 21.15 2.88
CA GLY A 1 -22.04 19.85 2.38
C GLY A 1 -23.54 19.64 2.61
N SER A 2 -24.12 18.80 1.74
CA SER A 2 -25.54 18.50 1.84
C SER A 2 -25.82 17.23 1.04
N VAL A 3 -27.01 16.66 1.31
CA VAL A 3 -27.46 15.43 0.66
C VAL A 3 -26.59 14.22 1.10
N ALA A 4 -27.26 13.05 1.19
CA ALA A 4 -26.54 11.86 1.59
C ALA A 4 -25.62 11.40 0.44
N PRO A 5 -24.56 10.62 0.78
CA PRO A 5 -23.63 10.10 -0.23
C PRO A 5 -24.33 9.17 -1.25
N VAL A 6 -23.48 8.58 -2.13
CA VAL A 6 -24.00 7.68 -3.16
C VAL A 6 -23.02 6.51 -3.34
N GLU A 7 -21.86 6.88 -3.94
CA GLU A 7 -20.79 5.94 -4.20
C GLU A 7 -19.98 5.66 -2.92
N THR A 8 -20.56 4.69 -2.19
CA THR A 8 -19.97 4.23 -0.95
C THR A 8 -18.64 3.52 -1.23
N LEU A 9 -17.66 3.78 -0.32
CA LEU A 9 -16.30 3.23 -0.37
C LEU A 9 -15.72 3.16 -1.80
N GLU A 10 -15.85 4.31 -2.50
CA GLU A 10 -15.36 4.40 -3.88
C GLU A 10 -14.09 5.26 -3.92
N VAL A 11 -13.07 4.70 -3.25
CA VAL A 11 -11.79 5.40 -3.18
C VAL A 11 -10.67 4.41 -2.85
N GLU A 12 -10.66 4.01 -1.57
CA GLU A 12 -9.70 3.08 -0.99
C GLU A 12 -8.28 3.59 -1.16
N LYS A 13 -7.90 4.38 -0.13
CA LYS A 13 -6.57 4.97 0.01
C LYS A 13 -5.50 3.99 0.42
N TRP A 14 -5.58 2.84 -0.20
CA TRP A 14 -4.62 1.79 0.00
C TRP A 14 -4.47 1.14 -1.39
N PHE A 15 -5.62 0.70 -1.96
CA PHE A 15 -5.57 0.10 -3.29
C PHE A 15 -5.68 1.20 -4.38
N PHE A 16 -4.50 1.78 -4.69
CA PHE A 16 -4.39 2.84 -5.69
C PHE A 16 -3.91 2.22 -7.02
N ARG A 17 -4.27 2.87 -8.15
CA ARG A 17 -3.90 2.30 -9.46
C ARG A 17 -2.42 2.64 -9.78
N THR A 18 -2.11 2.89 -11.07
CA THR A 18 -0.78 3.25 -11.46
C THR A 18 -0.70 4.77 -11.50
N ILE A 19 -0.70 5.31 -10.26
CA ILE A 19 -0.52 6.75 -10.13
C ILE A 19 0.96 6.98 -10.47
N SER A 20 1.31 8.24 -10.82
CA SER A 20 2.72 8.46 -11.11
C SER A 20 3.50 8.20 -9.82
N ARG A 21 4.79 7.99 -10.06
CA ARG A 21 5.71 7.68 -8.97
C ARG A 21 5.73 8.83 -7.94
N LYS A 22 6.03 10.02 -8.50
CA LYS A 22 6.05 11.22 -7.67
C LYS A 22 4.68 11.54 -7.06
N ASP A 23 3.63 10.96 -7.69
CA ASP A 23 2.30 11.28 -7.22
C ASP A 23 1.96 10.54 -5.93
N ALA A 24 2.07 9.21 -6.04
CA ALA A 24 1.81 8.33 -4.90
C ALA A 24 2.61 8.77 -3.65
N GLU A 25 3.87 9.14 -3.97
CA GLU A 25 4.80 9.60 -2.97
C GLU A 25 4.32 10.92 -2.33
N ARG A 26 3.69 11.77 -3.18
CA ARG A 26 3.23 13.09 -2.71
C ARG A 26 2.16 12.95 -1.63
N GLN A 27 1.41 11.83 -1.78
CA GLN A 27 0.31 11.55 -0.86
C GLN A 27 0.80 11.08 0.51
N LEU A 28 1.66 10.05 0.47
CA LEU A 28 2.18 9.51 1.72
C LEU A 28 3.00 10.55 2.52
N LEU A 29 3.80 11.33 1.75
CA LEU A 29 4.65 12.35 2.34
C LEU A 29 3.83 13.55 2.88
N ALA A 30 2.50 13.51 2.67
CA ALA A 30 1.63 14.58 3.16
C ALA A 30 1.67 14.61 4.70
N PRO A 31 1.53 15.83 5.27
CA PRO A 31 1.53 16.02 6.72
C PRO A 31 0.27 15.49 7.42
N MET A 32 -0.68 15.01 6.60
CA MET A 32 -1.92 14.44 7.10
C MET A 32 -1.73 13.05 7.73
N ASN A 33 -0.64 12.39 7.29
CA ASN A 33 -0.33 11.04 7.76
C ASN A 33 1.19 10.84 7.92
N LYS A 34 1.47 9.79 8.71
CA LYS A 34 2.85 9.41 8.99
C LYS A 34 2.93 7.89 9.15
N ALA A 35 4.12 7.41 8.70
CA ALA A 35 4.54 6.00 8.67
C ALA A 35 3.36 5.00 8.90
N GLY A 36 2.86 4.44 7.78
CA GLY A 36 1.72 3.53 7.83
C GLY A 36 0.77 3.78 6.66
N SER A 37 0.73 5.06 6.25
CA SER A 37 -0.02 5.38 5.04
C SER A 37 0.73 4.65 3.90
N PHE A 38 -0.09 3.87 3.15
CA PHE A 38 0.43 3.07 2.04
C PHE A 38 -0.52 3.28 0.80
N LEU A 39 0.00 2.74 -0.33
CA LEU A 39 -0.64 2.74 -1.64
C LEU A 39 -0.04 1.53 -2.34
N ILE A 40 -0.88 0.70 -3.00
CA ILE A 40 -0.24 -0.43 -3.67
C ILE A 40 -0.49 0.03 -5.13
N ARG A 41 0.56 0.58 -5.79
CA ARG A 41 0.30 1.06 -7.13
C ARG A 41 0.62 -0.09 -8.08
N GLU A 42 0.05 -0.02 -9.29
CA GLU A 42 0.31 -1.09 -10.25
C GLU A 42 1.48 -0.71 -11.14
N SER A 43 2.37 -1.70 -11.41
CA SER A 43 3.47 -1.34 -12.30
C SER A 43 2.87 -1.31 -13.71
N GLU A 44 2.80 -0.10 -14.30
CA GLU A 44 2.25 0.10 -15.64
C GLU A 44 3.21 -0.37 -16.76
N SER A 45 3.71 -1.60 -16.57
CA SER A 45 4.65 -2.25 -17.46
C SER A 45 4.29 -3.74 -17.56
N ASN A 46 3.97 -4.32 -16.39
CA ASN A 46 3.60 -5.72 -16.26
C ASN A 46 2.07 -5.85 -16.04
N LYS A 47 1.48 -6.73 -16.85
CA LYS A 47 0.06 -7.06 -16.79
C LYS A 47 -0.36 -7.91 -15.56
N GLY A 48 0.26 -7.61 -14.41
CA GLY A 48 -0.06 -8.37 -13.21
C GLY A 48 0.81 -8.06 -12.00
N ALA A 49 1.82 -7.17 -12.19
CA ALA A 49 2.66 -6.86 -11.02
C ALA A 49 2.20 -5.52 -10.37
N PHE A 50 2.59 -5.39 -9.08
CA PHE A 50 2.24 -4.23 -8.26
C PHE A 50 3.50 -3.83 -7.42
N SER A 51 3.32 -2.72 -6.69
CA SER A 51 4.35 -2.12 -5.86
C SER A 51 3.71 -1.46 -4.64
N LEU A 52 4.54 -1.11 -3.63
CA LEU A 52 4.00 -0.53 -2.39
C LEU A 52 4.86 0.63 -1.86
N SER A 53 4.16 1.77 -1.76
CA SER A 53 4.68 3.04 -1.30
C SER A 53 4.25 3.23 0.17
N VAL A 54 5.21 3.53 1.07
CA VAL A 54 4.90 3.76 2.48
C VAL A 54 5.74 4.94 2.89
N LYS A 55 5.21 5.79 3.79
CA LYS A 55 6.10 6.91 4.10
C LYS A 55 7.16 6.45 5.12
N ASP A 56 8.45 6.70 4.76
CA ASP A 56 9.43 6.32 5.76
C ASP A 56 9.94 7.62 6.37
N ILE A 57 10.08 7.46 7.69
CA ILE A 57 10.51 8.53 8.57
C ILE A 57 11.68 8.03 9.42
N THR A 58 12.80 8.72 9.18
CA THR A 58 14.05 8.44 9.89
C THR A 58 14.69 9.74 10.34
N THR A 59 15.81 9.56 11.10
CA THR A 59 16.64 10.67 11.59
C THR A 59 17.33 11.48 10.45
N GLN A 60 17.06 11.09 9.19
CA GLN A 60 17.68 11.76 8.04
C GLN A 60 16.73 12.74 7.27
N GLY A 61 15.58 12.18 6.85
CA GLY A 61 14.60 12.95 6.09
C GLY A 61 13.32 12.13 5.82
N GLU A 62 12.28 12.89 5.41
CA GLU A 62 10.99 12.34 5.09
C GLU A 62 10.98 11.83 3.64
N VAL A 63 10.74 10.50 3.55
CA VAL A 63 10.72 9.78 2.29
C VAL A 63 9.50 8.83 2.28
N VAL A 64 9.48 8.02 1.20
CA VAL A 64 8.49 6.98 0.97
C VAL A 64 9.27 5.68 1.03
N LYS A 65 8.64 4.62 0.57
CA LYS A 65 9.23 3.29 0.49
C LYS A 65 8.82 2.66 -0.81
N HIS A 66 9.58 1.62 -1.22
CA HIS A 66 9.21 0.95 -2.45
C HIS A 66 9.46 -0.58 -2.33
N TYR A 67 8.34 -1.34 -2.20
CA TYR A 67 8.39 -2.81 -2.13
C TYR A 67 7.92 -3.31 -3.51
N LYS A 68 7.61 -4.62 -3.59
CA LYS A 68 7.20 -5.19 -4.89
C LYS A 68 6.45 -6.53 -4.74
N ILE A 69 5.15 -6.38 -5.02
CA ILE A 69 4.16 -7.47 -5.02
C ILE A 69 4.09 -8.11 -6.41
N ARG A 70 4.35 -9.42 -6.34
CA ARG A 70 4.33 -10.30 -7.49
C ARG A 70 2.96 -10.97 -7.50
N SER A 71 2.73 -11.70 -8.61
CA SER A 71 1.47 -12.39 -8.76
C SER A 71 1.75 -13.81 -9.23
N LEU A 72 1.51 -14.72 -8.27
CA LEU A 72 1.74 -16.14 -8.47
C LEU A 72 0.46 -16.84 -8.90
N ASP A 73 0.71 -17.86 -9.75
CA ASP A 73 -0.37 -18.68 -10.28
C ASP A 73 -1.13 -19.45 -9.19
N ASN A 74 -0.39 -19.71 -8.10
CA ASN A 74 -0.95 -20.45 -6.99
C ASN A 74 -0.40 -19.95 -5.65
N GLY A 75 -0.29 -18.62 -5.62
CA GLY A 75 0.22 -17.95 -4.43
C GLY A 75 -0.24 -16.50 -4.28
N GLY A 76 -1.18 -16.11 -5.15
CA GLY A 76 -1.74 -14.76 -5.12
C GLY A 76 -0.74 -13.63 -5.28
N TYR A 77 -0.22 -13.19 -4.11
CA TYR A 77 0.72 -12.09 -4.06
C TYR A 77 1.75 -12.38 -2.98
N TYR A 78 2.97 -11.87 -3.27
CA TYR A 78 4.08 -12.09 -2.31
C TYR A 78 5.15 -10.98 -2.43
N ILE A 79 5.68 -10.61 -1.23
CA ILE A 79 6.76 -9.57 -1.22
C ILE A 79 8.04 -10.14 -0.58
N SER A 80 7.76 -11.00 0.40
CA SER A 80 8.73 -11.71 1.19
C SER A 80 8.32 -13.16 0.91
N PRO A 81 9.19 -13.93 0.19
CA PRO A 81 8.85 -15.29 -0.22
C PRO A 81 8.56 -16.29 0.91
N ARG A 82 8.65 -15.76 2.13
CA ARG A 82 8.29 -16.54 3.30
C ARG A 82 6.74 -16.48 3.37
N ILE A 83 6.28 -15.21 3.42
CA ILE A 83 4.87 -14.82 3.45
C ILE A 83 4.29 -14.40 2.05
N THR A 84 3.29 -15.26 1.74
CA THR A 84 2.46 -15.23 0.53
C THR A 84 0.98 -15.01 0.99
N PHE A 85 0.17 -14.43 0.09
CA PHE A 85 -1.25 -14.17 0.37
C PHE A 85 -2.08 -14.49 -0.89
N PRO A 86 -3.43 -14.66 -0.78
CA PRO A 86 -4.22 -14.96 -1.98
C PRO A 86 -4.60 -13.72 -2.78
N THR A 87 -4.74 -12.59 -2.06
CA THR A 87 -5.04 -11.32 -2.72
C THR A 87 -4.22 -10.31 -1.97
N LEU A 88 -4.21 -9.10 -2.55
CA LEU A 88 -3.43 -8.13 -1.82
C LEU A 88 -4.20 -7.68 -0.59
N GLN A 89 -5.53 -7.82 -0.53
CA GLN A 89 -6.14 -7.28 0.69
C GLN A 89 -5.75 -8.07 1.95
N ALA A 90 -5.58 -9.39 1.73
CA ALA A 90 -5.17 -10.27 2.82
C ALA A 90 -3.67 -10.05 3.17
N LEU A 91 -2.98 -9.42 2.21
CA LEU A 91 -1.58 -9.06 2.38
C LEU A 91 -1.50 -7.81 3.28
N VAL A 92 -2.39 -6.87 2.96
CA VAL A 92 -2.45 -5.56 3.61
C VAL A 92 -2.99 -5.68 5.06
N GLN A 93 -3.94 -6.63 5.25
CA GLN A 93 -4.61 -6.93 6.52
C GLN A 93 -3.58 -7.43 7.56
N HIS A 94 -2.66 -8.26 7.02
CA HIS A 94 -1.65 -8.86 7.89
C HIS A 94 -0.67 -7.77 8.32
N TYR A 95 -0.26 -6.98 7.30
CA TYR A 95 0.63 -5.86 7.58
C TYR A 95 -0.12 -4.73 8.32
N SER A 96 -1.48 -4.82 8.37
CA SER A 96 -2.20 -3.76 9.09
C SER A 96 -2.17 -4.03 10.62
N LYS A 97 -1.67 -5.22 11.02
CA LYS A 97 -1.63 -5.55 12.45
C LYS A 97 -0.25 -5.46 13.09
N LYS A 98 0.76 -5.57 12.23
CA LYS A 98 2.13 -5.48 12.71
C LYS A 98 3.05 -5.05 11.55
N GLY A 99 4.36 -5.17 11.84
CA GLY A 99 5.42 -4.82 10.93
C GLY A 99 6.38 -5.97 11.05
N ASP A 100 6.00 -7.01 10.28
CA ASP A 100 6.72 -8.30 10.29
C ASP A 100 8.07 -8.24 9.60
N GLY A 101 7.95 -7.73 8.38
CA GLY A 101 9.12 -7.60 7.52
C GLY A 101 8.93 -6.55 6.44
N LEU A 102 8.83 -5.30 6.94
CA LEU A 102 8.68 -4.12 6.10
C LEU A 102 9.44 -2.95 6.76
N CYS A 103 8.70 -2.12 7.52
CA CYS A 103 9.31 -0.97 8.19
C CYS A 103 8.36 -0.42 9.25
N GLN A 104 7.12 -0.21 8.76
CA GLN A 104 6.10 0.32 9.60
C GLN A 104 4.82 -0.25 9.03
N LYS A 105 4.07 -0.74 10.01
CA LYS A 105 2.77 -1.31 9.77
C LYS A 105 1.84 -0.19 9.32
N LEU A 106 0.67 -0.63 8.88
CA LEU A 106 -0.32 0.31 8.38
C LEU A 106 -1.06 0.98 9.55
N THR A 107 -0.98 2.33 9.52
CA THR A 107 -1.61 3.10 10.58
C THR A 107 -2.89 3.74 10.04
N LEU A 108 -2.65 4.61 9.06
CA LEU A 108 -3.71 5.34 8.40
C LEU A 108 -3.42 5.39 6.90
N PRO A 109 -4.03 4.48 6.11
CA PRO A 109 -3.83 4.41 4.66
C PRO A 109 -4.32 5.71 4.00
N CYS A 110 -3.36 6.64 3.91
CA CYS A 110 -3.47 7.98 3.32
C CYS A 110 -4.88 8.57 3.45
N VAL A 111 -5.10 9.54 4.35
CA VAL A 111 -6.48 10.04 4.42
C VAL A 111 -6.71 10.90 3.17
N ASN A 112 -7.92 10.71 2.60
CA ASN A 112 -8.30 11.43 1.38
C ASN A 112 -8.14 12.96 1.60
N LEU A 113 -8.04 13.67 0.47
CA LEU A 113 -7.86 15.11 0.54
C LEU A 113 -9.17 15.80 0.99
N ALA A 114 -9.07 16.41 2.20
CA ALA A 114 -10.21 17.11 2.78
C ALA A 114 -9.74 17.98 3.97
N GLY A 1 -15.19 14.92 18.50
CA GLY A 1 -15.44 14.34 17.18
C GLY A 1 -14.67 13.04 16.95
N SER A 2 -15.13 12.03 17.70
CA SER A 2 -14.55 10.70 17.64
C SER A 2 -14.92 10.03 16.31
N VAL A 3 -16.23 9.67 16.21
CA VAL A 3 -16.74 9.02 15.01
C VAL A 3 -15.99 7.70 14.76
N ALA A 4 -16.33 6.71 15.63
CA ALA A 4 -15.70 5.40 15.51
C ALA A 4 -16.12 4.71 14.20
N PRO A 5 -17.45 4.37 14.05
CA PRO A 5 -17.93 3.75 12.81
C PRO A 5 -17.75 4.69 11.61
N VAL A 6 -18.29 4.22 10.47
CA VAL A 6 -18.22 4.99 9.23
C VAL A 6 -16.74 5.15 8.81
N GLU A 7 -16.19 4.03 8.35
CA GLU A 7 -14.79 4.05 7.94
C GLU A 7 -14.46 2.86 7.02
N THR A 8 -13.49 3.14 6.12
CA THR A 8 -12.99 2.15 5.15
C THR A 8 -14.13 1.43 4.42
N LEU A 9 -14.51 2.02 3.27
CA LEU A 9 -15.60 1.42 2.51
C LEU A 9 -15.19 1.34 1.05
N GLU A 10 -14.15 0.50 0.84
CA GLU A 10 -13.60 0.30 -0.50
C GLU A 10 -13.03 1.64 -0.99
N VAL A 11 -12.39 1.59 -2.18
CA VAL A 11 -11.83 2.78 -2.84
C VAL A 11 -11.08 3.74 -1.87
N GLU A 12 -10.47 3.11 -0.85
CA GLU A 12 -9.73 3.80 0.18
C GLU A 12 -8.39 4.18 -0.39
N LYS A 13 -7.80 5.17 0.32
CA LYS A 13 -6.48 5.67 -0.02
C LYS A 13 -5.35 4.68 0.28
N TRP A 14 -5.53 3.48 -0.27
CA TRP A 14 -4.56 2.42 -0.14
C TRP A 14 -4.56 1.65 -1.48
N PHE A 15 -5.75 1.26 -2.00
CA PHE A 15 -5.76 0.55 -3.30
C PHE A 15 -5.80 1.59 -4.46
N PHE A 16 -4.58 2.02 -4.87
CA PHE A 16 -4.41 3.00 -5.95
C PHE A 16 -4.07 2.27 -7.29
N ARG A 17 -4.31 2.99 -8.41
CA ARG A 17 -4.04 2.46 -9.76
C ARG A 17 -2.54 2.62 -10.13
N THR A 18 -2.25 2.80 -11.43
CA THR A 18 -0.88 2.98 -11.90
C THR A 18 -0.57 4.47 -11.99
N ILE A 19 -0.57 5.08 -10.78
CA ILE A 19 -0.20 6.49 -10.72
C ILE A 19 1.31 6.57 -10.96
N SER A 20 1.75 7.77 -11.35
CA SER A 20 3.19 7.96 -11.54
C SER A 20 3.88 7.76 -10.19
N ARG A 21 5.17 7.43 -10.28
CA ARG A 21 5.95 7.17 -9.08
C ARG A 21 5.94 8.41 -8.17
N LYS A 22 6.41 9.50 -8.81
CA LYS A 22 6.47 10.79 -8.15
C LYS A 22 5.12 11.29 -7.72
N ASP A 23 4.07 10.71 -8.37
CA ASP A 23 2.74 11.17 -8.02
C ASP A 23 2.30 10.59 -6.68
N ALA A 24 2.28 9.27 -6.65
CA ALA A 24 1.88 8.52 -5.46
C ALA A 24 2.63 9.02 -4.20
N GLU A 25 3.96 9.18 -4.40
CA GLU A 25 4.82 9.64 -3.32
C GLU A 25 4.43 11.05 -2.88
N ARG A 26 3.91 11.87 -3.84
CA ARG A 26 3.52 13.23 -3.52
C ARG A 26 2.38 13.23 -2.49
N GLN A 27 1.61 12.13 -2.58
CA GLN A 27 0.45 11.96 -1.71
C GLN A 27 0.86 11.58 -0.28
N LEU A 28 1.58 10.45 -0.21
CA LEU A 28 2.00 10.00 1.11
C LEU A 28 2.91 11.01 1.81
N LEU A 29 3.82 11.64 1.03
CA LEU A 29 4.76 12.62 1.57
C LEU A 29 4.09 13.92 2.02
N ALA A 30 2.77 14.01 1.77
CA ALA A 30 2.04 15.19 2.21
C ALA A 30 2.02 15.22 3.75
N PRO A 31 2.11 16.46 4.32
CA PRO A 31 2.07 16.65 5.77
C PRO A 31 0.74 16.26 6.44
N MET A 32 -0.20 15.83 5.58
CA MET A 32 -1.50 15.40 6.03
C MET A 32 -1.43 14.05 6.76
N ASN A 33 -0.40 13.25 6.41
CA ASN A 33 -0.26 12.00 7.16
C ASN A 33 1.25 11.63 7.28
N LYS A 34 1.44 10.35 7.67
CA LYS A 34 2.78 9.81 7.91
C LYS A 34 2.77 8.32 7.70
N ALA A 35 3.81 7.71 8.31
CA ALA A 35 4.08 6.27 8.26
C ALA A 35 2.81 5.45 8.51
N GLY A 36 2.21 4.98 7.39
CA GLY A 36 0.96 4.25 7.51
C GLY A 36 0.01 4.46 6.37
N SER A 37 0.08 5.71 5.90
CA SER A 37 -0.69 6.05 4.71
C SER A 37 -0.02 5.22 3.60
N PHE A 38 -0.90 4.68 2.73
CA PHE A 38 -0.37 3.82 1.66
C PHE A 38 -1.02 4.08 0.29
N LEU A 39 -0.38 3.38 -0.68
CA LEU A 39 -0.85 3.38 -2.07
C LEU A 39 -0.31 2.09 -2.66
N ILE A 40 -1.17 1.25 -3.29
CA ILE A 40 -0.52 0.07 -3.77
C ILE A 40 -0.73 0.34 -5.30
N ARG A 41 0.32 0.93 -5.93
CA ARG A 41 0.16 1.30 -7.32
C ARG A 41 0.68 0.14 -8.17
N GLU A 42 0.11 0.06 -9.38
CA GLU A 42 0.49 -1.01 -10.31
C GLU A 42 1.56 -0.58 -11.26
N SER A 43 2.51 -1.50 -11.46
CA SER A 43 3.54 -1.20 -12.44
C SER A 43 2.90 -1.45 -13.81
N GLU A 44 2.68 -0.36 -14.57
CA GLU A 44 2.07 -0.46 -15.88
C GLU A 44 3.06 -0.97 -16.97
N SER A 45 3.79 -2.05 -16.61
CA SER A 45 4.77 -2.62 -17.52
C SER A 45 4.79 -4.16 -17.43
N ASN A 46 4.55 -4.65 -16.19
CA ASN A 46 4.56 -6.09 -15.94
C ASN A 46 3.13 -6.64 -15.90
N LYS A 47 3.11 -7.99 -15.92
CA LYS A 47 1.88 -8.78 -15.85
C LYS A 47 1.13 -8.71 -14.52
N GLY A 48 0.57 -7.51 -14.29
CA GLY A 48 -0.22 -7.39 -13.08
C GLY A 48 0.61 -7.31 -11.80
N ALA A 49 1.80 -6.66 -11.91
CA ALA A 49 2.63 -6.53 -10.68
C ALA A 49 2.29 -5.17 -10.04
N PHE A 50 2.33 -5.20 -8.70
CA PHE A 50 1.97 -4.04 -7.87
C PHE A 50 3.21 -3.60 -7.07
N SER A 51 2.98 -2.44 -6.42
CA SER A 51 3.99 -1.76 -5.62
C SER A 51 3.30 -0.99 -4.50
N LEU A 52 3.78 -1.21 -3.25
CA LEU A 52 3.20 -0.56 -2.07
C LEU A 52 4.17 0.53 -1.57
N SER A 53 3.53 1.71 -1.44
CA SER A 53 4.13 2.95 -0.99
C SER A 53 3.72 3.18 0.45
N VAL A 54 4.72 3.45 1.28
CA VAL A 54 4.42 3.72 2.69
C VAL A 54 5.31 4.87 3.06
N LYS A 55 4.84 5.72 3.99
CA LYS A 55 5.78 6.78 4.29
C LYS A 55 6.87 6.29 5.27
N ASP A 56 8.16 6.38 4.84
CA ASP A 56 9.17 5.94 5.81
C ASP A 56 9.81 7.20 6.37
N ILE A 57 9.74 7.18 7.71
CA ILE A 57 10.25 8.26 8.53
C ILE A 57 11.51 7.80 9.28
N THR A 58 12.55 8.64 9.10
CA THR A 58 13.85 8.42 9.74
C THR A 58 14.34 9.74 10.33
N THR A 59 15.37 9.60 11.19
CA THR A 59 15.99 10.76 11.83
C THR A 59 16.70 11.65 10.77
N GLN A 60 16.73 11.13 9.48
CA GLN A 60 17.41 11.89 8.42
C GLN A 60 16.34 12.74 7.68
N GLY A 61 15.49 12.05 6.91
CA GLY A 61 14.46 12.74 6.12
C GLY A 61 13.20 11.90 5.98
N GLU A 62 12.10 12.63 5.69
CA GLU A 62 10.80 12.01 5.49
C GLU A 62 10.71 11.55 4.02
N VAL A 63 10.47 10.24 3.86
CA VAL A 63 10.40 9.61 2.55
C VAL A 63 9.21 8.65 2.47
N VAL A 64 9.14 7.95 1.31
CA VAL A 64 8.15 6.89 1.09
C VAL A 64 8.95 5.59 1.09
N LYS A 65 8.32 4.51 0.63
CA LYS A 65 8.94 3.20 0.46
C LYS A 65 8.37 2.54 -0.78
N HIS A 66 9.04 1.45 -1.22
CA HIS A 66 8.53 0.74 -2.39
C HIS A 66 8.72 -0.77 -2.17
N TYR A 67 7.62 -1.43 -1.79
CA TYR A 67 7.60 -2.87 -1.55
C TYR A 67 6.79 -3.45 -2.70
N LYS A 68 7.58 -3.95 -3.65
CA LYS A 68 7.02 -4.50 -4.86
C LYS A 68 6.42 -5.88 -4.60
N ILE A 69 5.10 -5.94 -4.84
CA ILE A 69 4.35 -7.18 -4.77
C ILE A 69 4.38 -7.84 -6.14
N ARG A 70 4.73 -9.12 -6.07
CA ARG A 70 4.80 -9.95 -7.26
C ARG A 70 3.48 -10.67 -7.33
N SER A 71 3.01 -10.88 -8.57
CA SER A 71 1.72 -11.52 -8.78
C SER A 71 1.97 -12.90 -9.36
N LEU A 72 1.64 -13.88 -8.49
CA LEU A 72 1.80 -15.29 -8.81
C LEU A 72 0.49 -15.87 -9.30
N ASP A 73 0.68 -16.79 -10.25
CA ASP A 73 -0.48 -17.48 -10.84
C ASP A 73 -1.24 -18.34 -9.82
N ASN A 74 -0.47 -18.77 -8.79
CA ASN A 74 -1.03 -19.62 -7.76
C ASN A 74 -0.46 -19.26 -6.37
N GLY A 75 -0.35 -17.93 -6.21
CA GLY A 75 0.17 -17.40 -4.95
C GLY A 75 -0.25 -15.97 -4.65
N GLY A 76 -1.17 -15.44 -5.46
CA GLY A 76 -1.69 -14.10 -5.31
C GLY A 76 -0.63 -13.01 -5.37
N TYR A 77 -0.13 -12.69 -4.16
CA TYR A 77 0.86 -11.64 -4.01
C TYR A 77 1.84 -12.07 -2.93
N TYR A 78 3.09 -11.65 -3.18
CA TYR A 78 4.17 -11.99 -2.23
C TYR A 78 5.28 -10.93 -2.30
N ILE A 79 5.75 -10.61 -1.07
CA ILE A 79 6.85 -9.62 -0.92
C ILE A 79 8.10 -10.27 -0.36
N SER A 80 7.82 -11.04 0.70
CA SER A 80 8.87 -11.79 1.35
C SER A 80 8.40 -13.21 1.07
N PRO A 81 9.29 -14.04 0.45
CA PRO A 81 8.93 -15.40 0.08
C PRO A 81 8.58 -16.35 1.23
N ARG A 82 8.68 -15.80 2.46
CA ARG A 82 8.33 -16.58 3.65
C ARG A 82 6.81 -16.40 3.98
N ILE A 83 6.19 -15.41 3.28
CA ILE A 83 4.81 -14.98 3.42
C ILE A 83 4.19 -14.42 2.08
N THR A 84 3.20 -15.25 1.68
CA THR A 84 2.41 -15.03 0.47
C THR A 84 0.91 -14.83 0.91
N PHE A 85 0.14 -14.17 0.00
CA PHE A 85 -1.28 -13.86 0.23
C PHE A 85 -2.06 -14.06 -1.09
N PRO A 86 -3.42 -14.04 -1.05
CA PRO A 86 -4.22 -14.20 -2.29
C PRO A 86 -4.42 -12.84 -3.00
N THR A 87 -4.68 -11.80 -2.20
CA THR A 87 -4.87 -10.46 -2.74
C THR A 87 -4.03 -9.55 -1.86
N LEU A 88 -3.93 -8.30 -2.33
CA LEU A 88 -3.16 -7.39 -1.53
C LEU A 88 -3.96 -7.06 -0.30
N GLN A 89 -5.30 -7.16 -0.32
CA GLN A 89 -5.97 -6.75 0.93
C GLN A 89 -5.69 -7.74 2.10
N ALA A 90 -5.60 -9.03 1.70
CA ALA A 90 -5.31 -10.08 2.69
C ALA A 90 -3.83 -10.00 3.12
N LEU A 91 -3.04 -9.31 2.28
CA LEU A 91 -1.63 -9.07 2.54
C LEU A 91 -1.50 -7.93 3.57
N VAL A 92 -2.29 -6.87 3.30
CA VAL A 92 -2.23 -5.66 4.09
C VAL A 92 -2.80 -5.91 5.50
N GLN A 93 -3.77 -6.84 5.58
CA GLN A 93 -4.46 -7.22 6.81
C GLN A 93 -3.41 -7.82 7.78
N HIS A 94 -2.51 -8.66 7.17
CA HIS A 94 -1.52 -9.37 7.98
C HIS A 94 -0.48 -8.37 8.49
N TYR A 95 -0.03 -7.54 7.52
CA TYR A 95 0.93 -6.51 7.90
C TYR A 95 0.24 -5.39 8.71
N SER A 96 -1.13 -5.46 8.76
CA SER A 96 -1.85 -4.44 9.54
C SER A 96 -1.80 -4.74 11.03
N LYS A 97 -1.22 -5.91 11.39
CA LYS A 97 -1.13 -6.24 12.80
C LYS A 97 0.24 -6.16 13.38
N LYS A 98 1.22 -6.31 12.51
CA LYS A 98 2.57 -6.27 13.01
C LYS A 98 3.46 -5.89 11.87
N GLY A 99 4.70 -5.53 12.24
CA GLY A 99 5.68 -5.14 11.23
C GLY A 99 5.95 -6.28 10.26
N ASP A 100 6.46 -7.38 10.84
CA ASP A 100 6.77 -8.56 10.05
C ASP A 100 7.85 -8.26 8.99
N GLY A 101 9.01 -7.86 9.54
CA GLY A 101 10.15 -7.52 8.70
C GLY A 101 9.99 -6.25 7.85
N LEU A 102 8.81 -5.60 7.98
CA LEU A 102 8.58 -4.40 7.23
C LEU A 102 9.06 -3.19 8.04
N CYS A 103 9.38 -2.14 7.27
CA CYS A 103 9.77 -0.85 7.86
C CYS A 103 8.47 -0.18 8.36
N GLN A 104 8.05 -0.67 9.53
CA GLN A 104 6.84 -0.23 10.20
C GLN A 104 5.68 -0.87 9.46
N LYS A 105 4.85 -1.42 10.35
CA LYS A 105 3.67 -2.14 9.95
C LYS A 105 2.70 -1.15 9.32
N LEU A 106 1.76 -1.77 8.63
CA LEU A 106 0.75 -1.01 7.88
C LEU A 106 -0.30 -0.46 8.87
N THR A 107 -0.35 0.90 8.93
CA THR A 107 -1.25 1.53 9.91
C THR A 107 -2.53 2.08 9.24
N LEU A 108 -2.50 3.32 8.67
CA LEU A 108 -3.79 3.79 8.12
C LEU A 108 -3.56 4.52 6.82
N PRO A 109 -4.43 4.29 5.79
CA PRO A 109 -4.26 4.96 4.49
C PRO A 109 -4.29 6.51 4.58
N CYS A 110 -3.95 7.13 3.43
CA CYS A 110 -3.89 8.60 3.37
C CYS A 110 -5.31 9.21 3.48
N VAL A 111 -5.32 10.53 3.77
CA VAL A 111 -6.58 11.24 3.87
C VAL A 111 -7.07 11.52 2.45
N ASN A 112 -8.38 11.28 2.27
CA ASN A 112 -8.97 11.56 0.96
C ASN A 112 -9.32 13.06 0.89
N LEU A 113 -9.32 13.56 -0.36
CA LEU A 113 -9.66 14.97 -0.57
C LEU A 113 -11.20 15.16 -0.53
N ALA A 114 -11.58 16.30 0.08
CA ALA A 114 -12.99 16.64 0.20
C ALA A 114 -13.14 18.14 0.54
N GLY A 1 -20.00 -2.80 9.48
CA GLY A 1 -21.02 -1.88 9.98
C GLY A 1 -21.45 -0.84 8.96
N SER A 2 -20.45 0.00 8.60
CA SER A 2 -20.67 1.05 7.61
C SER A 2 -20.75 0.43 6.21
N VAL A 3 -21.35 1.21 5.30
CA VAL A 3 -21.50 0.74 3.93
C VAL A 3 -20.11 0.62 3.27
N ALA A 4 -19.89 -0.57 2.66
CA ALA A 4 -18.62 -0.85 2.00
C ALA A 4 -18.58 -2.31 1.50
N PRO A 5 -18.74 -3.30 2.42
CA PRO A 5 -18.69 -4.70 2.01
C PRO A 5 -19.82 -5.08 1.04
N VAL A 6 -21.04 -4.68 1.46
CA VAL A 6 -22.23 -4.95 0.66
C VAL A 6 -22.18 -4.14 -0.66
N GLU A 7 -22.54 -2.84 -0.51
CA GLU A 7 -22.56 -1.91 -1.63
C GLU A 7 -21.25 -1.12 -1.66
N THR A 8 -20.99 -0.57 -2.86
CA THR A 8 -19.75 0.17 -3.09
C THR A 8 -18.54 -0.78 -3.11
N LEU A 9 -17.59 -0.45 -3.99
CA LEU A 9 -16.39 -1.28 -4.05
C LEU A 9 -15.39 -0.75 -2.99
N GLU A 10 -14.84 -1.71 -2.21
CA GLU A 10 -13.86 -1.39 -1.17
C GLU A 10 -12.52 -1.11 -1.86
N VAL A 11 -11.97 0.07 -1.53
CA VAL A 11 -10.71 0.51 -2.12
C VAL A 11 -9.88 1.27 -1.09
N GLU A 12 -10.43 2.46 -0.73
CA GLU A 12 -9.77 3.35 0.21
C GLU A 12 -8.43 3.77 -0.39
N LYS A 13 -7.83 4.69 0.38
CA LYS A 13 -6.52 5.22 0.08
C LYS A 13 -5.41 4.22 0.36
N TRP A 14 -5.58 3.00 -0.17
CA TRP A 14 -4.59 1.95 -0.03
C TRP A 14 -4.56 1.21 -1.39
N PHE A 15 -5.74 0.72 -1.88
CA PHE A 15 -5.79 0.04 -3.18
C PHE A 15 -5.98 1.06 -4.31
N PHE A 16 -4.83 1.61 -4.76
CA PHE A 16 -4.78 2.62 -5.83
C PHE A 16 -4.40 1.96 -7.17
N ARG A 17 -4.68 2.71 -8.25
CA ARG A 17 -4.37 2.23 -9.61
C ARG A 17 -2.89 2.46 -9.94
N THR A 18 -2.58 2.74 -11.22
CA THR A 18 -1.24 3.00 -11.66
C THR A 18 -1.00 4.50 -11.62
N ILE A 19 -0.99 4.99 -10.35
CA ILE A 19 -0.67 6.38 -10.15
C ILE A 19 0.81 6.50 -10.41
N SER A 20 1.26 7.75 -10.70
CA SER A 20 2.69 7.86 -10.90
C SER A 20 3.40 7.53 -9.58
N ARG A 21 4.68 7.22 -9.77
CA ARG A 21 5.51 6.85 -8.63
C ARG A 21 5.58 8.01 -7.64
N LYS A 22 6.04 9.15 -8.21
CA LYS A 22 6.13 10.36 -7.40
C LYS A 22 4.79 10.84 -6.86
N ASP A 23 3.70 10.30 -7.46
CA ASP A 23 2.39 10.74 -7.09
C ASP A 23 1.98 10.12 -5.75
N ALA A 24 1.95 8.79 -5.78
CA ALA A 24 1.63 8.02 -4.58
C ALA A 24 2.54 8.47 -3.41
N GLU A 25 3.78 8.80 -3.81
CA GLU A 25 4.78 9.31 -2.91
C GLU A 25 4.39 10.71 -2.37
N ARG A 26 3.87 11.58 -3.27
CA ARG A 26 3.50 12.95 -2.89
C ARG A 26 2.37 12.96 -1.86
N GLN A 27 1.53 11.92 -2.03
CA GLN A 27 0.36 11.74 -1.17
C GLN A 27 0.77 11.23 0.20
N LEU A 28 1.57 10.13 0.19
CA LEU A 28 2.01 9.59 1.45
C LEU A 28 2.87 10.61 2.24
N LEU A 29 3.73 11.34 1.49
CA LEU A 29 4.64 12.34 2.05
C LEU A 29 3.91 13.57 2.61
N ALA A 30 2.57 13.57 2.49
CA ALA A 30 1.79 14.68 3.01
C ALA A 30 1.94 14.73 4.54
N PRO A 31 1.94 15.98 5.10
CA PRO A 31 2.09 16.13 6.54
C PRO A 31 0.88 15.67 7.36
N MET A 32 -0.21 15.33 6.65
CA MET A 32 -1.39 14.82 7.28
C MET A 32 -1.19 13.38 7.73
N ASN A 33 -0.48 12.64 6.86
CA ASN A 33 -0.11 11.28 7.13
C ASN A 33 1.41 11.05 7.42
N LYS A 34 1.69 9.80 7.87
CA LYS A 34 3.05 9.35 8.16
C LYS A 34 3.16 7.82 7.97
N ALA A 35 4.28 7.29 8.50
CA ALA A 35 4.60 5.85 8.47
C ALA A 35 3.35 5.01 8.82
N GLY A 36 2.83 4.33 7.77
CA GLY A 36 1.62 3.53 7.91
C GLY A 36 0.67 3.74 6.74
N SER A 37 0.59 5.01 6.29
CA SER A 37 -0.17 5.31 5.08
C SER A 37 0.61 4.61 3.95
N PHE A 38 -0.22 3.90 3.14
CA PHE A 38 0.32 3.14 2.02
C PHE A 38 -0.56 3.46 0.76
N LEU A 39 -0.01 2.95 -0.37
CA LEU A 39 -0.47 3.01 -1.75
C LEU A 39 0.00 1.78 -2.45
N ILE A 40 -0.93 1.06 -3.12
CA ILE A 40 -0.41 -0.14 -3.78
C ILE A 40 -0.68 0.24 -5.26
N ARG A 41 0.35 0.76 -5.96
CA ARG A 41 0.05 1.17 -7.33
C ARG A 41 0.38 -0.01 -8.24
N GLU A 42 -0.22 0.01 -9.44
CA GLU A 42 0.02 -1.09 -10.37
C GLU A 42 1.14 -0.76 -11.34
N SER A 43 2.00 -1.75 -11.68
CA SER A 43 3.04 -1.37 -12.66
C SER A 43 2.27 -1.36 -14.03
N GLU A 44 2.24 -0.21 -14.71
CA GLU A 44 1.49 -0.14 -15.97
C GLU A 44 2.12 -0.91 -17.15
N SER A 45 3.18 -1.70 -16.85
CA SER A 45 3.88 -2.46 -17.88
C SER A 45 4.27 -3.85 -17.39
N ASN A 46 3.50 -4.34 -16.40
CA ASN A 46 3.76 -5.64 -15.82
C ASN A 46 2.84 -6.77 -16.26
N LYS A 47 3.33 -7.98 -15.97
CA LYS A 47 2.58 -9.23 -16.09
C LYS A 47 1.52 -9.39 -14.99
N GLY A 48 0.81 -8.30 -14.67
CA GLY A 48 -0.17 -8.37 -13.61
C GLY A 48 0.48 -8.14 -12.23
N ALA A 49 1.54 -7.28 -12.25
CA ALA A 49 2.28 -6.96 -11.01
C ALA A 49 1.76 -5.64 -10.39
N PHE A 50 2.32 -5.32 -9.22
CA PHE A 50 1.97 -4.11 -8.49
C PHE A 50 3.27 -3.61 -7.80
N SER A 51 3.07 -2.55 -7.00
CA SER A 51 4.10 -1.91 -6.20
C SER A 51 3.41 -1.34 -4.94
N LEU A 52 4.21 -0.96 -3.92
CA LEU A 52 3.64 -0.42 -2.69
C LEU A 52 4.61 0.63 -2.05
N SER A 53 4.03 1.84 -1.83
CA SER A 53 4.69 2.99 -1.23
C SER A 53 4.24 3.12 0.24
N VAL A 54 5.20 3.45 1.13
CA VAL A 54 4.89 3.65 2.55
C VAL A 54 5.72 4.82 3.01
N LYS A 55 5.28 5.55 4.03
CA LYS A 55 6.17 6.65 4.38
C LYS A 55 7.31 6.16 5.27
N ASP A 56 8.57 6.46 4.82
CA ASP A 56 9.64 6.05 5.71
C ASP A 56 10.07 7.32 6.43
N ILE A 57 10.63 7.03 7.61
CA ILE A 57 10.99 8.09 8.53
C ILE A 57 12.27 7.69 9.30
N THR A 58 13.28 8.53 9.05
CA THR A 58 14.60 8.40 9.67
C THR A 58 15.05 9.77 10.20
N THR A 59 16.11 9.71 11.02
CA THR A 59 16.75 10.88 11.62
C THR A 59 17.37 11.80 10.52
N GLN A 60 17.31 11.35 9.23
CA GLN A 60 17.89 12.11 8.14
C GLN A 60 16.82 12.97 7.42
N GLY A 61 15.83 12.27 6.85
CA GLY A 61 14.76 12.95 6.15
C GLY A 61 13.54 12.04 5.94
N GLU A 62 12.40 12.72 5.70
CA GLU A 62 11.14 12.06 5.46
C GLU A 62 11.03 11.67 3.98
N VAL A 63 10.80 10.36 3.80
CA VAL A 63 10.69 9.75 2.47
C VAL A 63 9.49 8.79 2.44
N VAL A 64 9.45 8.04 1.30
CA VAL A 64 8.48 6.97 1.09
C VAL A 64 9.31 5.66 1.11
N LYS A 65 8.68 4.59 0.62
CA LYS A 65 9.29 3.28 0.47
C LYS A 65 8.82 2.62 -0.81
N HIS A 66 9.53 1.55 -1.19
CA HIS A 66 9.12 0.80 -2.38
C HIS A 66 9.32 -0.72 -2.13
N TYR A 67 8.17 -1.43 -2.07
CA TYR A 67 8.13 -2.89 -1.87
C TYR A 67 7.47 -3.50 -3.14
N LYS A 68 8.27 -4.36 -3.81
CA LYS A 68 7.87 -5.03 -5.03
C LYS A 68 6.93 -6.23 -4.78
N ILE A 69 5.67 -6.08 -5.25
CA ILE A 69 4.63 -7.11 -5.21
C ILE A 69 4.60 -7.89 -6.53
N ARG A 70 4.90 -9.19 -6.37
CA ARG A 70 4.89 -10.10 -7.50
C ARG A 70 3.60 -10.90 -7.48
N SER A 71 3.07 -11.11 -8.70
CA SER A 71 1.84 -11.88 -8.84
C SER A 71 2.22 -13.21 -9.47
N LEU A 72 2.01 -14.21 -8.62
CA LEU A 72 2.31 -15.58 -8.95
C LEU A 72 1.08 -16.24 -9.54
N ASP A 73 1.45 -17.21 -10.39
CA ASP A 73 0.50 -18.01 -11.13
C ASP A 73 -0.44 -18.86 -10.25
N ASN A 74 -0.07 -18.94 -8.95
CA ASN A 74 -0.89 -19.75 -8.05
C ASN A 74 -2.03 -18.95 -7.42
N GLY A 75 -2.03 -17.64 -7.75
CA GLY A 75 -3.08 -16.76 -7.27
C GLY A 75 -2.77 -16.18 -5.89
N GLY A 76 -1.77 -15.29 -5.92
CA GLY A 76 -1.24 -14.56 -4.81
C GLY A 76 -0.32 -13.41 -5.22
N TYR A 77 0.18 -12.82 -4.11
CA TYR A 77 1.06 -11.69 -4.08
C TYR A 77 2.05 -11.97 -2.96
N TYR A 78 3.29 -11.54 -3.24
CA TYR A 78 4.38 -11.81 -2.27
C TYR A 78 5.43 -10.71 -2.36
N ILE A 79 5.92 -10.38 -1.13
CA ILE A 79 6.95 -9.32 -1.06
C ILE A 79 8.22 -9.89 -0.43
N SER A 80 7.96 -10.62 0.66
CA SER A 80 9.01 -11.29 1.38
C SER A 80 8.60 -12.74 1.12
N PRO A 81 9.55 -13.55 0.59
CA PRO A 81 9.22 -14.92 0.25
C PRO A 81 8.89 -15.82 1.45
N ARG A 82 8.96 -15.19 2.64
CA ARG A 82 8.62 -15.90 3.86
C ARG A 82 7.09 -15.82 4.14
N ILE A 83 6.42 -14.93 3.35
CA ILE A 83 4.98 -14.62 3.41
C ILE A 83 4.35 -14.17 2.05
N THR A 84 3.41 -15.08 1.67
CA THR A 84 2.58 -14.96 0.47
C THR A 84 1.10 -14.80 0.92
N PHE A 85 0.31 -14.18 0.03
CA PHE A 85 -1.14 -13.98 0.25
C PHE A 85 -1.87 -14.22 -1.10
N PRO A 86 -3.23 -14.25 -1.13
CA PRO A 86 -3.95 -14.48 -2.42
C PRO A 86 -4.37 -13.16 -3.09
N THR A 87 -4.55 -12.10 -2.29
CA THR A 87 -4.88 -10.80 -2.85
C THR A 87 -4.17 -9.78 -1.97
N LEU A 88 -4.17 -8.55 -2.47
CA LEU A 88 -3.49 -7.54 -1.69
C LEU A 88 -4.32 -7.17 -0.48
N GLN A 89 -5.63 -7.52 -0.48
CA GLN A 89 -6.36 -7.15 0.75
C GLN A 89 -5.86 -7.96 1.94
N ALA A 90 -5.56 -9.25 1.67
CA ALA A 90 -5.10 -10.13 2.74
C ALA A 90 -3.62 -9.89 3.08
N LEU A 91 -2.91 -9.34 2.07
CA LEU A 91 -1.52 -9.01 2.27
C LEU A 91 -1.39 -7.77 3.14
N VAL A 92 -2.28 -6.83 2.81
CA VAL A 92 -2.29 -5.54 3.47
C VAL A 92 -2.87 -5.66 4.91
N GLN A 93 -3.87 -6.57 5.04
CA GLN A 93 -4.56 -6.85 6.30
C GLN A 93 -3.60 -7.37 7.36
N HIS A 94 -2.73 -8.28 6.87
CA HIS A 94 -1.79 -8.91 7.78
C HIS A 94 -0.78 -7.84 8.23
N TYR A 95 -0.39 -7.04 7.20
CA TYR A 95 0.51 -5.93 7.46
C TYR A 95 -0.23 -4.80 8.22
N SER A 96 -1.61 -4.89 8.34
CA SER A 96 -2.31 -3.82 9.07
C SER A 96 -2.14 -4.06 10.60
N LYS A 97 -1.52 -5.20 11.01
CA LYS A 97 -1.37 -5.30 12.47
C LYS A 97 0.06 -5.13 12.93
N LYS A 98 1.01 -5.50 12.08
CA LYS A 98 2.40 -5.32 12.42
C LYS A 98 3.21 -5.29 11.12
N GLY A 99 4.47 -4.83 11.26
CA GLY A 99 5.33 -4.76 10.09
C GLY A 99 5.68 -6.17 9.61
N ASP A 100 6.18 -7.01 10.54
CA ASP A 100 6.52 -8.41 10.19
C ASP A 100 7.51 -8.52 9.00
N GLY A 101 8.21 -7.41 8.74
CA GLY A 101 9.12 -7.43 7.61
C GLY A 101 9.33 -6.03 7.06
N LEU A 102 8.21 -5.27 7.03
CA LEU A 102 8.35 -3.94 6.45
C LEU A 102 8.69 -2.85 7.49
N CYS A 103 8.84 -3.30 8.76
CA CYS A 103 9.14 -2.44 9.90
C CYS A 103 8.14 -1.25 10.08
N GLN A 104 7.07 -1.21 9.25
CA GLN A 104 6.10 -0.14 9.31
C GLN A 104 4.77 -0.68 8.84
N LYS A 105 4.04 -1.09 9.88
CA LYS A 105 2.71 -1.62 9.73
C LYS A 105 1.81 -0.45 9.30
N LEU A 106 0.62 -0.83 8.85
CA LEU A 106 -0.36 0.14 8.38
C LEU A 106 -1.11 0.78 9.55
N THR A 107 -1.08 2.12 9.50
CA THR A 107 -1.74 2.92 10.53
C THR A 107 -3.03 3.51 9.96
N LEU A 108 -2.82 4.45 9.05
CA LEU A 108 -3.92 5.13 8.38
C LEU A 108 -3.51 5.31 6.94
N PRO A 109 -4.33 4.85 5.94
CA PRO A 109 -3.96 5.02 4.53
C PRO A 109 -3.87 6.54 4.18
N CYS A 110 -3.83 6.85 2.87
CA CYS A 110 -3.72 8.28 2.49
C CYS A 110 -5.03 9.05 2.78
N VAL A 111 -4.89 10.38 2.87
CA VAL A 111 -6.05 11.22 3.11
C VAL A 111 -6.82 11.36 1.79
N ASN A 112 -8.17 11.40 1.92
CA ASN A 112 -9.01 11.56 0.75
C ASN A 112 -8.63 12.80 -0.08
N LEU A 113 -9.11 13.97 0.39
CA LEU A 113 -8.81 15.25 -0.25
C LEU A 113 -9.24 15.25 -1.72
N ALA A 114 -10.41 15.86 -1.97
CA ALA A 114 -10.94 15.91 -3.33
C ALA A 114 -11.51 14.53 -3.77
N GLY A 1 -17.90 -8.45 2.71
CA GLY A 1 -19.01 -9.40 2.69
C GLY A 1 -20.15 -8.96 1.79
N SER A 2 -20.76 -7.83 2.18
CA SER A 2 -21.86 -7.23 1.42
C SER A 2 -23.08 -8.17 1.42
N VAL A 3 -23.92 -8.02 2.47
CA VAL A 3 -25.10 -8.86 2.56
C VAL A 3 -26.08 -8.54 1.41
N ALA A 4 -26.69 -7.35 1.55
CA ALA A 4 -27.64 -6.91 0.54
C ALA A 4 -26.86 -6.35 -0.66
N PRO A 5 -27.55 -6.33 -1.84
CA PRO A 5 -26.95 -5.81 -3.06
C PRO A 5 -26.64 -4.31 -2.93
N VAL A 6 -25.34 -4.04 -2.68
CA VAL A 6 -24.92 -2.65 -2.51
C VAL A 6 -23.40 -2.56 -2.66
N GLU A 7 -22.95 -2.73 -3.92
CA GLU A 7 -21.51 -2.65 -4.20
C GLU A 7 -20.73 -3.75 -3.42
N THR A 8 -19.41 -3.79 -3.71
CA THR A 8 -18.54 -4.78 -3.06
C THR A 8 -17.06 -4.39 -3.18
N LEU A 9 -16.81 -3.12 -2.79
CA LEU A 9 -15.45 -2.59 -2.86
C LEU A 9 -15.40 -1.16 -2.28
N GLU A 10 -14.85 -1.10 -1.06
CA GLU A 10 -14.71 0.17 -0.35
C GLU A 10 -13.34 0.23 0.32
N VAL A 11 -12.32 0.20 -0.58
CA VAL A 11 -10.94 0.27 -0.13
C VAL A 11 -10.45 1.71 -0.26
N GLU A 12 -9.90 2.03 -1.46
CA GLU A 12 -9.38 3.36 -1.74
C GLU A 12 -8.18 3.62 -0.82
N LYS A 13 -7.32 4.53 -1.33
CA LYS A 13 -6.14 5.01 -0.64
C LYS A 13 -5.04 4.03 -0.75
N TRP A 14 -5.32 2.83 -0.21
CA TRP A 14 -4.28 1.85 -0.26
C TRP A 14 -4.37 1.19 -1.63
N PHE A 15 -5.62 1.00 -2.14
CA PHE A 15 -5.75 0.43 -3.49
C PHE A 15 -5.78 1.58 -4.53
N PHE A 16 -4.58 2.08 -4.88
CA PHE A 16 -4.47 3.17 -5.88
C PHE A 16 -4.11 2.54 -7.25
N ARG A 17 -4.42 3.27 -8.33
CA ARG A 17 -4.10 2.79 -9.69
C ARG A 17 -2.63 2.94 -10.02
N THR A 18 -2.31 3.04 -11.32
CA THR A 18 -0.92 3.23 -11.68
C THR A 18 -0.67 4.73 -11.83
N ILE A 19 -0.64 5.36 -10.64
CA ILE A 19 -0.32 6.76 -10.60
C ILE A 19 1.18 6.88 -10.85
N SER A 20 1.61 8.11 -11.20
CA SER A 20 3.06 8.27 -11.42
C SER A 20 3.76 8.00 -10.07
N ARG A 21 5.04 7.68 -10.23
CA ARG A 21 5.85 7.36 -9.07
C ARG A 21 5.87 8.52 -8.08
N LYS A 22 6.36 9.64 -8.65
CA LYS A 22 6.44 10.88 -7.87
C LYS A 22 5.08 11.37 -7.41
N ASP A 23 4.03 10.83 -8.08
CA ASP A 23 2.70 11.28 -7.72
C ASP A 23 2.23 10.65 -6.41
N ALA A 24 2.20 9.32 -6.45
CA ALA A 24 1.78 8.52 -5.29
C ALA A 24 2.53 8.96 -4.02
N GLU A 25 3.84 9.15 -4.20
CA GLU A 25 4.69 9.57 -3.11
C GLU A 25 4.32 10.97 -2.62
N ARG A 26 3.78 11.82 -3.55
CA ARG A 26 3.46 13.19 -3.17
C ARG A 26 2.29 13.19 -2.13
N GLN A 27 1.52 12.09 -2.23
CA GLN A 27 0.36 11.94 -1.34
C GLN A 27 0.77 11.53 0.08
N LEU A 28 1.53 10.43 0.13
CA LEU A 28 2.01 9.94 1.40
C LEU A 28 2.90 10.97 2.12
N LEU A 29 3.81 11.59 1.32
CA LEU A 29 4.73 12.59 1.84
C LEU A 29 4.02 13.89 2.25
N ALA A 30 2.70 13.95 1.99
CA ALA A 30 1.93 15.13 2.38
C ALA A 30 1.92 15.23 3.92
N PRO A 31 1.91 16.48 4.43
CA PRO A 31 1.90 16.72 5.86
C PRO A 31 0.58 16.29 6.57
N MET A 32 -0.38 15.86 5.72
CA MET A 32 -1.65 15.39 6.21
C MET A 32 -1.58 13.99 6.82
N ASN A 33 -0.54 13.24 6.41
CA ASN A 33 -0.38 11.89 6.96
C ASN A 33 1.12 11.57 7.19
N LYS A 34 1.32 10.31 7.67
CA LYS A 34 2.66 9.83 8.00
C LYS A 34 2.74 8.31 7.77
N ALA A 35 3.80 7.70 8.37
CA ALA A 35 4.07 6.27 8.29
C ALA A 35 2.78 5.46 8.58
N GLY A 36 2.19 4.95 7.46
CA GLY A 36 0.94 4.23 7.62
C GLY A 36 -0.02 4.48 6.49
N SER A 37 0.06 5.72 6.02
CA SER A 37 -0.70 6.06 4.83
C SER A 37 -0.03 5.23 3.71
N PHE A 38 -0.90 4.62 2.88
CA PHE A 38 -0.34 3.74 1.84
C PHE A 38 -1.07 4.00 0.50
N LEU A 39 -0.48 3.29 -0.51
CA LEU A 39 -0.94 3.26 -1.89
C LEU A 39 -0.44 1.96 -2.47
N ILE A 40 -1.16 1.36 -3.47
CA ILE A 40 -0.55 0.13 -3.94
C ILE A 40 -0.74 0.37 -5.45
N ARG A 41 0.32 0.95 -6.08
CA ARG A 41 0.12 1.29 -7.47
C ARG A 41 0.59 0.11 -8.32
N GLU A 42 0.00 0.08 -9.52
CA GLU A 42 0.32 -1.01 -10.43
C GLU A 42 1.44 -0.61 -11.35
N SER A 43 2.32 -1.59 -11.60
CA SER A 43 3.39 -1.26 -12.56
C SER A 43 2.69 -1.34 -13.94
N GLU A 44 2.63 -0.18 -14.64
CA GLU A 44 1.99 -0.10 -15.94
C GLU A 44 2.86 -0.70 -17.08
N SER A 45 3.33 -1.92 -16.81
CA SER A 45 4.17 -2.68 -17.73
C SER A 45 3.81 -4.18 -17.65
N ASN A 46 3.54 -4.61 -16.39
CA ASN A 46 3.19 -6.00 -16.10
C ASN A 46 1.68 -6.15 -15.86
N LYS A 47 1.13 -7.21 -16.48
CA LYS A 47 -0.26 -7.58 -16.35
C LYS A 47 -0.67 -8.20 -14.99
N GLY A 48 -0.11 -7.65 -13.90
CA GLY A 48 -0.47 -8.23 -12.61
C GLY A 48 0.45 -7.87 -11.46
N ALA A 49 1.47 -7.02 -11.74
CA ALA A 49 2.39 -6.66 -10.63
C ALA A 49 1.96 -5.30 -10.01
N PHE A 50 2.28 -5.18 -8.69
CA PHE A 50 1.93 -4.01 -7.89
C PHE A 50 3.17 -3.55 -7.07
N SER A 51 2.95 -2.39 -6.42
CA SER A 51 3.96 -1.73 -5.61
C SER A 51 3.31 -0.95 -4.48
N LEU A 52 3.76 -1.20 -3.24
CA LEU A 52 3.20 -0.56 -2.06
C LEU A 52 4.15 0.54 -1.53
N SER A 53 3.52 1.73 -1.42
CA SER A 53 4.16 2.94 -0.95
C SER A 53 3.74 3.15 0.51
N VAL A 54 4.73 3.47 1.36
CA VAL A 54 4.41 3.71 2.77
C VAL A 54 5.27 4.87 3.18
N LYS A 55 4.77 5.71 4.11
CA LYS A 55 5.70 6.81 4.39
C LYS A 55 6.79 6.34 5.39
N ASP A 56 8.06 6.57 4.93
CA ASP A 56 9.12 6.19 5.85
C ASP A 56 9.62 7.51 6.42
N ILE A 57 9.96 7.36 7.70
CA ILE A 57 10.36 8.50 8.49
C ILE A 57 11.50 8.08 9.42
N THR A 58 12.67 8.52 8.94
CA THR A 58 13.96 8.31 9.58
C THR A 58 14.61 9.67 9.82
N THR A 59 15.69 9.61 10.63
CA THR A 59 16.51 10.77 10.93
C THR A 59 17.23 11.35 9.69
N GLN A 60 16.93 10.78 8.50
CA GLN A 60 17.61 11.23 7.28
C GLN A 60 16.61 11.56 6.16
N GLY A 61 15.78 12.56 6.48
CA GLY A 61 14.76 13.03 5.54
C GLY A 61 13.53 12.12 5.52
N GLU A 62 12.38 12.79 5.23
CA GLU A 62 11.11 12.12 5.13
C GLU A 62 10.95 11.58 3.70
N VAL A 63 10.62 10.27 3.65
CA VAL A 63 10.47 9.58 2.37
C VAL A 63 9.22 8.68 2.42
N VAL A 64 9.14 7.85 1.34
CA VAL A 64 8.10 6.84 1.19
C VAL A 64 8.86 5.51 1.28
N LYS A 65 8.21 4.46 0.82
CA LYS A 65 8.74 3.11 0.75
C LYS A 65 8.30 2.48 -0.55
N HIS A 66 8.97 1.36 -0.88
CA HIS A 66 8.60 0.65 -2.08
C HIS A 66 8.73 -0.87 -1.84
N TYR A 67 7.57 -1.48 -1.54
CA TYR A 67 7.50 -2.92 -1.31
C TYR A 67 6.70 -3.46 -2.51
N LYS A 68 7.48 -3.94 -3.48
CA LYS A 68 6.96 -4.47 -4.73
C LYS A 68 6.34 -5.87 -4.54
N ILE A 69 5.04 -5.91 -4.82
CA ILE A 69 4.26 -7.13 -4.78
C ILE A 69 4.24 -7.78 -6.18
N ARG A 70 4.58 -9.08 -6.18
CA ARG A 70 4.57 -9.83 -7.44
C ARG A 70 3.25 -10.56 -7.49
N SER A 71 3.08 -11.28 -8.61
CA SER A 71 1.84 -12.00 -8.80
C SER A 71 2.12 -13.42 -9.24
N LEU A 72 1.75 -14.31 -8.30
CA LEU A 72 1.93 -15.74 -8.48
C LEU A 72 0.64 -16.36 -9.00
N ASP A 73 0.89 -17.38 -9.84
CA ASP A 73 -0.23 -18.10 -10.45
C ASP A 73 -1.08 -18.84 -9.40
N ASN A 74 -0.41 -19.18 -8.29
CA ASN A 74 -1.08 -19.92 -7.23
C ASN A 74 -0.58 -19.46 -5.85
N GLY A 75 -0.44 -18.12 -5.80
CA GLY A 75 0.03 -17.50 -4.56
C GLY A 75 -0.33 -16.03 -4.42
N GLY A 76 -1.19 -15.54 -5.33
CA GLY A 76 -1.65 -14.17 -5.32
C GLY A 76 -0.54 -13.13 -5.42
N TYR A 77 -0.06 -12.74 -4.21
CA TYR A 77 0.98 -11.74 -4.09
C TYR A 77 1.92 -12.13 -2.97
N TYR A 78 3.17 -11.70 -3.18
CA TYR A 78 4.20 -11.99 -2.15
C TYR A 78 5.33 -10.95 -2.18
N ILE A 79 5.78 -10.59 -0.94
CA ILE A 79 6.89 -9.58 -0.89
C ILE A 79 8.11 -10.24 -0.24
N SER A 80 7.82 -10.95 0.87
CA SER A 80 8.83 -11.68 1.60
C SER A 80 8.35 -13.11 1.34
N PRO A 81 9.25 -13.95 0.76
CA PRO A 81 8.86 -15.32 0.39
C PRO A 81 8.49 -16.23 1.56
N ARG A 82 8.63 -15.67 2.78
CA ARG A 82 8.24 -16.42 3.97
C ARG A 82 6.70 -16.30 4.20
N ILE A 83 6.07 -15.39 3.41
CA ILE A 83 4.66 -15.05 3.45
C ILE A 83 4.08 -14.52 2.09
N THR A 84 3.09 -15.33 1.66
CA THR A 84 2.32 -15.11 0.45
C THR A 84 0.84 -14.88 0.85
N PHE A 85 0.09 -14.21 -0.06
CA PHE A 85 -1.32 -13.89 0.18
C PHE A 85 -2.11 -14.05 -1.13
N PRO A 86 -3.46 -14.16 -1.05
CA PRO A 86 -4.28 -14.27 -2.26
C PRO A 86 -4.42 -12.93 -3.01
N THR A 87 -4.58 -11.86 -2.21
CA THR A 87 -4.71 -10.53 -2.82
C THR A 87 -3.98 -9.56 -1.90
N LEU A 88 -3.94 -8.29 -2.38
CA LEU A 88 -3.25 -7.30 -1.58
C LEU A 88 -4.10 -6.94 -0.37
N GLN A 89 -5.41 -7.27 -0.40
CA GLN A 89 -6.14 -6.91 0.81
C GLN A 89 -5.76 -7.77 2.02
N ALA A 90 -5.65 -9.09 1.74
CA ALA A 90 -5.30 -10.02 2.81
C ALA A 90 -3.81 -9.91 3.19
N LEU A 91 -3.05 -9.33 2.25
CA LEU A 91 -1.65 -9.08 2.47
C LEU A 91 -1.47 -7.90 3.40
N VAL A 92 -2.21 -6.84 3.03
CA VAL A 92 -2.10 -5.56 3.74
C VAL A 92 -2.74 -5.66 5.14
N GLN A 93 -3.78 -6.52 5.24
CA GLN A 93 -4.50 -6.78 6.47
C GLN A 93 -3.55 -7.47 7.51
N HIS A 94 -2.74 -8.40 6.92
CA HIS A 94 -1.84 -9.20 7.77
C HIS A 94 -0.73 -8.28 8.31
N TYR A 95 -0.21 -7.48 7.35
CA TYR A 95 0.80 -6.52 7.73
C TYR A 95 0.20 -5.37 8.56
N SER A 96 -1.17 -5.31 8.57
CA SER A 96 -1.78 -4.23 9.36
C SER A 96 -1.80 -4.56 10.84
N LYS A 97 -1.34 -5.78 11.16
CA LYS A 97 -1.33 -6.14 12.58
C LYS A 97 0.03 -6.22 13.19
N LYS A 98 1.00 -6.32 12.29
CA LYS A 98 2.34 -6.43 12.77
C LYS A 98 3.27 -6.06 11.63
N GLY A 99 4.43 -5.51 12.04
CA GLY A 99 5.46 -5.13 11.09
C GLY A 99 5.80 -6.26 10.17
N ASP A 100 6.64 -7.14 10.75
CA ASP A 100 7.06 -8.36 10.08
C ASP A 100 7.94 -8.04 8.86
N GLY A 101 9.15 -7.62 9.26
CA GLY A 101 10.20 -7.25 8.33
C GLY A 101 9.85 -6.05 7.45
N LEU A 102 8.72 -5.37 7.78
CA LEU A 102 8.37 -4.23 6.95
C LEU A 102 8.94 -2.90 7.51
N CYS A 103 9.74 -2.96 8.59
CA CYS A 103 10.36 -1.79 9.27
C CYS A 103 9.34 -1.01 10.13
N GLN A 104 8.16 -0.76 9.52
CA GLN A 104 7.05 -0.06 10.10
C GLN A 104 5.86 -0.75 9.48
N LYS A 105 5.06 -1.23 10.42
CA LYS A 105 3.87 -1.95 10.08
C LYS A 105 2.87 -0.95 9.48
N LEU A 106 1.90 -1.60 8.85
CA LEU A 106 0.84 -0.91 8.15
C LEU A 106 -0.22 -0.37 9.15
N THR A 107 -0.32 0.99 9.21
CA THR A 107 -1.26 1.62 10.16
C THR A 107 -2.53 2.12 9.47
N LEU A 108 -2.52 3.33 8.83
CA LEU A 108 -3.79 3.80 8.26
C LEU A 108 -3.53 4.45 6.92
N PRO A 109 -4.28 4.06 5.83
CA PRO A 109 -4.09 4.62 4.50
C PRO A 109 -4.22 6.18 4.46
N CYS A 110 -3.92 6.72 3.25
CA CYS A 110 -3.91 8.19 3.10
C CYS A 110 -5.31 8.81 3.21
N VAL A 111 -5.30 10.11 3.56
CA VAL A 111 -6.55 10.82 3.71
C VAL A 111 -7.07 11.30 2.34
N ASN A 112 -6.11 11.81 1.52
CA ASN A 112 -6.42 12.34 0.19
C ASN A 112 -7.34 13.58 0.33
N LEU A 113 -6.72 14.69 0.80
CA LEU A 113 -7.47 15.93 1.00
C LEU A 113 -8.59 15.76 2.05
N ALA A 114 -8.26 16.20 3.28
CA ALA A 114 -9.25 16.09 4.35
C ALA A 114 -10.47 17.00 4.08
N GLY A 1 -23.67 2.80 -13.47
CA GLY A 1 -23.66 4.26 -13.47
C GLY A 1 -23.24 4.86 -12.12
N SER A 2 -24.19 4.75 -11.17
CA SER A 2 -23.95 5.27 -9.81
C SER A 2 -23.01 4.31 -9.07
N VAL A 3 -23.59 3.16 -8.68
CA VAL A 3 -22.83 2.11 -7.99
C VAL A 3 -22.11 1.24 -9.02
N ALA A 4 -21.19 0.41 -8.49
CA ALA A 4 -20.44 -0.48 -9.36
C ALA A 4 -19.85 -1.64 -8.52
N PRO A 5 -19.63 -2.80 -9.21
CA PRO A 5 -19.04 -3.98 -8.56
C PRO A 5 -17.62 -3.69 -8.05
N VAL A 6 -17.25 -4.46 -7.01
CA VAL A 6 -15.93 -4.34 -6.39
C VAL A 6 -15.77 -2.96 -5.75
N GLU A 7 -16.47 -2.81 -4.60
CA GLU A 7 -16.43 -1.53 -3.91
C GLU A 7 -17.12 -1.64 -2.53
N THR A 8 -16.34 -2.17 -1.56
CA THR A 8 -16.88 -2.35 -0.23
C THR A 8 -15.79 -2.37 0.85
N LEU A 9 -14.95 -3.42 0.74
CA LEU A 9 -13.86 -3.64 1.68
C LEU A 9 -12.60 -2.87 1.19
N GLU A 10 -12.78 -1.55 1.00
CA GLU A 10 -11.70 -0.70 0.53
C GLU A 10 -11.72 0.60 1.33
N VAL A 11 -12.42 1.63 0.77
CA VAL A 11 -12.60 2.97 1.39
C VAL A 11 -11.31 3.42 2.12
N GLU A 12 -10.24 3.38 1.33
CA GLU A 12 -8.91 3.63 1.86
C GLU A 12 -7.92 3.71 0.71
N LYS A 13 -7.05 4.72 0.89
CA LYS A 13 -5.99 5.05 -0.02
C LYS A 13 -4.91 3.96 -0.10
N TRP A 14 -5.26 2.70 0.26
CA TRP A 14 -4.20 1.70 0.17
C TRP A 14 -4.20 1.16 -1.28
N PHE A 15 -5.41 0.85 -1.81
CA PHE A 15 -5.52 0.41 -3.21
C PHE A 15 -5.68 1.67 -4.09
N PHE A 16 -4.67 2.00 -4.95
CA PHE A 16 -4.85 3.18 -5.82
C PHE A 16 -4.50 2.83 -7.27
N ARG A 17 -4.84 1.58 -7.68
CA ARG A 17 -4.57 1.16 -9.05
C ARG A 17 -3.05 1.18 -9.38
N THR A 18 -2.66 2.26 -10.09
CA THR A 18 -1.34 2.53 -10.65
C THR A 18 -1.10 4.06 -10.77
N ILE A 19 -1.04 4.82 -9.66
CA ILE A 19 -0.76 6.25 -9.86
C ILE A 19 0.73 6.38 -10.25
N SER A 20 1.12 7.57 -10.77
CA SER A 20 2.54 7.71 -11.08
C SER A 20 3.35 7.64 -9.79
N ARG A 21 4.63 7.37 -10.00
CA ARG A 21 5.53 7.22 -8.86
C ARG A 21 5.59 8.49 -8.01
N LYS A 22 5.96 9.58 -8.72
CA LYS A 22 6.09 10.87 -8.02
C LYS A 22 4.80 11.36 -7.37
N ASP A 23 3.68 10.80 -7.88
CA ASP A 23 2.39 11.24 -7.38
C ASP A 23 2.08 10.66 -6.01
N ALA A 24 2.01 9.34 -6.01
CA ALA A 24 1.73 8.58 -4.78
C ALA A 24 2.62 9.00 -3.62
N GLU A 25 3.89 9.30 -3.99
CA GLU A 25 4.82 9.72 -2.97
C GLU A 25 4.38 11.06 -2.36
N ARG A 26 3.82 11.94 -3.22
CA ARG A 26 3.35 13.26 -2.81
C ARG A 26 2.22 13.13 -1.78
N GLN A 27 1.51 11.98 -1.95
CA GLN A 27 0.35 11.68 -1.11
C GLN A 27 0.76 11.25 0.29
N LEU A 28 1.57 10.18 0.33
CA LEU A 28 2.01 9.70 1.63
C LEU A 28 2.82 10.77 2.37
N LEU A 29 3.71 11.46 1.60
CA LEU A 29 4.55 12.51 2.16
C LEU A 29 3.75 13.79 2.53
N ALA A 30 2.44 13.78 2.21
CA ALA A 30 1.57 14.90 2.56
C ALA A 30 1.45 14.99 4.09
N PRO A 31 1.22 16.23 4.60
CA PRO A 31 1.05 16.44 6.03
C PRO A 31 -0.22 15.83 6.64
N MET A 32 -1.05 15.25 5.75
CA MET A 32 -2.28 14.61 6.16
C MET A 32 -2.03 13.26 6.85
N ASN A 33 -0.92 12.61 6.43
CA ASN A 33 -0.58 11.31 7.02
C ASN A 33 0.95 11.12 7.11
N LYS A 34 1.31 9.94 7.68
CA LYS A 34 2.70 9.60 7.91
C LYS A 34 2.89 8.07 7.84
N ALA A 35 4.07 7.63 8.35
CA ALA A 35 4.48 6.23 8.37
C ALA A 35 3.30 5.31 8.75
N GLY A 36 2.89 4.48 7.76
CA GLY A 36 1.77 3.57 7.96
C GLY A 36 0.71 3.74 6.86
N SER A 37 0.56 5.00 6.38
CA SER A 37 -0.27 5.22 5.20
C SER A 37 0.49 4.54 4.06
N PHE A 38 -0.30 3.78 3.25
CA PHE A 38 0.29 3.04 2.14
C PHE A 38 -0.59 3.26 0.88
N LEU A 39 -0.07 2.70 -0.25
CA LEU A 39 -0.73 2.74 -1.57
C LEU A 39 -0.22 1.53 -2.39
N ILE A 40 -0.99 1.03 -3.41
CA ILE A 40 -0.40 -0.12 -4.13
C ILE A 40 -0.70 0.25 -5.63
N ARG A 41 0.39 0.51 -6.39
CA ARG A 41 0.33 0.99 -7.76
C ARG A 41 1.04 -0.05 -8.58
N GLU A 42 0.32 -0.38 -9.66
CA GLU A 42 0.83 -1.39 -10.55
C GLU A 42 1.66 -0.77 -11.65
N SER A 43 2.55 -1.63 -12.18
CA SER A 43 3.28 -1.14 -13.35
C SER A 43 2.17 -1.27 -14.42
N GLU A 44 1.84 -0.16 -15.08
CA GLU A 44 0.73 -0.21 -16.03
C GLU A 44 1.02 -1.01 -17.33
N SER A 45 2.13 -1.79 -17.33
CA SER A 45 2.50 -2.59 -18.49
C SER A 45 3.06 -3.96 -18.09
N ASN A 46 2.82 -4.35 -16.82
CA ASN A 46 3.33 -5.62 -16.30
C ASN A 46 2.30 -6.76 -16.30
N LYS A 47 2.87 -7.94 -16.00
CA LYS A 47 2.12 -9.18 -15.78
C LYS A 47 1.33 -9.21 -14.47
N GLY A 48 0.71 -8.07 -14.10
CA GLY A 48 -0.01 -8.03 -12.85
C GLY A 48 0.92 -7.74 -11.66
N ALA A 49 1.92 -6.86 -11.93
CA ALA A 49 2.86 -6.53 -10.85
C ALA A 49 2.41 -5.23 -10.13
N PHE A 50 2.62 -5.25 -8.80
CA PHE A 50 2.25 -4.12 -7.95
C PHE A 50 3.51 -3.60 -7.25
N SER A 51 3.34 -2.39 -6.66
CA SER A 51 4.38 -1.66 -5.95
C SER A 51 3.70 -0.97 -4.76
N LEU A 52 4.30 -1.15 -3.56
CA LEU A 52 3.71 -0.57 -2.36
C LEU A 52 4.58 0.58 -1.80
N SER A 53 3.88 1.74 -1.66
CA SER A 53 4.47 2.96 -1.15
C SER A 53 4.07 3.12 0.32
N VAL A 54 5.05 3.47 1.15
CA VAL A 54 4.77 3.69 2.57
C VAL A 54 5.60 4.87 2.99
N LYS A 55 5.13 5.64 3.97
CA LYS A 55 6.03 6.74 4.32
C LYS A 55 7.17 6.24 5.24
N ASP A 56 8.44 6.44 4.78
CA ASP A 56 9.54 6.04 5.65
C ASP A 56 10.16 7.33 6.16
N ILE A 57 9.92 7.46 7.47
CA ILE A 57 10.40 8.62 8.19
C ILE A 57 11.56 8.21 9.08
N THR A 58 12.72 8.72 8.63
CA THR A 58 13.98 8.46 9.31
C THR A 58 14.76 9.78 9.52
N THR A 59 15.90 9.63 10.24
CA THR A 59 16.78 10.77 10.52
C THR A 59 17.41 11.34 9.23
N GLN A 60 17.24 10.57 8.12
CA GLN A 60 17.80 10.99 6.83
C GLN A 60 16.74 11.57 5.88
N GLY A 61 15.89 12.45 6.44
CA GLY A 61 14.85 13.08 5.63
C GLY A 61 13.61 12.18 5.53
N GLU A 62 12.51 12.85 5.12
CA GLU A 62 11.22 12.24 4.92
C GLU A 62 11.15 11.66 3.51
N VAL A 63 10.87 10.34 3.49
CA VAL A 63 10.80 9.61 2.24
C VAL A 63 9.58 8.69 2.29
N VAL A 64 9.41 7.98 1.16
CA VAL A 64 8.38 6.95 0.98
C VAL A 64 9.18 5.65 1.01
N LYS A 65 8.52 4.58 0.55
CA LYS A 65 9.11 3.26 0.42
C LYS A 65 8.62 2.63 -0.86
N HIS A 66 9.34 1.59 -1.31
CA HIS A 66 8.95 0.90 -2.52
C HIS A 66 9.23 -0.62 -2.34
N TYR A 67 8.15 -1.39 -2.09
CA TYR A 67 8.26 -2.85 -1.92
C TYR A 67 7.59 -3.49 -3.17
N LYS A 68 8.45 -4.20 -3.92
CA LYS A 68 8.07 -4.88 -5.18
C LYS A 68 7.28 -6.20 -4.98
N ILE A 69 5.97 -6.06 -5.23
CA ILE A 69 5.01 -7.18 -5.18
C ILE A 69 4.83 -7.82 -6.57
N ARG A 70 5.01 -9.14 -6.56
CA ARG A 70 4.84 -9.96 -7.74
C ARG A 70 3.46 -10.57 -7.72
N SER A 71 3.13 -11.23 -8.85
CA SER A 71 1.86 -11.87 -9.03
C SER A 71 2.10 -13.24 -9.63
N LEU A 72 1.86 -14.23 -8.75
CA LEU A 72 2.04 -15.62 -9.06
C LEU A 72 0.74 -16.24 -9.54
N ASP A 73 0.97 -17.30 -10.32
CA ASP A 73 -0.13 -18.04 -10.91
C ASP A 73 -1.01 -18.73 -9.86
N ASN A 74 -0.33 -19.14 -8.77
CA ASN A 74 -1.00 -19.84 -7.69
C ASN A 74 -0.41 -19.45 -6.33
N GLY A 75 -0.19 -18.12 -6.27
CA GLY A 75 0.38 -17.54 -5.06
C GLY A 75 -0.28 -16.24 -4.61
N GLY A 76 -0.73 -15.50 -5.63
CA GLY A 76 -1.36 -14.21 -5.46
C GLY A 76 -0.35 -13.07 -5.54
N TYR A 77 0.20 -12.75 -4.34
CA TYR A 77 1.15 -11.67 -4.21
C TYR A 77 2.14 -12.12 -3.16
N TYR A 78 3.39 -11.70 -3.42
CA TYR A 78 4.47 -12.09 -2.49
C TYR A 78 5.60 -11.06 -2.51
N ILE A 79 5.98 -10.63 -1.27
CA ILE A 79 7.08 -9.63 -1.22
C ILE A 79 8.30 -10.29 -0.58
N SER A 80 7.98 -11.04 0.49
CA SER A 80 9.00 -11.79 1.19
C SER A 80 8.48 -13.22 1.01
N PRO A 81 9.37 -14.13 0.52
CA PRO A 81 8.96 -15.51 0.24
C PRO A 81 8.57 -16.33 1.47
N ARG A 82 8.70 -15.69 2.65
CA ARG A 82 8.29 -16.40 3.85
C ARG A 82 6.77 -16.22 4.08
N ILE A 83 6.20 -15.23 3.33
CA ILE A 83 4.80 -14.83 3.41
C ILE A 83 4.21 -14.29 2.04
N THR A 84 3.22 -15.14 1.66
CA THR A 84 2.46 -14.97 0.44
C THR A 84 0.96 -14.85 0.82
N PHE A 85 0.22 -14.16 -0.08
CA PHE A 85 -1.22 -13.92 0.10
C PHE A 85 -1.88 -14.06 -1.28
N PRO A 86 -3.21 -14.38 -1.35
CA PRO A 86 -3.88 -14.54 -2.65
C PRO A 86 -4.17 -13.19 -3.35
N THR A 87 -4.52 -12.19 -2.52
CA THR A 87 -4.80 -10.86 -3.07
C THR A 87 -4.13 -9.89 -2.13
N LEU A 88 -4.15 -8.63 -2.61
CA LEU A 88 -3.49 -7.63 -1.81
C LEU A 88 -4.33 -7.25 -0.60
N GLN A 89 -5.63 -7.56 -0.62
CA GLN A 89 -6.32 -7.12 0.59
C GLN A 89 -5.87 -7.90 1.83
N ALA A 90 -5.58 -9.21 1.60
CA ALA A 90 -5.12 -10.07 2.69
C ALA A 90 -3.63 -9.86 3.01
N LEU A 91 -2.92 -9.31 2.01
CA LEU A 91 -1.51 -9.02 2.15
C LEU A 91 -1.34 -7.75 2.99
N VAL A 92 -2.16 -6.77 2.61
CA VAL A 92 -2.12 -5.46 3.20
C VAL A 92 -2.67 -5.48 4.63
N GLN A 93 -3.73 -6.32 4.84
CA GLN A 93 -4.48 -6.58 6.09
C GLN A 93 -3.49 -7.05 7.20
N HIS A 94 -2.61 -7.99 6.73
CA HIS A 94 -1.61 -8.66 7.57
C HIS A 94 -0.52 -7.66 7.98
N TYR A 95 -0.18 -6.81 6.98
CA TYR A 95 0.78 -5.76 7.26
C TYR A 95 0.14 -4.68 8.17
N SER A 96 -1.22 -4.73 8.30
CA SER A 96 -1.90 -3.79 9.23
C SER A 96 -1.90 -4.24 10.68
N LYS A 97 -1.26 -5.39 10.89
CA LYS A 97 -1.19 -5.92 12.24
C LYS A 97 0.13 -5.56 12.91
N LYS A 98 1.25 -5.98 12.29
CA LYS A 98 2.52 -5.68 12.99
C LYS A 98 3.74 -5.55 12.10
N GLY A 99 3.47 -5.44 10.80
CA GLY A 99 4.52 -5.30 9.80
C GLY A 99 5.13 -6.64 9.41
N ASP A 100 5.44 -7.45 10.43
CA ASP A 100 6.00 -8.78 10.19
C ASP A 100 7.30 -8.79 9.33
N GLY A 101 7.90 -7.59 9.21
CA GLY A 101 9.09 -7.51 8.39
C GLY A 101 9.28 -6.13 7.78
N LEU A 102 8.14 -5.43 7.60
CA LEU A 102 8.28 -4.12 6.98
C LEU A 102 8.52 -3.00 8.02
N CYS A 103 8.63 -3.45 9.30
CA CYS A 103 8.86 -2.63 10.49
C CYS A 103 7.84 -1.46 10.67
N GLN A 104 6.85 -1.38 9.76
CA GLN A 104 5.90 -0.29 9.81
C GLN A 104 4.58 -0.77 9.24
N LYS A 105 3.77 -1.17 10.22
CA LYS A 105 2.44 -1.62 9.95
C LYS A 105 1.60 -0.43 9.46
N LEU A 106 0.43 -0.78 8.97
CA LEU A 106 -0.50 0.22 8.47
C LEU A 106 -1.27 0.87 9.61
N THR A 107 -1.30 2.21 9.50
CA THR A 107 -1.98 3.03 10.47
C THR A 107 -3.28 3.59 9.88
N LEU A 108 -3.10 4.66 9.10
CA LEU A 108 -4.22 5.34 8.47
C LEU A 108 -3.78 5.73 7.07
N PRO A 109 -4.36 5.12 6.00
CA PRO A 109 -4.01 5.44 4.61
C PRO A 109 -4.14 6.96 4.35
N CYS A 110 -3.68 7.36 3.15
CA CYS A 110 -3.74 8.78 2.81
C CYS A 110 -5.21 9.24 2.65
N VAL A 111 -5.38 10.50 2.22
CA VAL A 111 -6.73 11.04 2.06
C VAL A 111 -6.63 12.23 1.11
N ASN A 112 -6.66 11.88 -0.20
CA ASN A 112 -6.59 12.93 -1.19
C ASN A 112 -7.89 13.75 -1.14
N LEU A 113 -7.77 14.92 -0.46
CA LEU A 113 -8.88 15.85 -0.30
C LEU A 113 -10.03 15.23 0.51
N ALA A 114 -10.92 14.55 -0.23
CA ALA A 114 -12.08 13.88 0.34
C ALA A 114 -13.10 14.91 0.87
N GLY A 1 -28.07 -11.98 7.00
CA GLY A 1 -28.90 -12.79 7.89
C GLY A 1 -28.17 -13.24 9.15
N SER A 2 -27.15 -14.09 8.90
CA SER A 2 -26.34 -14.64 9.98
C SER A 2 -24.86 -14.35 9.72
N VAL A 3 -24.60 -13.04 9.77
CA VAL A 3 -23.23 -12.56 9.54
C VAL A 3 -23.09 -11.08 9.91
N ALA A 4 -24.03 -10.57 10.74
CA ALA A 4 -23.98 -9.17 11.15
C ALA A 4 -24.21 -8.24 9.92
N PRO A 5 -24.55 -6.96 10.21
CA PRO A 5 -24.74 -5.95 9.17
C PRO A 5 -23.39 -5.61 8.50
N VAL A 6 -23.41 -5.63 7.15
CA VAL A 6 -22.17 -5.29 6.43
C VAL A 6 -21.88 -3.80 6.64
N GLU A 7 -22.46 -2.96 5.74
CA GLU A 7 -22.26 -1.51 5.80
C GLU A 7 -20.78 -1.12 5.94
N THR A 8 -19.96 -1.78 5.10
CA THR A 8 -18.52 -1.53 5.13
C THR A 8 -17.88 -1.92 3.79
N LEU A 9 -17.48 -0.85 3.07
CA LEU A 9 -16.82 -1.01 1.77
C LEU A 9 -15.35 -1.37 1.99
N GLU A 10 -14.73 -1.71 0.83
CA GLU A 10 -13.32 -2.08 0.83
C GLU A 10 -12.64 -1.42 -0.36
N VAL A 11 -12.19 -0.17 -0.10
CA VAL A 11 -11.50 0.62 -1.12
C VAL A 11 -10.26 1.26 -0.48
N GLU A 12 -10.44 2.53 -0.07
CA GLU A 12 -9.40 3.30 0.58
C GLU A 12 -8.18 3.46 -0.33
N LYS A 13 -7.35 4.39 0.16
CA LYS A 13 -6.13 4.71 -0.51
C LYS A 13 -5.10 3.58 -0.45
N TRP A 14 -5.50 2.37 0.02
CA TRP A 14 -4.47 1.33 0.08
C TRP A 14 -4.43 0.69 -1.32
N PHE A 15 -5.62 0.29 -1.81
CA PHE A 15 -5.70 -0.30 -3.15
C PHE A 15 -5.90 0.80 -4.21
N PHE A 16 -4.77 1.42 -4.61
CA PHE A 16 -4.82 2.49 -5.62
C PHE A 16 -4.44 1.88 -6.98
N ARG A 17 -4.76 2.66 -8.04
CA ARG A 17 -4.47 2.21 -9.41
C ARG A 17 -2.99 2.46 -9.75
N THR A 18 -2.69 2.70 -11.04
CA THR A 18 -1.32 2.95 -11.43
C THR A 18 -1.08 4.46 -11.47
N ILE A 19 -1.03 5.00 -10.24
CA ILE A 19 -0.72 6.42 -10.10
C ILE A 19 0.77 6.58 -10.42
N SER A 20 1.15 7.83 -10.73
CA SER A 20 2.56 8.06 -10.99
C SER A 20 3.33 7.73 -9.70
N ARG A 21 4.58 7.35 -9.92
CA ARG A 21 5.45 6.97 -8.80
C ARG A 21 5.61 8.14 -7.83
N LYS A 22 6.01 9.26 -8.45
CA LYS A 22 6.17 10.51 -7.71
C LYS A 22 4.87 10.99 -7.08
N ASP A 23 3.74 10.43 -7.60
CA ASP A 23 2.44 10.85 -7.14
C ASP A 23 2.12 10.24 -5.78
N ALA A 24 2.07 8.91 -5.78
CA ALA A 24 1.80 8.18 -4.55
C ALA A 24 2.73 8.67 -3.42
N GLU A 25 3.99 8.93 -3.80
CA GLU A 25 4.98 9.45 -2.89
C GLU A 25 4.62 10.87 -2.43
N ARG A 26 4.06 11.71 -3.34
CA ARG A 26 3.72 13.09 -2.99
C ARG A 26 2.64 13.13 -1.88
N GLN A 27 1.78 12.11 -1.98
CA GLN A 27 0.67 11.97 -1.04
C GLN A 27 1.15 11.46 0.30
N LEU A 28 1.87 10.31 0.25
CA LEU A 28 2.38 9.76 1.50
C LEU A 28 3.32 10.75 2.19
N LEU A 29 4.14 11.48 1.38
CA LEU A 29 5.06 12.46 1.96
C LEU A 29 4.34 13.71 2.50
N ALA A 30 3.00 13.75 2.29
CA ALA A 30 2.18 14.83 2.80
C ALA A 30 2.16 14.77 4.34
N PRO A 31 1.98 15.95 4.98
CA PRO A 31 1.93 16.00 6.43
C PRO A 31 0.72 15.28 7.05
N MET A 32 -0.34 15.18 6.23
CA MET A 32 -1.52 14.47 6.64
C MET A 32 -1.33 12.96 6.64
N ASN A 33 -0.46 12.55 5.71
CA ASN A 33 -0.17 11.12 5.55
C ASN A 33 1.19 10.72 6.21
N LYS A 34 1.14 10.27 7.48
CA LYS A 34 2.37 9.83 8.16
C LYS A 34 2.51 8.29 8.07
N ALA A 35 3.67 7.78 8.55
CA ALA A 35 4.02 6.35 8.55
C ALA A 35 2.78 5.44 8.74
N GLY A 36 2.43 4.69 7.66
CA GLY A 36 1.27 3.81 7.68
C GLY A 36 0.33 4.06 6.50
N SER A 37 0.38 5.32 6.01
CA SER A 37 -0.31 5.66 4.78
C SER A 37 0.44 4.86 3.70
N PHE A 38 -0.36 4.14 2.86
CA PHE A 38 0.24 3.30 1.82
C PHE A 38 -0.53 3.55 0.49
N LEU A 39 0.15 3.06 -0.57
CA LEU A 39 -0.24 3.10 -1.97
C LEU A 39 0.28 1.89 -2.65
N ILE A 40 -0.67 1.03 -3.12
CA ILE A 40 -0.18 -0.18 -3.77
C ILE A 40 -0.48 0.15 -5.25
N ARG A 41 0.51 0.77 -5.93
CA ARG A 41 0.16 1.15 -7.29
C ARG A 41 0.57 -0.01 -8.19
N GLU A 42 -0.12 -0.05 -9.34
CA GLU A 42 0.13 -1.13 -10.29
C GLU A 42 1.12 -0.74 -11.35
N SER A 43 1.99 -1.68 -11.75
CA SER A 43 2.88 -1.27 -12.85
C SER A 43 2.02 -1.33 -14.13
N GLU A 44 1.88 -0.20 -14.83
CA GLU A 44 1.07 -0.16 -16.04
C GLU A 44 1.73 -0.89 -17.24
N SER A 45 2.72 -1.76 -16.92
CA SER A 45 3.43 -2.51 -17.95
C SER A 45 3.77 -3.95 -17.47
N ASN A 46 3.08 -4.38 -16.39
CA ASN A 46 3.28 -5.69 -15.80
C ASN A 46 2.21 -6.75 -16.13
N LYS A 47 2.69 -8.01 -16.04
CA LYS A 47 1.84 -9.19 -16.11
C LYS A 47 1.01 -9.42 -14.83
N GLY A 48 0.37 -8.35 -14.33
CA GLY A 48 -0.40 -8.47 -13.09
C GLY A 48 0.45 -8.20 -11.84
N ALA A 49 1.44 -7.28 -12.03
CA ALA A 49 2.32 -6.92 -10.90
C ALA A 49 1.84 -5.60 -10.25
N PHE A 50 2.43 -5.38 -9.06
CA PHE A 50 2.10 -4.19 -8.27
C PHE A 50 3.39 -3.70 -7.56
N SER A 51 3.19 -2.57 -6.85
CA SER A 51 4.23 -1.89 -6.08
C SER A 51 3.59 -1.25 -4.85
N LEU A 52 4.38 -0.99 -3.77
CA LEU A 52 3.80 -0.40 -2.54
C LEU A 52 4.75 0.65 -1.93
N SER A 53 4.16 1.85 -1.74
CA SER A 53 4.77 3.05 -1.18
C SER A 53 4.30 3.23 0.28
N VAL A 54 5.25 3.52 1.19
CA VAL A 54 4.84 3.71 2.59
C VAL A 54 5.67 4.85 3.14
N LYS A 55 5.13 5.59 4.11
CA LYS A 55 6.00 6.63 4.61
C LYS A 55 7.02 6.04 5.60
N ASP A 56 8.32 6.26 5.24
CA ASP A 56 9.32 5.80 6.19
C ASP A 56 9.89 7.06 6.80
N ILE A 57 9.95 6.93 8.14
CA ILE A 57 10.46 8.02 8.96
C ILE A 57 11.85 7.63 9.47
N THR A 58 12.83 8.36 8.91
CA THR A 58 14.25 8.20 9.23
C THR A 58 14.86 9.54 9.61
N THR A 59 16.02 9.40 10.29
CA THR A 59 16.80 10.55 10.74
C THR A 59 17.35 11.35 9.55
N GLN A 60 17.39 10.69 8.35
CA GLN A 60 17.91 11.39 7.16
C GLN A 60 16.77 11.91 6.28
N GLY A 61 15.86 12.62 6.97
CA GLY A 61 14.72 13.22 6.29
C GLY A 61 13.55 12.23 6.16
N GLU A 62 12.37 12.79 5.86
CA GLU A 62 11.20 11.97 5.69
C GLU A 62 11.14 11.47 4.23
N VAL A 63 10.88 10.15 4.12
CA VAL A 63 10.83 9.52 2.80
C VAL A 63 9.64 8.57 2.74
N VAL A 64 9.55 7.91 1.56
CA VAL A 64 8.53 6.89 1.33
C VAL A 64 9.31 5.59 1.39
N LYS A 65 8.71 4.54 0.83
CA LYS A 65 9.28 3.20 0.70
C LYS A 65 8.90 2.61 -0.63
N HIS A 66 9.66 1.58 -1.04
CA HIS A 66 9.33 0.95 -2.31
C HIS A 66 9.55 -0.58 -2.21
N TYR A 67 8.41 -1.30 -2.07
CA TYR A 67 8.43 -2.77 -1.99
C TYR A 67 7.96 -3.25 -3.37
N LYS A 68 7.62 -4.56 -3.47
CA LYS A 68 7.22 -5.10 -4.78
C LYS A 68 6.42 -6.41 -4.66
N ILE A 69 5.13 -6.22 -4.97
CA ILE A 69 4.17 -7.33 -4.99
C ILE A 69 4.11 -7.95 -6.40
N ARG A 70 4.41 -9.25 -6.36
CA ARG A 70 4.40 -10.09 -7.54
C ARG A 70 3.07 -10.81 -7.59
N SER A 71 2.89 -11.55 -8.69
CA SER A 71 1.67 -12.30 -8.88
C SER A 71 2.06 -13.65 -9.44
N LEU A 72 1.75 -14.64 -8.58
CA LEU A 72 2.03 -16.04 -8.88
C LEU A 72 0.82 -16.63 -9.57
N ASP A 73 1.18 -17.64 -10.38
CA ASP A 73 0.22 -18.37 -11.20
C ASP A 73 -0.86 -19.11 -10.39
N ASN A 74 -0.59 -19.23 -9.07
CA ASN A 74 -1.56 -19.94 -8.23
C ASN A 74 -2.64 -19.01 -7.65
N GLY A 75 -2.46 -17.71 -7.95
CA GLY A 75 -3.42 -16.71 -7.51
C GLY A 75 -3.13 -16.17 -6.11
N GLY A 76 -2.05 -15.38 -6.08
CA GLY A 76 -1.52 -14.73 -4.92
C GLY A 76 -0.55 -13.60 -5.29
N TYR A 77 -0.09 -12.99 -4.17
CA TYR A 77 0.81 -11.86 -4.17
C TYR A 77 1.82 -12.12 -3.07
N TYR A 78 3.06 -11.66 -3.36
CA TYR A 78 4.14 -11.88 -2.39
C TYR A 78 5.19 -10.78 -2.51
N ILE A 79 5.73 -10.44 -1.30
CA ILE A 79 6.76 -9.39 -1.23
C ILE A 79 8.06 -9.99 -0.76
N SER A 80 7.92 -10.73 0.35
CA SER A 80 9.06 -11.42 0.91
C SER A 80 8.60 -12.85 0.67
N PRO A 81 9.46 -13.65 0.00
CA PRO A 81 9.08 -15.01 -0.37
C PRO A 81 8.83 -15.96 0.81
N ARG A 82 9.12 -15.42 2.01
CA ARG A 82 8.86 -16.19 3.23
C ARG A 82 7.34 -16.08 3.62
N ILE A 83 6.60 -15.27 2.81
CA ILE A 83 5.18 -14.96 2.95
C ILE A 83 4.47 -14.52 1.63
N THR A 84 3.46 -15.36 1.33
CA THR A 84 2.56 -15.19 0.20
C THR A 84 1.11 -15.02 0.71
N PHE A 85 0.28 -14.40 -0.15
CA PHE A 85 -1.15 -14.18 0.13
C PHE A 85 -1.92 -14.45 -1.18
N PRO A 86 -3.29 -14.43 -1.16
CA PRO A 86 -4.06 -14.66 -2.41
C PRO A 86 -4.48 -13.33 -3.08
N THR A 87 -4.62 -12.28 -2.26
CA THR A 87 -4.95 -10.96 -2.80
C THR A 87 -4.22 -10.00 -1.90
N LEU A 88 -4.16 -8.74 -2.38
CA LEU A 88 -3.46 -7.79 -1.56
C LEU A 88 -4.29 -7.41 -0.35
N GLN A 89 -5.58 -7.80 -0.33
CA GLN A 89 -6.31 -7.48 0.91
C GLN A 89 -5.73 -8.26 2.08
N ALA A 90 -5.37 -9.55 1.84
CA ALA A 90 -4.84 -10.36 2.94
C ALA A 90 -3.36 -10.05 3.22
N LEU A 91 -2.69 -9.52 2.20
CA LEU A 91 -1.28 -9.16 2.36
C LEU A 91 -1.20 -7.86 3.18
N VAL A 92 -2.10 -6.94 2.82
CA VAL A 92 -2.15 -5.62 3.41
C VAL A 92 -2.72 -5.69 4.85
N GLN A 93 -3.76 -6.53 5.03
CA GLN A 93 -4.44 -6.78 6.30
C GLN A 93 -3.44 -7.33 7.32
N HIS A 94 -2.49 -8.12 6.77
CA HIS A 94 -1.51 -8.74 7.66
C HIS A 94 -0.61 -7.63 8.19
N TYR A 95 -0.21 -6.78 7.23
CA TYR A 95 0.60 -5.62 7.57
C TYR A 95 -0.26 -4.55 8.30
N SER A 96 -1.62 -4.72 8.33
CA SER A 96 -2.43 -3.73 9.06
C SER A 96 -2.35 -4.00 10.59
N LYS A 97 -1.72 -5.12 10.98
CA LYS A 97 -1.61 -5.42 12.42
C LYS A 97 -0.20 -5.18 12.99
N LYS A 98 0.82 -5.61 12.19
CA LYS A 98 2.18 -5.44 12.62
C LYS A 98 3.10 -5.45 11.38
N GLY A 99 4.16 -4.61 11.49
CA GLY A 99 5.21 -4.42 10.49
C GLY A 99 6.25 -5.53 10.65
N ASP A 100 5.71 -6.74 10.45
CA ASP A 100 6.44 -7.99 10.57
C ASP A 100 7.43 -8.26 9.40
N GLY A 101 7.78 -7.15 8.74
CA GLY A 101 8.75 -7.30 7.66
C GLY A 101 9.13 -5.99 7.01
N LEU A 102 8.19 -5.02 7.04
CA LEU A 102 8.50 -3.76 6.40
C LEU A 102 9.28 -2.85 7.38
N CYS A 103 8.53 -1.99 8.08
CA CYS A 103 9.11 -1.08 9.04
C CYS A 103 8.02 -0.44 9.91
N GLN A 104 6.86 -0.19 9.26
CA GLN A 104 5.75 0.44 9.94
C GLN A 104 4.51 -0.16 9.29
N LYS A 105 3.70 -0.67 10.20
CA LYS A 105 2.43 -1.27 9.89
C LYS A 105 1.52 -0.16 9.38
N LEU A 106 0.37 -0.61 8.90
CA LEU A 106 -0.59 0.33 8.34
C LEU A 106 -1.35 1.01 9.46
N THR A 107 -1.22 2.34 9.45
CA THR A 107 -1.89 3.12 10.48
C THR A 107 -3.13 3.78 9.87
N LEU A 108 -2.88 4.70 8.91
CA LEU A 108 -3.95 5.40 8.22
C LEU A 108 -3.65 5.48 6.73
N PRO A 109 -4.32 4.65 5.88
CA PRO A 109 -4.10 4.62 4.43
C PRO A 109 -4.45 5.96 3.76
N CYS A 110 -3.39 6.76 3.65
CA CYS A 110 -3.40 8.11 3.06
C CYS A 110 -4.72 8.87 3.40
N VAL A 111 -5.22 9.67 2.43
CA VAL A 111 -6.46 10.43 2.59
C VAL A 111 -6.94 10.82 1.18
N ASN A 112 -7.98 11.67 1.13
CA ASN A 112 -8.55 12.09 -0.16
C ASN A 112 -8.09 13.50 -0.52
N LEU A 113 -8.48 14.43 0.38
CA LEU A 113 -8.12 15.82 0.16
C LEU A 113 -6.63 16.03 0.47
N ALA A 114 -5.87 16.08 -0.65
CA ALA A 114 -4.43 16.29 -0.53
C ALA A 114 -4.17 17.76 -0.09
N GLY A 1 -32.76 14.23 -1.36
CA GLY A 1 -31.33 14.21 -1.65
C GLY A 1 -30.67 12.92 -1.19
N SER A 2 -29.33 12.97 -1.19
CA SER A 2 -28.53 11.82 -0.76
C SER A 2 -27.23 12.33 -0.14
N VAL A 3 -26.73 11.49 0.78
CA VAL A 3 -25.51 11.80 1.52
C VAL A 3 -24.78 10.48 1.83
N ALA A 4 -23.44 10.62 1.88
CA ALA A 4 -22.58 9.48 2.17
C ALA A 4 -22.59 9.21 3.70
N PRO A 5 -22.29 7.93 4.09
CA PRO A 5 -22.26 7.55 5.50
C PRO A 5 -21.18 8.27 6.31
N VAL A 6 -19.95 8.23 5.74
CA VAL A 6 -18.75 8.85 6.32
C VAL A 6 -18.67 8.63 7.84
N GLU A 7 -18.42 7.36 8.19
CA GLU A 7 -18.35 7.02 9.62
C GLU A 7 -17.09 6.20 9.96
N THR A 8 -16.95 5.11 9.18
CA THR A 8 -15.84 4.17 9.30
C THR A 8 -14.46 4.82 9.10
N LEU A 9 -14.46 5.80 8.17
CA LEU A 9 -13.27 6.56 7.82
C LEU A 9 -12.37 5.75 6.86
N GLU A 10 -12.88 5.62 5.63
CA GLU A 10 -12.16 4.86 4.61
C GLU A 10 -12.94 5.02 3.29
N VAL A 11 -12.22 5.52 2.26
CA VAL A 11 -12.87 5.73 0.98
C VAL A 11 -11.82 5.91 -0.12
N GLU A 12 -11.22 4.79 -0.51
CA GLU A 12 -10.20 4.84 -1.57
C GLU A 12 -9.04 5.70 -1.19
N LYS A 13 -8.00 4.97 -0.68
CA LYS A 13 -6.70 5.44 -0.24
C LYS A 13 -5.72 4.34 0.08
N TRP A 14 -5.85 3.21 -0.63
CA TRP A 14 -4.83 2.18 -0.41
C TRP A 14 -4.64 1.44 -1.74
N PHE A 15 -5.77 0.90 -2.25
CA PHE A 15 -5.74 0.17 -3.52
C PHE A 15 -5.95 1.13 -4.70
N PHE A 16 -4.82 1.72 -5.12
CA PHE A 16 -4.81 2.69 -6.23
C PHE A 16 -4.38 1.95 -7.52
N ARG A 17 -4.61 2.67 -8.64
CA ARG A 17 -4.26 2.16 -9.98
C ARG A 17 -2.77 2.39 -10.24
N THR A 18 -2.41 2.63 -11.52
CA THR A 18 -1.02 2.90 -11.82
C THR A 18 -0.81 4.40 -11.85
N ILE A 19 -0.86 4.95 -10.62
CA ILE A 19 -0.56 6.37 -10.53
C ILE A 19 0.95 6.47 -10.76
N SER A 20 1.41 7.67 -11.13
CA SER A 20 2.85 7.75 -11.32
C SER A 20 3.54 7.50 -9.97
N ARG A 21 4.81 7.19 -10.12
CA ARG A 21 5.67 6.89 -8.98
C ARG A 21 5.74 8.10 -8.06
N LYS A 22 6.16 9.21 -8.70
CA LYS A 22 6.24 10.49 -7.99
C LYS A 22 4.90 10.98 -7.48
N ASP A 23 3.82 10.40 -8.06
CA ASP A 23 2.51 10.84 -7.70
C ASP A 23 2.09 10.28 -6.33
N ALA A 24 2.07 8.95 -6.31
CA ALA A 24 1.72 8.22 -5.10
C ALA A 24 2.56 8.71 -3.90
N GLU A 25 3.84 8.97 -4.24
CA GLU A 25 4.84 9.48 -3.31
C GLU A 25 4.50 10.92 -2.86
N ARG A 26 3.96 11.73 -3.82
CA ARG A 26 3.64 13.13 -3.52
C ARG A 26 2.55 13.23 -2.44
N GLN A 27 1.67 12.21 -2.51
CA GLN A 27 0.55 12.16 -1.59
C GLN A 27 0.98 11.72 -0.20
N LEU A 28 1.72 10.59 -0.18
CA LEU A 28 2.19 10.09 1.10
C LEU A 28 3.11 11.09 1.81
N LEU A 29 4.00 11.73 1.01
CA LEU A 29 4.93 12.71 1.56
C LEU A 29 4.24 14.01 2.01
N ALA A 30 2.92 14.11 1.72
CA ALA A 30 2.14 15.26 2.14
C ALA A 30 2.04 15.26 3.67
N PRO A 31 1.93 16.49 4.25
CA PRO A 31 1.79 16.66 5.69
C PRO A 31 0.45 16.16 6.27
N MET A 32 -0.40 15.64 5.37
CA MET A 32 -1.70 15.13 5.77
C MET A 32 -1.61 13.81 6.53
N ASN A 33 -0.55 13.04 6.22
CA ASN A 33 -0.39 11.77 6.91
C ASN A 33 1.11 11.44 7.11
N LYS A 34 1.33 10.21 7.61
CA LYS A 34 2.67 9.73 7.90
C LYS A 34 2.72 8.20 7.75
N ALA A 35 3.78 7.61 8.36
CA ALA A 35 4.04 6.17 8.34
C ALA A 35 2.75 5.35 8.60
N GLY A 36 2.25 4.75 7.50
CA GLY A 36 1.01 3.97 7.54
C GLY A 36 0.10 4.26 6.37
N SER A 37 0.25 5.49 5.92
CA SER A 37 -0.44 5.84 4.72
C SER A 37 0.24 5.05 3.58
N PHE A 38 -0.56 4.49 2.63
CA PHE A 38 0.12 3.73 1.55
C PHE A 38 -0.60 3.98 0.20
N LEU A 39 0.06 3.41 -0.82
CA LEU A 39 -0.32 3.45 -2.21
C LEU A 39 0.17 2.17 -2.84
N ILE A 40 -0.81 1.36 -3.38
CA ILE A 40 -0.27 0.14 -3.93
C ILE A 40 -0.57 0.42 -5.43
N ARG A 41 0.45 0.94 -6.14
CA ARG A 41 0.21 1.28 -7.53
C ARG A 41 0.64 0.08 -8.38
N GLU A 42 0.06 0.02 -9.60
CA GLU A 42 0.37 -1.07 -10.51
C GLU A 42 1.47 -0.70 -11.48
N SER A 43 2.36 -1.68 -11.77
CA SER A 43 3.36 -1.29 -12.78
C SER A 43 2.58 -1.36 -14.12
N GLU A 44 2.49 -0.22 -14.84
CA GLU A 44 1.72 -0.22 -16.10
C GLU A 44 2.42 -0.98 -17.25
N SER A 45 3.41 -1.83 -16.89
CA SER A 45 4.13 -2.62 -17.88
C SER A 45 4.47 -4.03 -17.34
N ASN A 46 3.79 -4.41 -16.24
CA ASN A 46 4.00 -5.71 -15.61
C ASN A 46 2.97 -6.78 -15.98
N LYS A 47 3.42 -8.01 -15.73
CA LYS A 47 2.60 -9.21 -15.84
C LYS A 47 1.56 -9.37 -14.70
N GLY A 48 0.98 -8.23 -14.27
CA GLY A 48 0.02 -8.27 -13.16
C GLY A 48 0.73 -8.07 -11.82
N ALA A 49 1.72 -7.16 -11.88
CA ALA A 49 2.50 -6.82 -10.67
C ALA A 49 1.94 -5.53 -10.01
N PHE A 50 2.45 -5.30 -8.79
CA PHE A 50 2.08 -4.14 -7.98
C PHE A 50 3.36 -3.63 -7.25
N SER A 51 3.19 -2.43 -6.66
CA SER A 51 4.22 -1.69 -5.92
C SER A 51 3.53 -0.90 -4.80
N LEU A 52 4.06 -1.04 -3.57
CA LEU A 52 3.50 -0.37 -2.39
C LEU A 52 4.53 0.62 -1.81
N SER A 53 4.01 1.85 -1.70
CA SER A 53 4.67 3.04 -1.17
C SER A 53 4.12 3.26 0.25
N VAL A 54 5.03 3.52 1.19
CA VAL A 54 4.61 3.75 2.58
C VAL A 54 5.47 4.89 3.08
N LYS A 55 4.96 5.68 4.04
CA LYS A 55 5.89 6.74 4.44
C LYS A 55 6.94 6.20 5.41
N ASP A 56 8.20 6.49 5.07
CA ASP A 56 9.24 6.09 6.01
C ASP A 56 9.66 7.40 6.64
N ILE A 57 10.09 7.21 7.90
CA ILE A 57 10.43 8.35 8.73
C ILE A 57 11.53 7.91 9.68
N THR A 58 12.70 8.45 9.33
CA THR A 58 13.94 8.18 10.06
C THR A 58 14.51 9.51 10.56
N THR A 59 15.66 9.37 11.26
CA THR A 59 16.38 10.51 11.83
C THR A 59 16.95 11.47 10.75
N GLN A 60 16.79 11.05 9.45
CA GLN A 60 17.32 11.90 8.38
C GLN A 60 16.25 12.86 7.80
N GLY A 61 15.27 12.28 7.10
CA GLY A 61 14.21 13.08 6.52
C GLY A 61 12.98 12.20 6.25
N GLU A 62 11.92 12.91 5.81
CA GLU A 62 10.65 12.29 5.49
C GLU A 62 10.66 11.79 4.04
N VAL A 63 10.41 10.47 3.95
CA VAL A 63 10.43 9.79 2.67
C VAL A 63 9.23 8.83 2.57
N VAL A 64 9.25 8.08 1.44
CA VAL A 64 8.27 7.04 1.17
C VAL A 64 9.06 5.74 1.30
N LYS A 65 8.46 4.68 0.79
CA LYS A 65 9.04 3.36 0.74
C LYS A 65 8.73 2.77 -0.60
N HIS A 66 9.51 1.73 -0.94
CA HIS A 66 9.27 1.08 -2.20
C HIS A 66 9.44 -0.45 -2.05
N TYR A 67 8.28 -1.14 -1.97
CA TYR A 67 8.23 -2.61 -1.89
C TYR A 67 7.72 -3.09 -3.25
N LYS A 68 7.46 -4.41 -3.37
CA LYS A 68 7.02 -4.95 -4.67
C LYS A 68 6.34 -6.31 -4.56
N ILE A 69 5.03 -6.24 -4.86
CA ILE A 69 4.15 -7.39 -4.87
C ILE A 69 4.11 -8.01 -6.28
N ARG A 70 4.38 -9.33 -6.24
CA ARG A 70 4.36 -10.18 -7.43
C ARG A 70 3.01 -10.85 -7.48
N SER A 71 2.81 -11.65 -8.55
CA SER A 71 1.54 -12.32 -8.73
C SER A 71 1.79 -13.75 -9.21
N LEU A 72 1.54 -14.64 -8.25
CA LEU A 72 1.72 -16.07 -8.42
C LEU A 72 0.42 -16.74 -8.83
N ASP A 73 0.63 -17.78 -9.65
CA ASP A 73 -0.47 -18.59 -10.18
C ASP A 73 -1.26 -19.34 -9.11
N ASN A 74 -0.56 -19.58 -7.98
CA ASN A 74 -1.16 -20.34 -6.90
C ASN A 74 -0.70 -19.81 -5.54
N GLY A 75 -0.72 -18.47 -5.49
CA GLY A 75 -0.30 -17.77 -4.27
C GLY A 75 -1.15 -16.56 -3.91
N GLY A 76 -1.10 -15.69 -4.92
CA GLY A 76 -1.72 -14.38 -5.00
C GLY A 76 -0.70 -13.28 -5.24
N TYR A 77 -0.14 -12.82 -4.10
CA TYR A 77 0.81 -11.73 -4.09
C TYR A 77 1.83 -12.07 -3.03
N TYR A 78 3.05 -11.57 -3.31
CA TYR A 78 4.14 -11.83 -2.35
C TYR A 78 5.20 -10.74 -2.43
N ILE A 79 5.63 -10.33 -1.20
CA ILE A 79 6.65 -9.27 -1.12
C ILE A 79 7.96 -9.86 -0.53
N SER A 80 7.78 -10.69 0.50
CA SER A 80 8.86 -11.41 1.17
C SER A 80 8.38 -12.84 0.90
N PRO A 81 9.26 -13.68 0.31
CA PRO A 81 8.85 -15.03 -0.05
C PRO A 81 8.55 -15.96 1.12
N ARG A 82 8.78 -15.43 2.34
CA ARG A 82 8.47 -16.21 3.52
C ARG A 82 6.96 -16.03 3.90
N ILE A 83 6.31 -15.08 3.17
CA ILE A 83 4.91 -14.68 3.31
C ILE A 83 4.22 -14.15 2.00
N THR A 84 3.24 -15.00 1.66
CA THR A 84 2.33 -14.85 0.52
C THR A 84 0.87 -14.77 1.04
N PHE A 85 0.05 -14.08 0.22
CA PHE A 85 -1.39 -13.87 0.46
C PHE A 85 -2.09 -14.00 -0.91
N PRO A 86 -3.43 -14.25 -0.96
CA PRO A 86 -4.13 -14.40 -2.26
C PRO A 86 -4.40 -13.08 -3.00
N THR A 87 -4.65 -12.01 -2.20
CA THR A 87 -4.88 -10.70 -2.80
C THR A 87 -4.10 -9.76 -1.92
N LEU A 88 -4.05 -8.49 -2.40
CA LEU A 88 -3.32 -7.58 -1.58
C LEU A 88 -4.12 -7.26 -0.35
N GLN A 89 -5.46 -7.37 -0.38
CA GLN A 89 -6.15 -6.93 0.84
C GLN A 89 -5.88 -7.84 2.06
N ALA A 90 -5.71 -9.15 1.75
CA ALA A 90 -5.42 -10.11 2.82
C ALA A 90 -3.94 -9.97 3.27
N LEU A 91 -3.15 -9.33 2.38
CA LEU A 91 -1.74 -9.05 2.66
C LEU A 91 -1.63 -7.87 3.62
N VAL A 92 -2.47 -6.85 3.31
CA VAL A 92 -2.44 -5.58 4.02
C VAL A 92 -3.02 -5.75 5.45
N GLN A 93 -3.98 -6.69 5.61
CA GLN A 93 -4.66 -7.01 6.87
C GLN A 93 -3.65 -7.54 7.91
N HIS A 94 -2.78 -8.44 7.39
CA HIS A 94 -1.80 -9.12 8.24
C HIS A 94 -0.76 -8.11 8.68
N TYR A 95 -0.33 -7.36 7.65
CA TYR A 95 0.65 -6.34 7.92
C TYR A 95 0.03 -5.15 8.68
N SER A 96 -1.33 -5.11 8.71
CA SER A 96 -1.96 -3.98 9.40
C SER A 96 -1.97 -4.17 10.92
N LYS A 97 -1.53 -5.37 11.40
CA LYS A 97 -1.45 -5.61 12.84
C LYS A 97 -0.13 -6.24 13.27
N LYS A 98 0.76 -6.38 12.26
CA LYS A 98 2.06 -6.91 12.56
C LYS A 98 3.07 -6.41 11.56
N GLY A 99 4.31 -6.26 12.11
CA GLY A 99 5.44 -5.76 11.36
C GLY A 99 6.42 -6.89 11.14
N ASP A 100 5.97 -7.77 10.24
CA ASP A 100 6.79 -8.94 9.98
C ASP A 100 8.08 -8.70 9.11
N GLY A 101 8.25 -7.42 8.77
CA GLY A 101 9.43 -7.03 8.01
C GLY A 101 9.06 -6.02 6.96
N LEU A 102 8.80 -4.77 7.43
CA LEU A 102 8.49 -3.69 6.52
C LEU A 102 9.01 -2.31 7.05
N CYS A 103 9.92 -2.34 8.05
CA CYS A 103 10.51 -1.16 8.73
C CYS A 103 9.56 -0.56 9.78
N GLN A 104 8.29 -0.43 9.36
CA GLN A 104 7.18 0.06 10.11
C GLN A 104 6.02 -0.71 9.49
N LYS A 105 5.23 -1.19 10.43
CA LYS A 105 4.04 -1.94 10.15
C LYS A 105 3.01 -0.97 9.55
N LEU A 106 2.04 -1.60 8.89
CA LEU A 106 1.01 -0.84 8.19
C LEU A 106 -0.06 -0.31 9.18
N THR A 107 -0.15 1.08 9.22
CA THR A 107 -1.06 1.72 10.19
C THR A 107 -2.36 2.24 9.56
N LEU A 108 -2.32 3.40 8.86
CA LEU A 108 -3.60 3.89 8.33
C LEU A 108 -3.40 4.39 6.90
N PRO A 109 -4.11 3.76 5.90
CA PRO A 109 -3.99 4.09 4.47
C PRO A 109 -4.58 5.47 4.08
N CYS A 110 -3.68 6.46 4.26
CA CYS A 110 -3.91 7.88 3.97
C CYS A 110 -5.26 8.40 4.55
N VAL A 111 -5.52 9.71 4.32
CA VAL A 111 -6.81 10.28 4.72
C VAL A 111 -7.82 9.87 3.63
N ASN A 112 -8.07 10.85 2.73
CA ASN A 112 -9.00 10.72 1.61
C ASN A 112 -9.24 12.11 1.01
N LEU A 113 -8.14 12.70 0.49
CA LEU A 113 -8.27 14.02 -0.14
C LEU A 113 -9.11 13.89 -1.41
N ALA A 114 -10.38 14.35 -1.28
CA ALA A 114 -11.33 14.29 -2.38
C ALA A 114 -11.69 12.81 -2.69
N GLY A 1 -25.46 3.58 -3.03
CA GLY A 1 -24.16 4.12 -3.44
C GLY A 1 -23.18 3.05 -3.93
N SER A 2 -22.32 2.64 -2.98
CA SER A 2 -21.32 1.62 -3.27
C SER A 2 -21.96 0.24 -3.36
N VAL A 3 -21.06 -0.74 -3.58
CA VAL A 3 -21.49 -2.13 -3.68
C VAL A 3 -21.68 -2.70 -2.25
N ALA A 4 -22.37 -3.85 -2.23
CA ALA A 4 -22.63 -4.54 -0.96
C ALA A 4 -21.33 -5.23 -0.47
N PRO A 5 -20.79 -6.19 -1.29
CA PRO A 5 -19.57 -6.90 -0.93
C PRO A 5 -18.36 -5.96 -0.85
N VAL A 6 -17.36 -6.43 -0.08
CA VAL A 6 -16.13 -5.65 0.09
C VAL A 6 -15.35 -5.61 -1.24
N GLU A 7 -14.03 -5.34 -1.11
CA GLU A 7 -13.17 -5.30 -2.30
C GLU A 7 -13.66 -4.26 -3.33
N THR A 8 -13.61 -3.00 -2.88
CA THR A 8 -14.02 -1.88 -3.72
C THR A 8 -12.88 -1.49 -4.67
N LEU A 9 -13.29 -0.82 -5.76
CA LEU A 9 -12.30 -0.39 -6.74
C LEU A 9 -11.63 0.92 -6.31
N GLU A 10 -12.43 2.01 -6.40
CA GLU A 10 -11.93 3.33 -6.00
C GLU A 10 -12.14 3.44 -4.47
N VAL A 11 -12.25 4.69 -3.97
CA VAL A 11 -12.49 4.97 -2.53
C VAL A 11 -11.63 4.08 -1.61
N GLU A 12 -10.35 4.01 -1.99
CA GLU A 12 -9.43 3.18 -1.22
C GLU A 12 -8.02 3.66 -1.43
N LYS A 13 -7.53 4.20 -0.29
CA LYS A 13 -6.19 4.72 -0.31
C LYS A 13 -5.14 3.64 -0.33
N TRP A 14 -5.53 2.42 0.12
CA TRP A 14 -4.47 1.41 0.13
C TRP A 14 -4.42 0.79 -1.28
N PHE A 15 -5.64 0.43 -1.77
CA PHE A 15 -5.74 -0.12 -3.12
C PHE A 15 -5.92 1.00 -4.18
N PHE A 16 -4.78 1.55 -4.66
CA PHE A 16 -4.78 2.61 -5.70
C PHE A 16 -4.46 1.98 -7.08
N ARG A 17 -4.70 2.81 -8.13
CA ARG A 17 -4.43 2.34 -9.50
C ARG A 17 -2.93 2.51 -9.80
N THR A 18 -2.60 2.65 -11.09
CA THR A 18 -1.23 2.84 -11.45
C THR A 18 -0.95 4.34 -11.54
N ILE A 19 -0.93 4.91 -10.35
CA ILE A 19 -0.60 6.32 -10.23
C ILE A 19 0.90 6.49 -10.48
N SER A 20 1.30 7.74 -10.75
CA SER A 20 2.73 7.92 -10.95
C SER A 20 3.48 7.62 -9.65
N ARG A 21 4.78 7.38 -9.85
CA ARG A 21 5.66 7.07 -8.73
C ARG A 21 5.66 8.24 -7.74
N LYS A 22 6.02 9.40 -8.34
CA LYS A 22 6.04 10.64 -7.59
C LYS A 22 4.66 11.05 -7.07
N ASP A 23 3.61 10.44 -7.68
CA ASP A 23 2.27 10.79 -7.30
C ASP A 23 1.89 10.15 -5.97
N ALA A 24 1.94 8.82 -6.00
CA ALA A 24 1.66 8.02 -4.80
C ALA A 24 2.49 8.54 -3.60
N GLU A 25 3.76 8.90 -3.94
CA GLU A 25 4.70 9.47 -3.00
C GLU A 25 4.26 10.87 -2.53
N ARG A 26 3.66 11.68 -3.44
CA ARG A 26 3.24 13.04 -3.09
C ARG A 26 2.16 13.04 -2.01
N GLN A 27 1.37 11.96 -2.07
CA GLN A 27 0.27 11.80 -1.12
C GLN A 27 0.77 11.39 0.26
N LEU A 28 1.56 10.29 0.23
CA LEU A 28 2.12 9.79 1.48
C LEU A 28 3.01 10.84 2.15
N LEU A 29 3.78 11.57 1.32
CA LEU A 29 4.72 12.57 1.82
C LEU A 29 4.03 13.79 2.44
N ALA A 30 2.68 13.80 2.39
CA ALA A 30 1.93 14.89 2.99
C ALA A 30 2.13 14.84 4.52
N PRO A 31 2.25 16.03 5.15
CA PRO A 31 2.46 16.10 6.59
C PRO A 31 1.26 15.61 7.43
N MET A 32 0.15 15.35 6.71
CA MET A 32 -1.02 14.83 7.36
C MET A 32 -0.81 13.37 7.77
N ASN A 33 -0.13 12.67 6.85
CA ASN A 33 0.20 11.27 7.03
C ASN A 33 1.62 11.03 7.59
N LYS A 34 1.78 9.78 8.07
CA LYS A 34 3.07 9.34 8.58
C LYS A 34 3.22 7.83 8.27
N ALA A 35 4.36 7.26 8.74
CA ALA A 35 4.72 5.85 8.57
C ALA A 35 3.49 4.93 8.83
N GLY A 36 2.93 4.43 7.67
CA GLY A 36 1.76 3.56 7.72
C GLY A 36 0.79 3.76 6.55
N SER A 37 0.64 5.03 6.10
CA SER A 37 -0.16 5.31 4.90
C SER A 37 0.66 4.66 3.77
N PHE A 38 -0.12 3.95 2.92
CA PHE A 38 0.50 3.23 1.82
C PHE A 38 -0.27 3.52 0.50
N LEU A 39 0.34 3.02 -0.59
CA LEU A 39 -0.13 3.09 -1.97
C LEU A 39 0.35 1.85 -2.66
N ILE A 40 -0.63 0.98 -3.10
CA ILE A 40 -0.15 -0.24 -3.75
C ILE A 40 -0.54 0.08 -5.22
N ARG A 41 0.39 0.76 -5.92
CA ARG A 41 0.03 1.13 -7.27
C ARG A 41 0.49 0.00 -8.19
N GLU A 42 -0.13 -0.04 -9.39
CA GLU A 42 0.21 -1.11 -10.33
C GLU A 42 1.29 -0.69 -11.29
N SER A 43 2.19 -1.66 -11.56
CA SER A 43 3.21 -1.28 -12.53
C SER A 43 2.58 -1.35 -13.92
N GLU A 44 2.33 -0.16 -14.51
CA GLU A 44 1.71 -0.07 -15.83
C GLU A 44 2.71 -0.39 -16.98
N SER A 45 3.45 -1.49 -16.78
CA SER A 45 4.44 -1.97 -17.71
C SER A 45 4.56 -3.51 -17.75
N ASN A 46 4.21 -4.16 -16.60
CA ASN A 46 4.37 -5.62 -16.54
C ASN A 46 3.00 -6.29 -16.77
N LYS A 47 2.95 -7.58 -16.36
CA LYS A 47 1.72 -8.37 -16.40
C LYS A 47 0.66 -7.88 -15.45
N GLY A 48 0.79 -8.43 -14.26
CA GLY A 48 -0.10 -8.13 -13.17
C GLY A 48 0.66 -7.89 -11.87
N ALA A 49 1.69 -7.03 -12.01
CA ALA A 49 2.52 -6.69 -10.82
C ALA A 49 2.05 -5.35 -10.19
N PHE A 50 2.49 -5.18 -8.93
CA PHE A 50 2.17 -4.00 -8.13
C PHE A 50 3.45 -3.50 -7.42
N SER A 51 3.26 -2.36 -6.73
CA SER A 51 4.31 -1.65 -6.01
C SER A 51 3.70 -0.96 -4.80
N LEU A 52 4.44 -0.96 -3.68
CA LEU A 52 3.90 -0.38 -2.44
C LEU A 52 4.85 0.68 -1.85
N SER A 53 4.22 1.85 -1.64
CA SER A 53 4.84 3.03 -1.07
C SER A 53 4.41 3.19 0.36
N VAL A 54 5.38 3.59 1.19
CA VAL A 54 5.07 3.76 2.60
C VAL A 54 5.84 4.96 3.11
N LYS A 55 5.34 5.67 4.13
CA LYS A 55 6.20 6.79 4.53
C LYS A 55 7.35 6.30 5.42
N ASP A 56 8.57 6.75 4.97
CA ASP A 56 9.69 6.39 5.81
C ASP A 56 10.03 7.67 6.57
N ILE A 57 10.52 7.41 7.80
CA ILE A 57 10.81 8.53 8.67
C ILE A 57 12.06 8.21 9.52
N THR A 58 13.15 8.77 8.99
CA THR A 58 14.49 8.66 9.58
C THR A 58 14.97 10.07 9.96
N THR A 59 16.13 10.09 10.63
CA THR A 59 16.84 11.31 11.02
C THR A 59 17.34 12.09 9.78
N GLN A 60 16.90 11.66 8.55
CA GLN A 60 17.40 12.30 7.33
C GLN A 60 16.26 12.65 6.38
N GLY A 61 15.44 13.58 6.89
CA GLY A 61 14.30 14.04 6.11
C GLY A 61 13.21 12.96 6.03
N GLU A 62 12.00 13.45 5.69
CA GLU A 62 10.83 12.62 5.54
C GLU A 62 10.76 12.13 4.08
N VAL A 63 10.61 10.81 3.92
CA VAL A 63 10.53 10.23 2.58
C VAL A 63 9.45 9.11 2.55
N VAL A 64 9.40 8.36 1.43
CA VAL A 64 8.51 7.22 1.24
C VAL A 64 9.39 5.97 1.27
N LYS A 65 8.80 4.85 0.81
CA LYS A 65 9.43 3.54 0.66
C LYS A 65 9.00 2.89 -0.67
N HIS A 66 9.73 1.83 -1.06
CA HIS A 66 9.36 1.14 -2.29
C HIS A 66 9.60 -0.39 -2.19
N TYR A 67 8.48 -1.16 -2.20
CA TYR A 67 8.53 -2.64 -2.17
C TYR A 67 8.01 -3.10 -3.56
N LYS A 68 7.68 -4.41 -3.66
CA LYS A 68 7.19 -4.94 -4.94
C LYS A 68 6.46 -6.30 -4.78
N ILE A 69 5.15 -6.18 -5.02
CA ILE A 69 4.24 -7.31 -4.99
C ILE A 69 4.16 -7.93 -6.40
N ARG A 70 4.38 -9.27 -6.37
CA ARG A 70 4.35 -10.08 -7.58
C ARG A 70 2.97 -10.70 -7.69
N SER A 71 2.80 -11.44 -8.81
CA SER A 71 1.54 -12.10 -9.06
C SER A 71 1.83 -13.52 -9.54
N LEU A 72 1.54 -14.43 -8.59
CA LEU A 72 1.74 -15.85 -8.83
C LEU A 72 0.46 -16.47 -9.32
N ASP A 73 0.69 -17.48 -10.18
CA ASP A 73 -0.44 -18.19 -10.77
C ASP A 73 -1.31 -18.89 -9.70
N ASN A 74 -0.61 -19.30 -8.61
CA ASN A 74 -1.30 -19.99 -7.53
C ASN A 74 -0.76 -19.56 -6.15
N GLY A 75 -0.47 -18.24 -6.11
CA GLY A 75 0.07 -17.63 -4.89
C GLY A 75 -0.40 -16.21 -4.61
N GLY A 76 -1.25 -15.70 -5.51
CA GLY A 76 -1.80 -14.37 -5.34
C GLY A 76 -0.76 -13.25 -5.47
N TYR A 77 -0.23 -12.87 -4.28
CA TYR A 77 0.73 -11.78 -4.21
C TYR A 77 1.75 -12.12 -3.15
N TYR A 78 2.98 -11.63 -3.47
CA TYR A 78 4.08 -11.89 -2.50
C TYR A 78 5.18 -10.83 -2.58
N ILE A 79 5.70 -10.48 -1.37
CA ILE A 79 6.80 -9.46 -1.37
C ILE A 79 8.07 -10.12 -0.81
N SER A 80 7.82 -10.84 0.30
CA SER A 80 8.89 -11.57 0.95
C SER A 80 8.38 -12.99 0.77
N PRO A 81 9.21 -13.84 0.09
CA PRO A 81 8.75 -15.18 -0.25
C PRO A 81 8.48 -16.10 0.96
N ARG A 82 8.81 -15.56 2.16
CA ARG A 82 8.53 -16.30 3.37
C ARG A 82 7.03 -16.10 3.78
N ILE A 83 6.34 -15.24 2.99
CA ILE A 83 4.94 -14.85 3.14
C ILE A 83 4.24 -14.42 1.80
N THR A 84 3.24 -15.28 1.51
CA THR A 84 2.41 -15.14 0.33
C THR A 84 0.92 -14.94 0.80
N PHE A 85 0.12 -14.30 -0.08
CA PHE A 85 -1.31 -14.08 0.21
C PHE A 85 -2.10 -14.27 -1.10
N PRO A 86 -3.43 -14.49 -1.03
CA PRO A 86 -4.23 -14.64 -2.25
C PRO A 86 -4.50 -13.29 -2.96
N THR A 87 -4.88 -12.29 -2.15
CA THR A 87 -5.16 -10.94 -2.68
C THR A 87 -4.40 -9.98 -1.78
N LEU A 88 -4.34 -8.71 -2.26
CA LEU A 88 -3.65 -7.71 -1.48
C LEU A 88 -4.50 -7.33 -0.26
N GLN A 89 -5.79 -7.73 -0.20
CA GLN A 89 -6.48 -7.36 1.06
C GLN A 89 -5.90 -8.16 2.24
N ALA A 90 -5.62 -9.46 1.99
CA ALA A 90 -5.08 -10.30 3.07
C ALA A 90 -3.59 -10.01 3.31
N LEU A 91 -2.94 -9.50 2.26
CA LEU A 91 -1.54 -9.13 2.38
C LEU A 91 -1.42 -7.84 3.20
N VAL A 92 -2.32 -6.90 2.84
CA VAL A 92 -2.30 -5.60 3.46
C VAL A 92 -2.83 -5.66 4.92
N GLN A 93 -3.81 -6.57 5.15
CA GLN A 93 -4.44 -6.75 6.45
C GLN A 93 -3.38 -7.30 7.47
N HIS A 94 -2.55 -8.24 6.95
CA HIS A 94 -1.56 -8.88 7.81
C HIS A 94 -0.48 -7.84 8.17
N TYR A 95 -0.13 -7.08 7.11
CA TYR A 95 0.82 -6.00 7.31
C TYR A 95 0.13 -4.83 8.08
N SER A 96 -1.24 -4.89 8.21
CA SER A 96 -1.99 -3.87 8.95
C SER A 96 -1.96 -4.15 10.47
N LYS A 97 -1.34 -5.27 10.92
CA LYS A 97 -1.32 -5.53 12.37
C LYS A 97 0.02 -5.23 13.01
N LYS A 98 1.10 -5.73 12.39
CA LYS A 98 2.40 -5.44 13.00
C LYS A 98 3.54 -5.49 12.01
N GLY A 99 3.17 -5.57 10.73
CA GLY A 99 4.15 -5.66 9.65
C GLY A 99 4.73 -7.08 9.51
N ASP A 100 4.98 -7.67 10.68
CA ASP A 100 5.52 -9.02 10.81
C ASP A 100 7.00 -9.20 10.40
N GLY A 101 7.47 -8.22 9.61
CA GLY A 101 8.85 -8.20 9.15
C GLY A 101 9.18 -7.15 8.09
N LEU A 102 8.29 -6.13 7.96
CA LEU A 102 8.56 -5.07 6.97
C LEU A 102 9.44 -4.01 7.67
N CYS A 103 8.76 -3.00 8.24
CA CYS A 103 9.48 -1.92 8.92
C CYS A 103 8.50 -1.06 9.75
N GLN A 104 7.44 -0.63 9.03
CA GLN A 104 6.42 0.20 9.62
C GLN A 104 5.14 -0.25 8.94
N LYS A 105 4.36 -0.87 9.84
CA LYS A 105 3.06 -1.42 9.54
C LYS A 105 2.12 -0.26 9.22
N LEU A 106 0.91 -0.67 8.79
CA LEU A 106 -0.11 0.29 8.39
C LEU A 106 -0.84 0.92 9.59
N THR A 107 -0.87 2.26 9.55
CA THR A 107 -1.55 2.98 10.63
C THR A 107 -2.80 3.69 10.06
N LEU A 108 -2.55 4.56 9.06
CA LEU A 108 -3.57 5.35 8.38
C LEU A 108 -3.31 5.38 6.87
N PRO A 109 -4.01 4.53 6.08
CA PRO A 109 -3.85 4.47 4.62
C PRO A 109 -4.19 5.81 3.98
N CYS A 110 -3.12 6.58 3.81
CA CYS A 110 -3.17 7.93 3.23
C CYS A 110 -4.38 8.75 3.76
N VAL A 111 -4.68 9.84 3.04
CA VAL A 111 -5.81 10.67 3.41
C VAL A 111 -6.14 11.50 2.17
N ASN A 112 -7.39 11.33 1.72
CA ASN A 112 -7.84 12.03 0.53
C ASN A 112 -7.73 13.54 0.77
N LEU A 113 -8.48 13.98 1.80
CA LEU A 113 -8.49 15.38 2.17
C LEU A 113 -9.45 15.60 3.34
N ALA A 114 -9.30 16.79 3.94
CA ALA A 114 -10.17 17.15 5.06
C ALA A 114 -11.61 17.36 4.53
N GLY A 1 -18.01 19.92 12.88
CA GLY A 1 -17.18 18.76 13.19
C GLY A 1 -17.99 17.53 13.58
N SER A 2 -18.48 16.85 12.52
CA SER A 2 -19.28 15.63 12.70
C SER A 2 -19.24 14.81 11.40
N VAL A 3 -19.16 13.49 11.62
CA VAL A 3 -19.10 12.50 10.54
C VAL A 3 -20.48 11.92 10.22
N ALA A 4 -21.18 11.51 11.30
CA ALA A 4 -22.51 10.92 11.16
C ALA A 4 -22.39 9.59 10.37
N PRO A 5 -21.89 8.51 11.07
CA PRO A 5 -21.72 7.21 10.42
C PRO A 5 -23.09 6.57 10.07
N VAL A 6 -23.48 6.87 8.80
CA VAL A 6 -24.73 6.37 8.26
C VAL A 6 -24.46 5.18 7.34
N GLU A 7 -23.64 5.49 6.31
CA GLU A 7 -23.28 4.49 5.31
C GLU A 7 -22.18 5.03 4.39
N THR A 8 -21.11 4.22 4.27
CA THR A 8 -19.96 4.57 3.43
C THR A 8 -19.15 3.33 3.06
N LEU A 9 -18.64 3.39 1.81
CA LEU A 9 -17.82 2.34 1.26
C LEU A 9 -16.36 2.57 1.71
N GLU A 10 -15.64 1.44 1.88
CA GLU A 10 -14.24 1.48 2.29
C GLU A 10 -13.37 1.63 1.04
N VAL A 11 -12.80 2.85 0.90
CA VAL A 11 -11.95 3.17 -0.26
C VAL A 11 -10.84 4.18 0.09
N GLU A 12 -10.09 3.77 1.11
CA GLU A 12 -8.97 4.53 1.63
C GLU A 12 -7.80 4.36 0.68
N LYS A 13 -6.93 5.37 0.80
CA LYS A 13 -5.74 5.40 -0.01
C LYS A 13 -4.83 4.26 0.39
N TRP A 14 -5.08 3.17 -0.33
CA TRP A 14 -4.28 1.97 -0.19
C TRP A 14 -4.21 1.37 -1.63
N PHE A 15 -5.38 0.92 -2.13
CA PHE A 15 -5.52 0.32 -3.46
C PHE A 15 -5.82 1.32 -4.60
N PHE A 16 -4.83 1.52 -5.49
CA PHE A 16 -5.08 2.32 -6.71
C PHE A 16 -4.80 1.44 -7.95
N ARG A 17 -4.92 2.09 -9.14
CA ARG A 17 -4.59 1.38 -10.39
C ARG A 17 -3.09 1.50 -10.54
N THR A 18 -2.67 2.62 -11.15
CA THR A 18 -1.28 2.91 -11.33
C THR A 18 -1.06 4.42 -11.28
N ILE A 19 -1.03 4.90 -10.02
CA ILE A 19 -0.71 6.31 -9.84
C ILE A 19 0.80 6.42 -10.08
N SER A 20 1.22 7.63 -10.47
CA SER A 20 2.65 7.83 -10.68
C SER A 20 3.37 7.61 -9.34
N ARG A 21 4.65 7.30 -9.48
CA ARG A 21 5.46 7.01 -8.29
C ARG A 21 5.46 8.22 -7.35
N LYS A 22 5.90 9.34 -7.97
CA LYS A 22 5.92 10.60 -7.22
C LYS A 22 4.56 11.04 -6.71
N ASP A 23 3.48 10.42 -7.28
CA ASP A 23 2.14 10.79 -6.90
C ASP A 23 1.78 10.16 -5.56
N ALA A 24 1.82 8.83 -5.59
CA ALA A 24 1.55 8.01 -4.40
C ALA A 24 2.46 8.47 -3.24
N GLU A 25 3.70 8.84 -3.66
CA GLU A 25 4.71 9.36 -2.75
C GLU A 25 4.27 10.73 -2.20
N ARG A 26 3.64 11.56 -3.07
CA ARG A 26 3.23 12.91 -2.67
C ARG A 26 2.18 12.87 -1.55
N GLN A 27 1.37 11.79 -1.67
CA GLN A 27 0.27 11.59 -0.73
C GLN A 27 0.80 11.09 0.62
N LEU A 28 1.63 10.03 0.55
CA LEU A 28 2.17 9.48 1.78
C LEU A 28 3.03 10.52 2.54
N LEU A 29 3.89 11.20 1.74
CA LEU A 29 4.78 12.23 2.25
C LEU A 29 4.02 13.51 2.65
N ALA A 30 2.69 13.49 2.42
CA ALA A 30 1.87 14.64 2.79
C ALA A 30 1.91 14.77 4.31
N PRO A 31 1.88 16.04 4.80
CA PRO A 31 1.93 16.28 6.24
C PRO A 31 0.66 15.83 7.01
N MET A 32 -0.33 15.40 6.22
CA MET A 32 -1.58 14.88 6.76
C MET A 32 -1.43 13.46 7.32
N ASN A 33 -0.39 12.76 6.82
CA ASN A 33 -0.14 11.38 7.22
C ASN A 33 1.36 11.10 7.36
N LYS A 34 1.63 9.88 7.89
CA LYS A 34 3.03 9.49 8.10
C LYS A 34 3.17 7.97 7.97
N ALA A 35 4.33 7.47 8.45
CA ALA A 35 4.67 6.05 8.41
C ALA A 35 3.47 5.16 8.82
N GLY A 36 2.91 4.49 7.80
CA GLY A 36 1.75 3.62 7.99
C GLY A 36 0.74 3.82 6.86
N SER A 37 0.69 5.07 6.38
CA SER A 37 -0.08 5.35 5.18
C SER A 37 0.64 4.60 4.05
N PHE A 38 -0.18 3.87 3.25
CA PHE A 38 0.39 3.08 2.15
C PHE A 38 -0.43 3.36 0.85
N LEU A 39 0.18 2.82 -0.23
CA LEU A 39 -0.25 2.89 -1.61
C LEU A 39 0.26 1.66 -2.32
N ILE A 40 -0.57 1.15 -3.28
CA ILE A 40 -0.03 -0.02 -3.96
C ILE A 40 -0.38 0.32 -5.46
N ARG A 41 0.59 0.96 -6.17
CA ARG A 41 0.27 1.28 -7.55
C ARG A 41 0.81 0.15 -8.41
N GLU A 42 0.22 0.05 -9.63
CA GLU A 42 0.64 -1.03 -10.51
C GLU A 42 1.72 -0.56 -11.46
N SER A 43 2.65 -1.47 -11.81
CA SER A 43 3.62 -1.00 -12.82
C SER A 43 2.80 -1.05 -14.14
N GLU A 44 2.66 0.09 -14.84
CA GLU A 44 1.84 0.05 -16.06
C GLU A 44 2.52 -0.71 -17.24
N SER A 45 3.52 -1.57 -16.93
CA SER A 45 4.22 -2.30 -17.98
C SER A 45 4.55 -3.74 -17.52
N ASN A 46 3.92 -4.14 -16.41
CA ASN A 46 4.14 -5.45 -15.82
C ASN A 46 3.07 -6.48 -16.17
N LYS A 47 3.50 -7.74 -15.95
CA LYS A 47 2.65 -8.92 -16.05
C LYS A 47 1.61 -9.04 -14.90
N GLY A 48 1.07 -7.88 -14.48
CA GLY A 48 0.13 -7.85 -13.37
C GLY A 48 0.87 -7.75 -12.02
N ALA A 49 1.92 -6.90 -12.07
CA ALA A 49 2.77 -6.61 -10.88
C ALA A 49 2.27 -5.32 -10.21
N PHE A 50 2.76 -5.17 -8.97
CA PHE A 50 2.38 -4.01 -8.16
C PHE A 50 3.63 -3.51 -7.41
N SER A 51 3.44 -2.31 -6.82
CA SER A 51 4.46 -1.60 -6.08
C SER A 51 3.80 -0.91 -4.88
N LEU A 52 4.39 -1.09 -3.67
CA LEU A 52 3.80 -0.51 -2.46
C LEU A 52 4.75 0.56 -1.86
N SER A 53 4.14 1.74 -1.68
CA SER A 53 4.75 2.93 -1.14
C SER A 53 4.27 3.11 0.31
N VAL A 54 5.22 3.46 1.21
CA VAL A 54 4.89 3.69 2.63
C VAL A 54 5.73 4.87 3.02
N LYS A 55 5.25 5.71 3.95
CA LYS A 55 6.16 6.81 4.22
C LYS A 55 7.26 6.38 5.22
N ASP A 56 8.53 6.55 4.78
CA ASP A 56 9.57 6.19 5.74
C ASP A 56 10.04 7.51 6.31
N ILE A 57 10.64 7.30 7.48
CA ILE A 57 11.06 8.46 8.26
C ILE A 57 12.32 8.07 9.03
N THR A 58 13.39 8.62 8.44
CA THR A 58 14.75 8.47 8.93
C THR A 58 15.33 9.86 9.18
N THR A 59 16.56 9.84 9.73
CA THR A 59 17.27 11.09 10.03
C THR A 59 17.66 11.81 8.72
N GLN A 60 17.51 11.10 7.56
CA GLN A 60 17.88 11.70 6.27
C GLN A 60 16.66 12.21 5.49
N GLY A 61 15.80 12.93 6.24
CA GLY A 61 14.60 13.50 5.64
C GLY A 61 13.48 12.46 5.52
N GLU A 62 12.29 12.99 5.20
CA GLU A 62 11.10 12.20 5.01
C GLU A 62 11.05 11.67 3.57
N VAL A 63 10.85 10.34 3.51
CA VAL A 63 10.81 9.62 2.24
C VAL A 63 9.62 8.66 2.24
N VAL A 64 9.57 7.86 1.15
CA VAL A 64 8.58 6.80 1.00
C VAL A 64 9.36 5.49 1.13
N LYS A 65 8.70 4.41 0.70
CA LYS A 65 9.26 3.07 0.66
C LYS A 65 8.85 2.39 -0.61
N HIS A 66 9.53 1.27 -0.93
CA HIS A 66 9.15 0.55 -2.13
C HIS A 66 9.27 -0.97 -1.90
N TYR A 67 8.11 -1.57 -1.57
CA TYR A 67 8.01 -3.02 -1.35
C TYR A 67 7.16 -3.53 -2.53
N LYS A 68 7.93 -4.00 -3.52
CA LYS A 68 7.36 -4.51 -4.77
C LYS A 68 6.73 -5.92 -4.60
N ILE A 69 5.43 -5.92 -4.94
CA ILE A 69 4.57 -7.11 -4.96
C ILE A 69 4.60 -7.77 -6.33
N ARG A 70 5.00 -9.05 -6.27
CA ARG A 70 5.06 -9.89 -7.45
C ARG A 70 3.78 -10.70 -7.48
N SER A 71 3.31 -10.98 -8.71
CA SER A 71 2.07 -11.72 -8.89
C SER A 71 2.40 -13.08 -9.47
N LEU A 72 2.12 -14.06 -8.60
CA LEU A 72 2.35 -15.46 -8.89
C LEU A 72 1.10 -16.12 -9.42
N ASP A 73 1.39 -17.08 -10.31
CA ASP A 73 0.32 -17.85 -10.92
C ASP A 73 -0.45 -18.70 -9.91
N ASN A 74 0.27 -19.04 -8.82
CA ASN A 74 -0.31 -19.87 -7.79
C ASN A 74 0.18 -19.43 -6.40
N GLY A 75 0.21 -18.09 -6.28
CA GLY A 75 0.65 -17.49 -5.04
C GLY A 75 0.19 -16.05 -4.81
N GLY A 76 -0.72 -15.60 -5.68
CA GLY A 76 -1.30 -14.27 -5.60
C GLY A 76 -0.31 -13.12 -5.64
N TYR A 77 0.12 -12.75 -4.40
CA TYR A 77 1.07 -11.66 -4.22
C TYR A 77 2.03 -12.05 -3.11
N TYR A 78 3.27 -11.57 -3.31
CA TYR A 78 4.34 -11.86 -2.35
C TYR A 78 5.40 -10.75 -2.39
N ILE A 79 5.87 -10.42 -1.15
CA ILE A 79 6.91 -9.37 -1.08
C ILE A 79 8.16 -9.96 -0.44
N SER A 80 7.88 -10.71 0.64
CA SER A 80 8.91 -11.41 1.37
C SER A 80 8.45 -12.85 1.16
N PRO A 81 9.37 -13.72 0.65
CA PRO A 81 9.00 -15.10 0.32
C PRO A 81 8.64 -15.99 1.50
N ARG A 82 8.76 -15.40 2.70
CA ARG A 82 8.36 -16.17 3.88
C ARG A 82 6.84 -16.04 4.10
N ILE A 83 6.23 -15.11 3.31
CA ILE A 83 4.81 -14.77 3.34
C ILE A 83 4.26 -14.26 1.96
N THR A 84 3.32 -15.13 1.52
CA THR A 84 2.58 -14.97 0.28
C THR A 84 1.07 -14.87 0.64
N PHE A 85 0.30 -14.26 -0.27
CA PHE A 85 -1.13 -14.05 -0.06
C PHE A 85 -1.88 -14.30 -1.40
N PRO A 86 -3.23 -14.48 -1.36
CA PRO A 86 -4.00 -14.70 -2.60
C PRO A 86 -4.25 -13.38 -3.36
N THR A 87 -4.62 -12.34 -2.58
CA THR A 87 -4.85 -11.04 -3.21
C THR A 87 -4.15 -10.05 -2.31
N LEU A 88 -4.21 -8.79 -2.75
CA LEU A 88 -3.52 -7.86 -1.91
C LEU A 88 -4.32 -7.56 -0.68
N GLN A 89 -5.66 -7.76 -0.63
CA GLN A 89 -6.29 -7.37 0.64
C GLN A 89 -5.83 -8.25 1.81
N ALA A 90 -5.51 -9.52 1.48
CA ALA A 90 -5.06 -10.45 2.51
C ALA A 90 -3.59 -10.15 2.89
N LEU A 91 -2.91 -9.45 1.96
CA LEU A 91 -1.55 -9.03 2.20
C LEU A 91 -1.56 -7.83 3.17
N VAL A 92 -2.48 -6.89 2.85
CA VAL A 92 -2.63 -5.62 3.55
C VAL A 92 -3.26 -5.84 4.97
N GLN A 93 -4.13 -6.89 5.08
CA GLN A 93 -4.87 -7.29 6.30
C GLN A 93 -3.83 -7.75 7.35
N HIS A 94 -2.86 -8.55 6.85
CA HIS A 94 -1.85 -9.12 7.75
C HIS A 94 -0.93 -7.98 8.21
N TYR A 95 -0.57 -7.12 7.24
CA TYR A 95 0.25 -5.95 7.57
C TYR A 95 -0.57 -4.89 8.34
N SER A 96 -1.92 -5.07 8.37
CA SER A 96 -2.71 -4.08 9.11
C SER A 96 -2.70 -4.35 10.61
N LYS A 97 -2.05 -5.47 11.01
CA LYS A 97 -1.98 -5.71 12.44
C LYS A 97 -0.59 -5.54 12.97
N LYS A 98 0.37 -6.01 12.20
CA LYS A 98 1.76 -5.89 12.60
C LYS A 98 2.64 -5.94 11.34
N GLY A 99 3.75 -5.19 11.43
CA GLY A 99 4.72 -5.11 10.35
C GLY A 99 5.24 -6.49 9.95
N ASP A 100 5.95 -7.12 10.89
CA ASP A 100 6.52 -8.46 10.72
C ASP A 100 7.84 -8.53 9.92
N GLY A 101 7.92 -7.59 8.99
CA GLY A 101 9.08 -7.49 8.11
C GLY A 101 9.24 -6.13 7.41
N LEU A 102 8.16 -5.31 7.46
CA LEU A 102 8.21 -4.01 6.85
C LEU A 102 8.77 -2.98 7.85
N CYS A 103 8.85 -1.74 7.35
CA CYS A 103 9.37 -0.64 8.16
C CYS A 103 8.36 -0.22 9.24
N GLN A 104 7.12 0.03 8.76
CA GLN A 104 6.05 0.45 9.63
C GLN A 104 4.78 -0.11 8.98
N LYS A 105 4.05 -0.74 9.91
CA LYS A 105 2.79 -1.35 9.65
C LYS A 105 1.80 -0.22 9.35
N LEU A 106 0.63 -0.68 8.90
CA LEU A 106 -0.42 0.22 8.47
C LEU A 106 -1.19 0.80 9.64
N THR A 107 -1.22 2.14 9.57
CA THR A 107 -1.93 2.90 10.59
C THR A 107 -3.15 3.62 9.97
N LEU A 108 -2.85 4.54 9.03
CA LEU A 108 -3.88 5.32 8.36
C LEU A 108 -3.56 5.42 6.86
N PRO A 109 -4.18 4.55 6.00
CA PRO A 109 -3.93 4.53 4.56
C PRO A 109 -4.39 5.83 3.88
N CYS A 110 -3.45 6.78 3.94
CA CYS A 110 -3.49 8.15 3.39
C CYS A 110 -4.92 8.77 3.38
N VAL A 111 -5.09 9.95 4.00
CA VAL A 111 -6.43 10.51 4.00
C VAL A 111 -6.71 11.03 2.58
N ASN A 112 -7.97 10.75 2.15
CA ASN A 112 -8.40 11.16 0.81
C ASN A 112 -8.32 12.69 0.69
N LEU A 113 -8.20 13.10 -0.59
CA LEU A 113 -8.09 14.52 -0.88
C LEU A 113 -9.47 15.17 -0.93
N ALA A 114 -9.81 15.80 0.22
CA ALA A 114 -11.10 16.46 0.33
C ALA A 114 -11.12 17.76 -0.52
N GLY A 1 -33.82 0.92 -4.83
CA GLY A 1 -32.47 0.53 -4.46
C GLY A 1 -31.49 0.68 -5.62
N SER A 2 -30.20 0.82 -5.24
CA SER A 2 -29.18 0.93 -6.27
C SER A 2 -27.81 0.69 -5.63
N VAL A 3 -26.79 0.78 -6.51
CA VAL A 3 -25.41 0.56 -6.10
C VAL A 3 -24.46 1.43 -6.94
N ALA A 4 -23.86 0.80 -7.99
CA ALA A 4 -22.93 1.52 -8.84
C ALA A 4 -22.54 0.61 -10.04
N PRO A 5 -22.13 1.27 -11.17
CA PRO A 5 -21.71 0.57 -12.38
C PRO A 5 -20.51 -0.37 -12.12
N VAL A 6 -19.38 0.30 -11.80
CA VAL A 6 -18.15 -0.41 -11.51
C VAL A 6 -18.13 -0.75 -10.01
N GLU A 7 -17.79 -2.03 -9.75
CA GLU A 7 -17.71 -2.49 -8.37
C GLU A 7 -16.41 -1.98 -7.70
N THR A 8 -15.34 -2.80 -7.86
CA THR A 8 -14.01 -2.47 -7.29
C THR A 8 -14.14 -1.99 -5.84
N LEU A 9 -14.60 -2.96 -5.03
CA LEU A 9 -14.78 -2.68 -3.62
C LEU A 9 -13.39 -2.64 -2.96
N GLU A 10 -13.40 -2.11 -1.71
CA GLU A 10 -12.18 -2.01 -0.93
C GLU A 10 -11.19 -1.07 -1.62
N VAL A 11 -11.27 0.22 -1.19
CA VAL A 11 -10.40 1.23 -1.79
C VAL A 11 -10.16 2.38 -0.81
N GLU A 12 -9.88 1.99 0.44
CA GLU A 12 -9.61 2.96 1.50
C GLU A 12 -8.16 3.44 1.43
N LYS A 13 -7.93 4.23 0.38
CA LYS A 13 -6.65 4.83 0.10
C LYS A 13 -5.46 3.92 0.38
N TRP A 14 -5.59 2.72 -0.20
CA TRP A 14 -4.52 1.73 -0.08
C TRP A 14 -4.40 1.04 -1.44
N PHE A 15 -5.55 0.58 -1.98
CA PHE A 15 -5.52 -0.05 -3.30
C PHE A 15 -5.65 1.08 -4.35
N PHE A 16 -4.48 1.69 -4.69
CA PHE A 16 -4.47 2.80 -5.65
C PHE A 16 -4.12 2.22 -7.03
N ARG A 17 -4.44 3.02 -8.06
CA ARG A 17 -4.20 2.56 -9.43
C ARG A 17 -2.72 2.74 -9.82
N THR A 18 -2.47 2.92 -11.13
CA THR A 18 -1.13 3.14 -11.62
C THR A 18 -0.88 4.65 -11.67
N ILE A 19 -0.82 5.18 -10.44
CA ILE A 19 -0.49 6.59 -10.31
C ILE A 19 1.00 6.73 -10.60
N SER A 20 1.39 7.97 -10.95
CA SER A 20 2.80 8.19 -11.19
C SER A 20 3.57 7.94 -9.87
N ARG A 21 4.86 7.67 -10.07
CA ARG A 21 5.72 7.37 -8.93
C ARG A 21 5.73 8.57 -7.95
N LYS A 22 6.12 9.70 -8.57
CA LYS A 22 6.16 10.96 -7.84
C LYS A 22 4.80 11.39 -7.29
N ASP A 23 3.73 10.77 -7.87
CA ASP A 23 2.39 11.12 -7.47
C ASP A 23 2.04 10.46 -6.13
N ALA A 24 2.06 9.13 -6.19
CA ALA A 24 1.76 8.32 -5.00
C ALA A 24 2.59 8.79 -3.79
N GLU A 25 3.87 9.07 -4.07
CA GLU A 25 4.80 9.52 -3.05
C GLU A 25 4.36 10.89 -2.48
N ARG A 26 3.75 11.74 -3.36
CA ARG A 26 3.35 13.08 -2.95
C ARG A 26 2.26 13.03 -1.85
N GLN A 27 1.53 11.89 -1.91
CA GLN A 27 0.42 11.72 -0.97
C GLN A 27 0.94 11.39 0.44
N LEU A 28 1.69 10.27 0.48
CA LEU A 28 2.23 9.81 1.74
C LEU A 28 3.18 10.86 2.35
N LEU A 29 4.00 11.52 1.47
CA LEU A 29 4.96 12.50 1.95
C LEU A 29 4.31 13.78 2.49
N ALA A 30 2.98 13.87 2.32
CA ALA A 30 2.27 15.01 2.87
C ALA A 30 2.34 14.94 4.41
N PRO A 31 2.44 16.14 5.06
CA PRO A 31 2.50 16.19 6.52
C PRO A 31 1.21 15.76 7.23
N MET A 32 0.19 15.45 6.40
CA MET A 32 -1.08 14.97 6.91
C MET A 32 -1.05 13.51 7.38
N ASN A 33 -0.07 12.74 6.87
CA ASN A 33 0.04 11.31 7.18
C ASN A 33 1.50 10.80 7.19
N LYS A 34 1.82 10.22 8.38
CA LYS A 34 3.13 9.64 8.64
C LYS A 34 3.09 8.10 8.41
N ALA A 35 4.27 7.48 8.67
CA ALA A 35 4.54 6.05 8.55
C ALA A 35 3.29 5.20 8.85
N GLY A 36 2.91 4.39 7.84
CA GLY A 36 1.75 3.52 7.93
C GLY A 36 0.73 3.76 6.80
N SER A 37 0.65 5.04 6.36
CA SER A 37 -0.13 5.37 5.17
C SER A 37 0.63 4.68 4.01
N PHE A 38 -0.19 3.95 3.21
CA PHE A 38 0.39 3.19 2.11
C PHE A 38 -0.48 3.40 0.82
N LEU A 39 0.06 2.83 -0.28
CA LEU A 39 -0.53 2.86 -1.61
C LEU A 39 0.00 1.65 -2.36
N ILE A 40 -0.85 0.93 -3.12
CA ILE A 40 -0.26 -0.20 -3.83
C ILE A 40 -0.47 0.19 -5.32
N ARG A 41 0.60 0.70 -5.97
CA ARG A 41 0.35 1.12 -7.34
C ARG A 41 0.66 -0.06 -8.25
N GLU A 42 -0.04 -0.06 -9.40
CA GLU A 42 0.14 -1.16 -10.36
C GLU A 42 1.15 -0.80 -11.40
N SER A 43 2.02 -1.75 -11.80
CA SER A 43 2.95 -1.33 -12.87
C SER A 43 2.13 -1.39 -14.18
N GLU A 44 2.08 -0.25 -14.88
CA GLU A 44 1.30 -0.18 -16.13
C GLU A 44 1.98 -0.90 -17.33
N SER A 45 2.77 -1.93 -17.01
CA SER A 45 3.46 -2.71 -18.02
C SER A 45 3.60 -4.20 -17.59
N ASN A 46 3.03 -4.55 -16.42
CA ASN A 46 3.14 -5.90 -15.90
C ASN A 46 1.90 -6.74 -16.24
N LYS A 47 2.07 -8.01 -15.85
CA LYS A 47 1.00 -8.99 -15.96
C LYS A 47 -0.12 -8.67 -14.99
N GLY A 48 0.36 -8.83 -13.77
CA GLY A 48 -0.41 -8.59 -12.59
C GLY A 48 0.51 -8.19 -11.45
N ALA A 49 1.46 -7.29 -11.81
CA ALA A 49 2.42 -6.86 -10.76
C ALA A 49 1.96 -5.52 -10.13
N PHE A 50 2.53 -5.30 -8.93
CA PHE A 50 2.22 -4.10 -8.15
C PHE A 50 3.49 -3.65 -7.38
N SER A 51 3.31 -2.53 -6.65
CA SER A 51 4.36 -1.93 -5.82
C SER A 51 3.69 -1.30 -4.60
N LEU A 52 4.51 -1.02 -3.56
CA LEU A 52 3.96 -0.47 -2.31
C LEU A 52 4.83 0.67 -1.75
N SER A 53 4.11 1.80 -1.55
CA SER A 53 4.65 3.04 -1.04
C SER A 53 4.29 3.19 0.43
N VAL A 54 5.31 3.52 1.26
CA VAL A 54 5.02 3.71 2.69
C VAL A 54 5.87 4.88 3.16
N LYS A 55 5.37 5.65 4.14
CA LYS A 55 6.27 6.72 4.54
C LYS A 55 7.33 6.18 5.51
N ASP A 56 8.60 6.25 5.02
CA ASP A 56 9.61 5.79 5.97
C ASP A 56 10.16 7.06 6.58
N ILE A 57 10.27 6.94 7.92
CA ILE A 57 10.71 8.09 8.69
C ILE A 57 12.13 7.86 9.13
N THR A 58 12.93 8.81 8.64
CA THR A 58 14.34 8.80 8.94
C THR A 58 14.80 10.19 9.45
N THR A 59 16.01 10.19 10.08
CA THR A 59 16.76 11.36 10.60
C THR A 59 17.25 12.28 9.45
N GLN A 60 16.79 12.01 8.19
CA GLN A 60 17.25 12.81 7.06
C GLN A 60 16.22 13.93 6.73
N GLY A 61 15.05 13.47 6.24
CA GLY A 61 14.01 14.44 5.88
C GLY A 61 12.74 13.79 5.35
N GLU A 62 12.41 12.61 5.94
CA GLU A 62 11.23 11.85 5.57
C GLU A 62 11.29 11.36 4.11
N VAL A 63 11.04 10.05 3.96
CA VAL A 63 11.06 9.44 2.63
C VAL A 63 9.89 8.48 2.51
N VAL A 64 9.64 7.99 1.29
CA VAL A 64 8.60 6.97 1.10
C VAL A 64 9.38 5.65 1.13
N LYS A 65 8.71 4.61 0.63
CA LYS A 65 9.29 3.27 0.48
C LYS A 65 8.82 2.66 -0.81
N HIS A 66 9.56 1.62 -1.25
CA HIS A 66 9.13 0.93 -2.47
C HIS A 66 9.41 -0.58 -2.34
N TYR A 67 8.33 -1.35 -2.14
CA TYR A 67 8.43 -2.82 -2.04
C TYR A 67 7.96 -3.33 -3.42
N LYS A 68 7.63 -4.64 -3.51
CA LYS A 68 7.24 -5.20 -4.78
C LYS A 68 6.48 -6.51 -4.65
N ILE A 69 5.17 -6.31 -4.90
CA ILE A 69 4.18 -7.39 -4.93
C ILE A 69 4.05 -7.97 -6.34
N ARG A 70 4.40 -9.27 -6.38
CA ARG A 70 4.33 -10.02 -7.62
C ARG A 70 3.01 -10.76 -7.62
N SER A 71 2.82 -11.56 -8.70
CA SER A 71 1.60 -12.32 -8.84
C SER A 71 1.93 -13.75 -9.21
N LEU A 72 1.65 -14.62 -8.21
CA LEU A 72 1.88 -16.05 -8.32
C LEU A 72 0.60 -16.75 -8.71
N ASP A 73 0.78 -17.58 -9.75
CA ASP A 73 -0.34 -18.35 -10.28
C ASP A 73 -0.90 -19.37 -9.26
N ASN A 74 0.03 -19.89 -8.43
CA ASN A 74 -0.32 -20.89 -7.42
C ASN A 74 -0.58 -20.31 -6.02
N GLY A 75 -0.47 -18.98 -5.92
CA GLY A 75 -0.65 -18.32 -4.62
C GLY A 75 -1.60 -17.15 -4.70
N GLY A 76 -0.96 -16.06 -5.10
CA GLY A 76 -1.58 -14.77 -5.27
C GLY A 76 -0.60 -13.60 -5.39
N TYR A 77 -0.11 -13.14 -4.20
CA TYR A 77 0.79 -12.01 -4.13
C TYR A 77 1.78 -12.26 -3.02
N TYR A 78 3.02 -11.81 -3.30
CA TYR A 78 4.07 -11.98 -2.26
C TYR A 78 5.16 -10.90 -2.40
N ILE A 79 5.74 -10.60 -1.19
CA ILE A 79 6.84 -9.59 -1.16
C ILE A 79 8.11 -10.20 -0.57
N SER A 80 7.87 -10.82 0.60
CA SER A 80 8.90 -11.51 1.35
C SER A 80 8.40 -12.93 1.15
N PRO A 81 9.25 -13.77 0.50
CA PRO A 81 8.84 -15.12 0.18
C PRO A 81 8.55 -16.03 1.40
N ARG A 82 8.81 -15.46 2.59
CA ARG A 82 8.50 -16.19 3.81
C ARG A 82 6.99 -16.04 4.15
N ILE A 83 6.30 -15.20 3.33
CA ILE A 83 4.90 -14.83 3.41
C ILE A 83 4.23 -14.43 2.05
N THR A 84 3.25 -15.31 1.75
CA THR A 84 2.40 -15.23 0.55
C THR A 84 0.92 -15.02 0.97
N PHE A 85 0.16 -14.47 0.00
CA PHE A 85 -1.28 -14.22 0.18
C PHE A 85 -1.98 -14.55 -1.16
N PRO A 86 -3.34 -14.64 -1.16
CA PRO A 86 -4.06 -14.91 -2.41
C PRO A 86 -4.40 -13.59 -3.14
N THR A 87 -4.76 -12.55 -2.36
CA THR A 87 -5.06 -11.25 -2.96
C THR A 87 -4.24 -10.26 -2.18
N LEU A 88 -4.24 -9.03 -2.72
CA LEU A 88 -3.49 -8.02 -2.02
C LEU A 88 -4.23 -7.61 -0.77
N GLN A 89 -5.56 -7.75 -0.73
CA GLN A 89 -6.18 -7.28 0.51
C GLN A 89 -5.79 -8.15 1.72
N ALA A 90 -5.63 -9.47 1.46
CA ALA A 90 -5.23 -10.37 2.54
C ALA A 90 -3.75 -10.16 2.89
N LEU A 91 -3.04 -9.55 1.94
CA LEU A 91 -1.64 -9.21 2.12
C LEU A 91 -1.50 -7.97 3.02
N VAL A 92 -2.31 -6.96 2.65
CA VAL A 92 -2.30 -5.66 3.28
C VAL A 92 -2.92 -5.71 4.72
N GLN A 93 -3.91 -6.63 4.87
CA GLN A 93 -4.65 -6.89 6.10
C GLN A 93 -3.63 -7.36 7.17
N HIS A 94 -2.73 -8.26 6.66
CA HIS A 94 -1.76 -8.87 7.54
C HIS A 94 -0.76 -7.78 7.97
N TYR A 95 -0.44 -6.93 6.97
CA TYR A 95 0.45 -5.80 7.24
C TYR A 95 -0.27 -4.72 8.09
N SER A 96 -1.64 -4.83 8.18
CA SER A 96 -2.35 -3.84 9.01
C SER A 96 -2.28 -4.21 10.50
N LYS A 97 -1.64 -5.37 10.78
CA LYS A 97 -1.60 -5.76 12.19
C LYS A 97 -0.21 -5.56 12.80
N LYS A 98 0.78 -5.87 11.97
CA LYS A 98 2.16 -5.77 12.35
C LYS A 98 2.99 -5.63 11.07
N GLY A 99 4.16 -4.99 11.27
CA GLY A 99 5.11 -4.76 10.21
C GLY A 99 5.48 -6.09 9.57
N ASP A 100 6.40 -6.83 10.24
CA ASP A 100 6.79 -8.14 9.71
C ASP A 100 7.56 -8.00 8.38
N GLY A 101 8.75 -7.43 8.58
CA GLY A 101 9.63 -7.19 7.45
C GLY A 101 9.57 -5.73 7.04
N LEU A 102 8.34 -5.15 7.14
CA LEU A 102 8.25 -3.76 6.73
C LEU A 102 8.45 -2.79 7.89
N CYS A 103 8.66 -3.36 9.11
CA CYS A 103 8.88 -2.64 10.37
C CYS A 103 7.89 -1.46 10.60
N GLN A 104 6.84 -1.38 9.77
CA GLN A 104 5.89 -0.29 9.88
C GLN A 104 4.56 -0.74 9.31
N LYS A 105 3.74 -1.16 10.27
CA LYS A 105 2.40 -1.60 9.94
C LYS A 105 1.58 -0.40 9.45
N LEU A 106 0.42 -0.74 8.91
CA LEU A 106 -0.48 0.26 8.37
C LEU A 106 -1.27 0.93 9.50
N THR A 107 -1.19 2.28 9.49
CA THR A 107 -1.89 3.06 10.51
C THR A 107 -3.08 3.78 9.88
N LEU A 108 -2.78 4.73 8.97
CA LEU A 108 -3.81 5.48 8.27
C LEU A 108 -3.41 5.66 6.81
N PRO A 109 -4.12 4.98 5.86
CA PRO A 109 -3.86 5.07 4.43
C PRO A 109 -4.14 6.48 3.89
N CYS A 110 -3.11 7.31 4.07
CA CYS A 110 -3.15 8.72 3.69
C CYS A 110 -4.49 9.39 4.09
N VAL A 111 -4.90 10.39 3.29
CA VAL A 111 -6.16 11.08 3.57
C VAL A 111 -6.55 11.82 2.30
N ASN A 112 -7.76 11.51 1.82
CA ASN A 112 -8.31 12.14 0.62
C ASN A 112 -8.28 13.70 0.72
N LEU A 113 -8.77 14.32 -0.37
CA LEU A 113 -8.79 15.77 -0.41
C LEU A 113 -10.09 16.29 -1.02
N ALA A 114 -10.33 15.79 -2.25
CA ALA A 114 -11.54 16.19 -2.96
C ALA A 114 -12.80 15.76 -2.19
N GLY A 1 -12.86 15.84 -16.04
CA GLY A 1 -12.86 15.15 -14.76
C GLY A 1 -12.13 13.81 -14.85
N SER A 2 -11.92 13.21 -13.65
CA SER A 2 -11.21 11.93 -13.56
C SER A 2 -11.46 11.33 -12.16
N VAL A 3 -12.67 10.77 -11.97
CA VAL A 3 -12.98 10.17 -10.66
C VAL A 3 -13.79 8.88 -10.81
N ALA A 4 -14.91 8.99 -11.57
CA ALA A 4 -15.77 7.85 -11.76
C ALA A 4 -16.83 8.17 -12.83
N PRO A 5 -16.43 8.05 -14.13
CA PRO A 5 -17.34 8.30 -15.24
C PRO A 5 -18.51 7.32 -15.26
N VAL A 6 -18.13 6.03 -15.34
CA VAL A 6 -19.11 4.95 -15.39
C VAL A 6 -18.76 3.93 -14.29
N GLU A 7 -17.60 3.29 -14.51
CA GLU A 7 -17.15 2.28 -13.56
C GLU A 7 -15.68 2.01 -13.73
N THR A 8 -15.03 1.82 -12.55
CA THR A 8 -13.59 1.62 -12.55
C THR A 8 -13.08 1.21 -11.14
N LEU A 9 -13.57 0.04 -10.67
CA LEU A 9 -13.15 -0.45 -9.35
C LEU A 9 -13.53 0.57 -8.26
N GLU A 10 -13.08 0.25 -7.04
CA GLU A 10 -13.32 1.15 -5.91
C GLU A 10 -12.24 2.24 -5.92
N VAL A 11 -12.34 3.10 -4.89
CA VAL A 11 -11.41 4.23 -4.74
C VAL A 11 -10.88 4.34 -3.30
N GLU A 12 -10.26 3.23 -2.92
CA GLU A 12 -9.65 3.09 -1.62
C GLU A 12 -8.31 3.80 -1.60
N LYS A 13 -7.96 4.10 -0.35
CA LYS A 13 -6.73 4.77 -0.09
C LYS A 13 -5.53 3.91 -0.37
N TRP A 14 -5.60 2.65 0.09
CA TRP A 14 -4.38 1.87 -0.11
C TRP A 14 -4.40 1.27 -1.53
N PHE A 15 -5.61 0.83 -1.96
CA PHE A 15 -5.77 0.25 -3.28
C PHE A 15 -6.09 1.29 -4.37
N PHE A 16 -5.23 1.34 -5.40
CA PHE A 16 -5.52 2.21 -6.56
C PHE A 16 -5.18 1.41 -7.83
N ARG A 17 -5.29 2.10 -8.98
CA ARG A 17 -4.97 1.48 -10.27
C ARG A 17 -3.49 1.57 -10.51
N THR A 18 -3.09 2.62 -11.24
CA THR A 18 -1.70 2.85 -11.58
C THR A 18 -1.41 4.34 -11.47
N ILE A 19 -1.39 4.79 -10.18
CA ILE A 19 -1.05 6.18 -9.93
C ILE A 19 0.43 6.30 -10.21
N SER A 20 0.85 7.54 -10.55
CA SER A 20 2.28 7.63 -10.79
C SER A 20 3.05 7.36 -9.49
N ARG A 21 4.33 7.03 -9.69
CA ARG A 21 5.21 6.74 -8.55
C ARG A 21 5.31 7.97 -7.65
N LYS A 22 5.68 9.07 -8.33
CA LYS A 22 5.78 10.35 -7.61
C LYS A 22 4.46 10.80 -7.00
N ASP A 23 3.35 10.18 -7.49
CA ASP A 23 2.04 10.57 -7.03
C ASP A 23 1.74 9.99 -5.66
N ALA A 24 1.67 8.66 -5.64
CA ALA A 24 1.42 7.93 -4.39
C ALA A 24 2.39 8.41 -3.27
N GLU A 25 3.64 8.70 -3.70
CA GLU A 25 4.66 9.22 -2.81
C GLU A 25 4.29 10.62 -2.30
N ARG A 26 3.69 11.45 -3.18
CA ARG A 26 3.33 12.84 -2.83
C ARG A 26 2.28 12.87 -1.71
N GLN A 27 1.45 11.80 -1.75
CA GLN A 27 0.37 11.68 -0.78
C GLN A 27 0.90 11.25 0.60
N LEU A 28 1.69 10.16 0.55
CA LEU A 28 2.27 9.63 1.77
C LEU A 28 3.19 10.66 2.45
N LEU A 29 3.93 11.41 1.60
CA LEU A 29 4.88 12.42 2.08
C LEU A 29 4.18 13.63 2.72
N ALA A 30 2.83 13.61 2.69
CA ALA A 30 2.09 14.69 3.32
C ALA A 30 2.34 14.69 4.84
N PRO A 31 2.47 15.91 5.42
CA PRO A 31 2.71 16.04 6.85
C PRO A 31 1.51 15.63 7.72
N MET A 32 0.39 15.37 7.03
CA MET A 32 -0.78 14.93 7.73
C MET A 32 -0.59 13.46 8.20
N ASN A 33 -0.02 12.68 7.25
CA ASN A 33 0.28 11.28 7.46
C ASN A 33 1.75 11.03 7.84
N LYS A 34 1.98 9.77 8.24
CA LYS A 34 3.31 9.33 8.61
C LYS A 34 3.47 7.83 8.29
N ALA A 35 4.55 7.27 8.89
CA ALA A 35 4.90 5.86 8.77
C ALA A 35 3.66 4.99 9.09
N GLY A 36 3.07 4.44 8.00
CA GLY A 36 1.87 3.64 8.15
C GLY A 36 0.87 3.83 7.00
N SER A 37 0.81 5.07 6.48
CA SER A 37 0.04 5.37 5.26
C SER A 37 0.78 4.63 4.15
N PHE A 38 -0.06 3.95 3.33
CA PHE A 38 0.48 3.16 2.23
C PHE A 38 -0.38 3.43 0.96
N LEU A 39 0.20 2.96 -0.17
CA LEU A 39 -0.26 3.03 -1.55
C LEU A 39 0.24 1.85 -2.32
N ILE A 40 -0.64 1.25 -3.16
CA ILE A 40 -0.13 0.08 -3.87
C ILE A 40 -0.61 0.31 -5.33
N ARG A 41 0.30 0.86 -6.17
CA ARG A 41 -0.13 1.10 -7.53
C ARG A 41 0.29 -0.08 -8.41
N GLU A 42 -0.29 -0.10 -9.62
CA GLU A 42 -0.01 -1.16 -10.57
C GLU A 42 1.01 -0.70 -11.60
N SER A 43 1.95 -1.60 -11.95
CA SER A 43 2.86 -1.18 -13.02
C SER A 43 2.01 -1.34 -14.31
N GLU A 44 1.81 -0.23 -15.06
CA GLU A 44 0.98 -0.32 -16.26
C GLU A 44 1.62 -1.10 -17.45
N SER A 45 2.64 -1.93 -17.12
CA SER A 45 3.34 -2.74 -18.12
C SER A 45 3.75 -4.12 -17.56
N ASN A 46 3.08 -4.53 -16.47
CA ASN A 46 3.35 -5.80 -15.79
C ASN A 46 2.33 -6.93 -16.02
N LYS A 47 2.83 -8.14 -15.72
CA LYS A 47 2.02 -9.35 -15.68
C LYS A 47 1.08 -9.43 -14.44
N GLY A 48 0.51 -8.28 -14.04
CA GLY A 48 -0.31 -8.28 -12.85
C GLY A 48 0.51 -7.95 -11.59
N ALA A 49 1.49 -7.05 -11.81
CA ALA A 49 2.38 -6.61 -10.71
C ALA A 49 1.90 -5.27 -10.08
N PHE A 50 2.49 -4.98 -8.91
CA PHE A 50 2.16 -3.77 -8.16
C PHE A 50 3.47 -3.22 -7.51
N SER A 51 3.30 -2.07 -6.82
CA SER A 51 4.39 -1.38 -6.14
C SER A 51 3.77 -0.69 -4.90
N LEU A 52 4.30 -1.02 -3.70
CA LEU A 52 3.76 -0.45 -2.46
C LEU A 52 4.74 0.63 -1.91
N SER A 53 4.12 1.75 -1.47
CA SER A 53 4.76 2.94 -0.91
C SER A 53 4.43 3.07 0.59
N VAL A 54 5.42 3.42 1.43
CA VAL A 54 5.12 3.61 2.86
C VAL A 54 5.96 4.80 3.32
N LYS A 55 5.52 5.53 4.36
CA LYS A 55 6.40 6.63 4.69
C LYS A 55 7.56 6.15 5.59
N ASP A 56 8.79 6.43 5.10
CA ASP A 56 9.91 6.05 5.95
C ASP A 56 10.41 7.36 6.52
N ILE A 57 10.57 7.27 7.85
CA ILE A 57 11.00 8.42 8.62
C ILE A 57 12.33 8.11 9.30
N THR A 58 13.35 8.81 8.76
CA THR A 58 14.71 8.68 9.27
C THR A 58 15.24 10.08 9.63
N THR A 59 16.39 10.07 10.32
CA THR A 59 17.13 11.28 10.70
C THR A 59 17.73 12.02 9.48
N GLN A 60 17.29 11.66 8.26
CA GLN A 60 17.82 12.27 7.05
C GLN A 60 16.72 12.56 6.01
N GLY A 61 15.77 13.40 6.44
CA GLY A 61 14.66 13.77 5.55
C GLY A 61 13.56 12.70 5.57
N GLU A 62 12.33 13.20 5.33
CA GLU A 62 11.16 12.35 5.27
C GLU A 62 11.04 11.77 3.83
N VAL A 63 10.92 10.43 3.77
CA VAL A 63 10.85 9.75 2.48
C VAL A 63 9.72 8.71 2.49
N VAL A 64 9.62 8.00 1.36
CA VAL A 64 8.65 6.91 1.23
C VAL A 64 9.47 5.62 1.31
N LYS A 65 8.84 4.54 0.87
CA LYS A 65 9.41 3.20 0.79
C LYS A 65 8.94 2.53 -0.48
N HIS A 66 9.64 1.42 -0.82
CA HIS A 66 9.24 0.65 -1.99
C HIS A 66 9.41 -0.86 -1.72
N TYR A 67 8.27 -1.58 -1.82
CA TYR A 67 8.24 -3.03 -1.67
C TYR A 67 7.57 -3.60 -2.94
N LYS A 68 8.33 -4.47 -3.64
CA LYS A 68 7.84 -5.10 -4.88
C LYS A 68 6.80 -6.19 -4.56
N ILE A 69 5.91 -6.40 -5.51
CA ILE A 69 4.78 -7.30 -5.49
C ILE A 69 4.51 -7.97 -6.81
N ARG A 70 4.92 -9.26 -6.85
CA ARG A 70 4.73 -10.03 -8.07
C ARG A 70 3.42 -10.80 -7.96
N SER A 71 3.17 -11.57 -9.03
CA SER A 71 1.96 -12.39 -9.11
C SER A 71 2.36 -13.78 -9.58
N LEU A 72 2.16 -14.73 -8.63
CA LEU A 72 2.49 -16.13 -8.83
C LEU A 72 1.29 -16.87 -9.37
N ASP A 73 1.66 -18.10 -9.82
CA ASP A 73 0.72 -19.04 -10.44
C ASP A 73 -0.42 -19.49 -9.51
N ASN A 74 -0.21 -19.28 -8.19
CA ASN A 74 -1.26 -19.67 -7.24
C ASN A 74 -2.28 -18.54 -7.03
N GLY A 75 -2.05 -17.45 -7.78
CA GLY A 75 -2.95 -16.31 -7.75
C GLY A 75 -2.85 -15.54 -6.44
N GLY A 76 -1.62 -15.05 -6.22
CA GLY A 76 -1.28 -14.27 -5.07
C GLY A 76 -0.25 -13.19 -5.39
N TYR A 77 0.30 -12.69 -4.27
CA TYR A 77 1.26 -11.61 -4.25
C TYR A 77 2.20 -11.92 -3.12
N TYR A 78 3.49 -11.65 -3.44
CA TYR A 78 4.48 -11.94 -2.36
C TYR A 78 5.56 -10.84 -2.34
N ILE A 79 5.84 -10.43 -1.07
CA ILE A 79 6.86 -9.36 -0.92
C ILE A 79 8.11 -9.98 -0.31
N SER A 80 7.81 -10.87 0.66
CA SER A 80 8.85 -11.62 1.34
C SER A 80 8.46 -13.03 0.96
N PRO A 81 9.43 -13.79 0.39
CA PRO A 81 9.13 -15.14 -0.04
C PRO A 81 8.78 -16.11 1.11
N ARG A 82 8.82 -15.57 2.35
CA ARG A 82 8.44 -16.39 3.51
C ARG A 82 6.90 -16.29 3.78
N ILE A 83 6.24 -15.31 3.08
CA ILE A 83 4.82 -14.99 3.17
C ILE A 83 4.19 -14.40 1.87
N THR A 84 3.19 -15.21 1.43
CA THR A 84 2.35 -14.97 0.26
C THR A 84 0.88 -14.79 0.69
N PHE A 85 0.13 -14.10 -0.21
CA PHE A 85 -1.30 -13.88 0.00
C PHE A 85 -2.00 -14.00 -1.37
N PRO A 86 -3.34 -14.24 -1.43
CA PRO A 86 -3.99 -14.37 -2.74
C PRO A 86 -4.37 -13.00 -3.34
N THR A 87 -4.43 -11.96 -2.49
CA THR A 87 -4.70 -10.61 -2.98
C THR A 87 -3.97 -9.64 -2.06
N LEU A 88 -3.96 -8.36 -2.52
CA LEU A 88 -3.30 -7.37 -1.69
C LEU A 88 -4.19 -7.03 -0.50
N GLN A 89 -5.48 -7.39 -0.53
CA GLN A 89 -6.27 -7.07 0.68
C GLN A 89 -5.81 -7.91 1.88
N ALA A 90 -5.58 -9.22 1.62
CA ALA A 90 -5.16 -10.10 2.72
C ALA A 90 -3.68 -9.88 3.09
N LEU A 91 -2.93 -9.37 2.10
CA LEU A 91 -1.53 -9.08 2.34
C LEU A 91 -1.39 -7.83 3.21
N VAL A 92 -2.18 -6.84 2.80
CA VAL A 92 -2.15 -5.54 3.45
C VAL A 92 -2.81 -5.61 4.84
N GLN A 93 -3.87 -6.42 4.95
CA GLN A 93 -4.61 -6.64 6.21
C GLN A 93 -3.67 -7.26 7.25
N HIS A 94 -2.81 -8.16 6.72
CA HIS A 94 -1.90 -8.87 7.63
C HIS A 94 -0.87 -7.85 8.14
N TYR A 95 -0.44 -7.02 7.18
CA TYR A 95 0.47 -5.92 7.47
C TYR A 95 -0.28 -4.77 8.23
N SER A 96 -1.65 -4.85 8.33
CA SER A 96 -2.34 -3.79 9.09
C SER A 96 -2.29 -4.06 10.61
N LYS A 97 -1.83 -5.26 11.02
CA LYS A 97 -1.77 -5.57 12.45
C LYS A 97 -0.34 -5.65 13.01
N LYS A 98 0.60 -6.12 12.17
CA LYS A 98 1.97 -6.30 12.51
C LYS A 98 2.81 -6.20 11.22
N GLY A 99 3.88 -5.38 11.32
CA GLY A 99 4.83 -5.19 10.24
C GLY A 99 5.47 -6.53 9.88
N ASP A 100 6.34 -7.05 10.80
CA ASP A 100 6.94 -8.35 10.51
C ASP A 100 7.90 -8.35 9.30
N GLY A 101 8.44 -7.16 9.04
CA GLY A 101 9.34 -7.06 7.92
C GLY A 101 9.34 -5.68 7.34
N LEU A 102 8.13 -5.05 7.41
CA LEU A 102 8.12 -3.72 6.82
C LEU A 102 8.48 -2.61 7.82
N CYS A 103 8.76 -3.06 9.08
CA CYS A 103 9.12 -2.20 10.21
C CYS A 103 8.03 -1.15 10.59
N GLN A 104 7.00 -1.00 9.73
CA GLN A 104 5.97 -0.01 9.98
C GLN A 104 4.70 -0.49 9.32
N LYS A 105 3.89 -1.08 10.21
CA LYS A 105 2.60 -1.57 9.83
C LYS A 105 1.72 -0.36 9.48
N LEU A 106 0.55 -0.72 8.97
CA LEU A 106 -0.40 0.29 8.51
C LEU A 106 -1.14 0.93 9.66
N THR A 107 -1.13 2.27 9.62
CA THR A 107 -1.83 3.05 10.64
C THR A 107 -3.00 3.82 10.02
N LEU A 108 -2.61 4.73 9.11
CA LEU A 108 -3.57 5.57 8.40
C LEU A 108 -3.21 5.67 6.92
N PRO A 109 -3.87 4.86 6.03
CA PRO A 109 -3.61 4.82 4.57
C PRO A 109 -3.79 6.21 3.91
N CYS A 110 -2.66 6.90 3.93
CA CYS A 110 -2.52 8.26 3.38
C CYS A 110 -3.75 9.16 3.69
N VAL A 111 -3.89 10.21 2.86
CA VAL A 111 -5.01 11.12 3.05
C VAL A 111 -5.09 12.02 1.82
N ASN A 112 -6.31 12.08 1.24
CA ASN A 112 -6.55 12.92 0.06
C ASN A 112 -5.91 14.32 0.25
N LEU A 113 -5.52 14.88 -0.90
CA LEU A 113 -4.91 16.19 -0.91
C LEU A 113 -5.95 17.31 -0.77
N ALA A 114 -5.58 18.28 0.07
CA ALA A 114 -6.46 19.42 0.32
C ALA A 114 -5.66 20.57 0.96
N GLY A 1 -29.27 2.52 6.98
CA GLY A 1 -30.13 3.06 5.93
C GLY A 1 -31.61 2.85 6.25
N SER A 2 -32.45 3.75 5.68
CA SER A 2 -33.88 3.65 5.95
C SER A 2 -34.51 2.58 5.03
N VAL A 3 -34.48 2.91 3.72
CA VAL A 3 -35.03 2.03 2.70
C VAL A 3 -34.11 0.82 2.46
N ALA A 4 -32.82 1.16 2.22
CA ALA A 4 -31.83 0.14 1.97
C ALA A 4 -30.45 0.69 2.36
N PRO A 5 -29.49 -0.24 2.61
CA PRO A 5 -28.11 0.13 2.97
C PRO A 5 -27.43 0.97 1.88
N VAL A 6 -26.14 1.28 2.17
CA VAL A 6 -25.35 2.09 1.24
C VAL A 6 -23.92 1.56 1.16
N GLU A 7 -23.27 1.53 2.34
CA GLU A 7 -21.90 1.04 2.43
C GLU A 7 -21.84 -0.48 2.17
N THR A 8 -20.60 -0.92 1.92
CA THR A 8 -20.42 -2.34 1.64
C THR A 8 -18.98 -2.79 1.86
N LEU A 9 -18.11 -2.13 1.07
CA LEU A 9 -16.70 -2.47 1.14
C LEU A 9 -15.91 -1.35 0.44
N GLU A 10 -15.90 -0.20 1.14
CA GLU A 10 -15.17 0.94 0.61
C GLU A 10 -13.66 0.66 0.73
N VAL A 11 -12.91 1.50 -0.01
CA VAL A 11 -11.46 1.39 -0.02
C VAL A 11 -10.88 2.79 -0.14
N GLU A 12 -10.46 3.12 -1.39
CA GLU A 12 -9.86 4.42 -1.68
C GLU A 12 -8.55 4.60 -0.90
N LYS A 13 -7.59 5.12 -1.66
CA LYS A 13 -6.30 5.45 -1.15
C LYS A 13 -5.39 4.27 -1.00
N TRP A 14 -5.92 3.11 -0.57
CA TRP A 14 -4.94 2.07 -0.39
C TRP A 14 -4.78 1.36 -1.75
N PHE A 15 -5.97 0.97 -2.29
CA PHE A 15 -6.00 0.33 -3.61
C PHE A 15 -6.15 1.35 -4.75
N PHE A 16 -5.01 1.91 -5.21
CA PHE A 16 -5.02 2.87 -6.32
C PHE A 16 -4.65 2.10 -7.60
N ARG A 17 -4.89 2.77 -8.76
CA ARG A 17 -4.58 2.11 -10.03
C ARG A 17 -3.08 2.27 -10.28
N THR A 18 -2.69 3.07 -11.29
CA THR A 18 -1.27 3.24 -11.56
C THR A 18 -0.96 4.72 -11.71
N ILE A 19 -0.96 5.32 -10.49
CA ILE A 19 -0.60 6.72 -10.36
C ILE A 19 0.91 6.77 -10.58
N SER A 20 1.42 7.97 -10.92
CA SER A 20 2.87 8.02 -11.12
C SER A 20 3.57 7.69 -9.80
N ARG A 21 4.84 7.33 -9.96
CA ARG A 21 5.67 6.97 -8.84
C ARG A 21 5.76 8.16 -7.87
N LYS A 22 6.26 9.26 -8.45
CA LYS A 22 6.39 10.50 -7.69
C LYS A 22 5.06 11.04 -7.17
N ASP A 23 3.97 10.52 -7.77
CA ASP A 23 2.67 11.01 -7.37
C ASP A 23 2.24 10.41 -6.03
N ALA A 24 2.18 9.08 -6.06
CA ALA A 24 1.80 8.30 -4.88
C ALA A 24 2.64 8.72 -3.65
N GLU A 25 3.93 8.97 -3.94
CA GLU A 25 4.90 9.40 -2.94
C GLU A 25 4.54 10.80 -2.40
N ARG A 26 4.02 11.66 -3.31
CA ARG A 26 3.73 13.05 -2.95
C ARG A 26 2.58 13.09 -1.90
N GLN A 27 1.69 12.09 -2.07
CA GLN A 27 0.52 11.99 -1.20
C GLN A 27 0.89 11.43 0.17
N LEU A 28 1.70 10.37 0.11
CA LEU A 28 2.13 9.73 1.35
C LEU A 28 2.92 10.73 2.21
N LEU A 29 3.86 11.43 1.52
CA LEU A 29 4.71 12.43 2.13
C LEU A 29 3.93 13.70 2.52
N ALA A 30 2.62 13.73 2.15
CA ALA A 30 1.76 14.84 2.50
C ALA A 30 1.56 14.89 4.02
N PRO A 31 1.33 16.13 4.55
CA PRO A 31 1.09 16.34 5.97
C PRO A 31 -0.23 15.74 6.52
N MET A 32 -1.00 15.11 5.59
CA MET A 32 -2.24 14.48 5.98
C MET A 32 -2.01 13.20 6.80
N ASN A 33 -0.93 12.49 6.41
CA ASN A 33 -0.54 11.24 7.05
C ASN A 33 0.99 11.17 7.21
N LYS A 34 1.36 10.48 8.30
CA LYS A 34 2.77 10.30 8.65
C LYS A 34 3.04 8.90 9.15
N ALA A 35 4.05 8.35 8.45
CA ALA A 35 4.60 7.01 8.63
C ALA A 35 3.51 5.96 8.79
N GLY A 36 3.27 5.33 7.62
CA GLY A 36 2.25 4.33 7.53
C GLY A 36 1.72 4.40 6.16
N SER A 37 0.81 5.40 6.00
CA SER A 37 0.20 5.85 4.73
C SER A 37 0.53 4.93 3.57
N PHE A 38 -0.47 4.51 2.74
CA PHE A 38 0.00 3.59 1.67
C PHE A 38 -0.61 3.95 0.30
N LEU A 39 0.06 3.35 -0.71
CA LEU A 39 -0.31 3.42 -2.13
C LEU A 39 0.16 2.16 -2.81
N ILE A 40 -0.82 1.32 -3.30
CA ILE A 40 -0.34 0.08 -3.93
C ILE A 40 -0.69 0.35 -5.44
N ARG A 41 0.27 0.98 -6.14
CA ARG A 41 -0.07 1.28 -7.53
C ARG A 41 0.42 0.12 -8.41
N GLU A 42 -0.08 0.11 -9.67
CA GLU A 42 0.29 -0.94 -10.60
C GLU A 42 1.40 -0.51 -11.53
N SER A 43 2.31 -1.46 -11.82
CA SER A 43 3.32 -1.08 -12.82
C SER A 43 2.52 -1.17 -14.14
N GLU A 44 2.46 -0.04 -14.89
CA GLU A 44 1.64 -0.06 -16.11
C GLU A 44 2.23 -0.93 -17.26
N SER A 45 3.26 -1.75 -16.94
CA SER A 45 3.89 -2.59 -17.95
C SER A 45 4.26 -3.98 -17.40
N ASN A 46 3.53 -4.37 -16.34
CA ASN A 46 3.74 -5.65 -15.67
C ASN A 46 2.72 -6.75 -15.98
N LYS A 47 3.16 -7.98 -15.65
CA LYS A 47 2.31 -9.17 -15.66
C LYS A 47 1.31 -9.19 -14.48
N GLY A 48 0.63 -8.05 -14.26
CA GLY A 48 -0.30 -7.99 -13.15
C GLY A 48 0.45 -7.77 -11.83
N ALA A 49 1.48 -6.91 -11.92
CA ALA A 49 2.29 -6.56 -10.74
C ALA A 49 1.78 -5.25 -10.09
N PHE A 50 2.24 -5.07 -8.84
CA PHE A 50 1.90 -3.91 -8.03
C PHE A 50 3.15 -3.45 -7.24
N SER A 51 2.98 -2.28 -6.59
CA SER A 51 4.03 -1.65 -5.80
C SER A 51 3.38 -0.85 -4.65
N LEU A 52 3.76 -1.17 -3.40
CA LEU A 52 3.22 -0.49 -2.20
C LEU A 52 4.31 0.45 -1.62
N SER A 53 3.89 1.72 -1.58
CA SER A 53 4.66 2.85 -1.08
C SER A 53 4.16 3.08 0.34
N VAL A 54 5.13 3.36 1.22
CA VAL A 54 4.77 3.60 2.62
C VAL A 54 5.66 4.74 3.10
N LYS A 55 5.17 5.56 4.03
CA LYS A 55 6.10 6.62 4.43
C LYS A 55 7.13 6.11 5.44
N ASP A 56 8.39 6.47 5.10
CA ASP A 56 9.49 6.16 6.01
C ASP A 56 10.10 7.47 6.47
N ILE A 57 9.83 7.69 7.77
CA ILE A 57 10.32 8.88 8.46
C ILE A 57 11.44 8.46 9.43
N THR A 58 12.55 9.20 9.29
CA THR A 58 13.73 8.99 10.15
C THR A 58 14.26 10.35 10.61
N THR A 59 15.35 10.29 11.42
CA THR A 59 16.02 11.50 11.90
C THR A 59 16.98 12.05 10.82
N GLN A 60 16.60 11.78 9.53
CA GLN A 60 17.44 12.25 8.42
C GLN A 60 16.62 13.06 7.39
N GLY A 61 15.53 12.42 6.92
CA GLY A 61 14.68 13.06 5.93
C GLY A 61 13.41 12.24 5.71
N GLU A 62 12.44 12.94 5.07
CA GLU A 62 11.15 12.38 4.74
C GLU A 62 11.22 11.65 3.40
N VAL A 63 10.92 10.34 3.49
CA VAL A 63 10.93 9.48 2.32
C VAL A 63 9.72 8.54 2.39
N VAL A 64 9.55 7.77 1.29
CA VAL A 64 8.52 6.75 1.22
C VAL A 64 9.29 5.44 1.38
N LYS A 65 8.66 4.37 0.89
CA LYS A 65 9.19 3.03 0.85
C LYS A 65 8.79 2.36 -0.45
N HIS A 66 9.41 1.19 -0.69
CA HIS A 66 9.08 0.41 -1.89
C HIS A 66 9.01 -1.08 -1.50
N TYR A 67 7.79 -1.62 -1.70
CA TYR A 67 7.49 -3.02 -1.46
C TYR A 67 6.70 -3.49 -2.68
N LYS A 68 7.48 -4.00 -3.63
CA LYS A 68 6.97 -4.50 -4.90
C LYS A 68 6.30 -5.87 -4.70
N ILE A 69 4.98 -5.82 -4.90
CA ILE A 69 4.09 -6.98 -4.88
C ILE A 69 4.03 -7.64 -6.25
N ARG A 70 4.32 -8.94 -6.21
CA ARG A 70 4.33 -9.77 -7.40
C ARG A 70 3.00 -10.49 -7.48
N SER A 71 2.81 -11.23 -8.59
CA SER A 71 1.57 -11.94 -8.80
C SER A 71 1.86 -13.37 -9.27
N LEU A 72 1.62 -14.30 -8.32
CA LEU A 72 1.85 -15.71 -8.54
C LEU A 72 0.58 -16.41 -8.98
N ASP A 73 0.82 -17.43 -9.82
CA ASP A 73 -0.26 -18.24 -10.36
C ASP A 73 -1.05 -18.98 -9.28
N ASN A 74 -0.31 -19.28 -8.19
CA ASN A 74 -0.91 -20.02 -7.08
C ASN A 74 -0.36 -19.54 -5.75
N GLY A 75 -0.21 -18.20 -5.73
CA GLY A 75 0.31 -17.54 -4.53
C GLY A 75 -0.14 -16.10 -4.36
N GLY A 76 -1.08 -15.68 -5.23
CA GLY A 76 -1.66 -14.35 -5.19
C GLY A 76 -0.66 -13.21 -5.32
N TYR A 77 -0.19 -12.77 -4.13
CA TYR A 77 0.73 -11.66 -4.04
C TYR A 77 1.76 -12.00 -2.98
N TYR A 78 2.97 -11.46 -3.24
CA TYR A 78 4.08 -11.72 -2.30
C TYR A 78 5.14 -10.60 -2.36
N ILE A 79 5.65 -10.28 -1.13
CA ILE A 79 6.72 -9.23 -1.06
C ILE A 79 7.99 -9.88 -0.49
N SER A 80 7.76 -10.66 0.57
CA SER A 80 8.82 -11.40 1.21
C SER A 80 8.38 -12.84 0.93
N PRO A 81 9.27 -13.65 0.31
CA PRO A 81 8.91 -15.02 -0.04
C PRO A 81 8.65 -15.94 1.16
N ARG A 82 8.80 -15.36 2.37
CA ARG A 82 8.51 -16.08 3.61
C ARG A 82 7.01 -15.96 3.98
N ILE A 83 6.33 -15.05 3.25
CA ILE A 83 4.92 -14.69 3.40
C ILE A 83 4.27 -14.19 2.06
N THR A 84 3.33 -15.05 1.67
CA THR A 84 2.51 -14.91 0.49
C THR A 84 1.04 -14.78 0.92
N PHE A 85 0.23 -14.18 0.03
CA PHE A 85 -1.20 -13.96 0.30
C PHE A 85 -2.01 -14.21 -0.99
N PRO A 86 -3.35 -14.39 -0.86
CA PRO A 86 -4.22 -14.59 -2.03
C PRO A 86 -4.48 -13.28 -2.79
N THR A 87 -4.91 -12.25 -2.03
CA THR A 87 -5.18 -10.95 -2.63
C THR A 87 -4.40 -9.96 -1.81
N LEU A 88 -4.46 -8.71 -2.30
CA LEU A 88 -3.72 -7.75 -1.57
C LEU A 88 -4.45 -7.41 -0.29
N GLN A 89 -5.79 -7.58 -0.19
CA GLN A 89 -6.39 -7.18 1.12
C GLN A 89 -5.91 -8.07 2.27
N ALA A 90 -5.67 -9.35 1.94
CA ALA A 90 -5.21 -10.27 2.98
C ALA A 90 -3.72 -10.03 3.30
N LEU A 91 -3.08 -9.34 2.34
CA LEU A 91 -1.69 -8.96 2.48
C LEU A 91 -1.59 -7.76 3.43
N VAL A 92 -2.49 -6.80 3.17
CA VAL A 92 -2.51 -5.52 3.87
C VAL A 92 -3.01 -5.71 5.34
N GLN A 93 -3.96 -6.65 5.50
CA GLN A 93 -4.58 -7.04 6.77
C GLN A 93 -3.51 -7.61 7.73
N HIS A 94 -2.66 -8.47 7.11
CA HIS A 94 -1.67 -9.17 7.91
C HIS A 94 -0.62 -8.18 8.37
N TYR A 95 -0.16 -7.37 7.37
CA TYR A 95 0.83 -6.36 7.74
C TYR A 95 0.17 -5.23 8.55
N SER A 96 -1.20 -5.22 8.58
CA SER A 96 -1.88 -4.17 9.35
C SER A 96 -1.87 -4.50 10.85
N LYS A 97 -1.37 -5.70 11.23
CA LYS A 97 -1.38 -5.99 12.66
C LYS A 97 0.01 -5.96 13.26
N LYS A 98 0.99 -6.17 12.39
CA LYS A 98 2.33 -6.20 12.86
C LYS A 98 3.22 -5.87 11.65
N GLY A 99 4.42 -5.32 11.97
CA GLY A 99 5.45 -4.98 11.02
C GLY A 99 5.71 -6.16 10.11
N ASP A 100 6.52 -7.08 10.70
CA ASP A 100 6.84 -8.34 10.05
C ASP A 100 7.78 -8.06 8.85
N GLY A 101 9.00 -7.71 9.28
CA GLY A 101 10.10 -7.39 8.39
C GLY A 101 9.82 -6.18 7.48
N LEU A 102 8.70 -5.46 7.73
CA LEU A 102 8.40 -4.30 6.90
C LEU A 102 8.93 -2.98 7.50
N CYS A 103 9.61 -3.07 8.66
CA CYS A 103 10.18 -1.91 9.36
C CYS A 103 9.10 -1.05 10.08
N GLN A 104 7.99 -0.82 9.35
CA GLN A 104 6.85 -0.09 9.82
C GLN A 104 5.70 -0.77 9.13
N LYS A 105 4.85 -1.22 10.05
CA LYS A 105 3.65 -1.92 9.69
C LYS A 105 2.70 -0.92 9.05
N LEU A 106 1.67 -1.54 8.50
CA LEU A 106 0.63 -0.80 7.83
C LEU A 106 -0.34 -0.19 8.88
N THR A 107 -0.37 1.17 8.93
CA THR A 107 -1.20 1.89 9.92
C THR A 107 -2.47 2.47 9.29
N LEU A 108 -2.36 3.64 8.63
CA LEU A 108 -3.57 4.21 8.02
C LEU A 108 -3.35 4.32 6.50
N PRO A 109 -4.40 4.03 5.67
CA PRO A 109 -4.21 4.11 4.22
C PRO A 109 -4.46 5.51 3.66
N CYS A 110 -3.35 6.25 3.85
CA CYS A 110 -3.16 7.63 3.41
C CYS A 110 -4.44 8.48 3.43
N VAL A 111 -5.19 8.40 4.56
CA VAL A 111 -6.47 9.12 4.72
C VAL A 111 -7.38 8.78 3.51
N ASN A 112 -8.25 9.75 3.14
CA ASN A 112 -9.14 9.58 2.00
C ASN A 112 -9.91 10.90 1.79
N LEU A 113 -9.32 11.75 0.93
CA LEU A 113 -9.95 13.03 0.64
C LEU A 113 -11.12 12.82 -0.32
N ALA A 114 -12.34 13.13 0.20
CA ALA A 114 -13.56 12.99 -0.58
C ALA A 114 -13.67 14.13 -1.61
N GLY A 1 -29.77 5.13 -8.37
CA GLY A 1 -30.85 4.66 -7.51
C GLY A 1 -30.92 5.45 -6.21
N SER A 2 -32.08 5.28 -5.54
CA SER A 2 -32.28 5.98 -4.26
C SER A 2 -31.30 5.45 -3.21
N VAL A 3 -31.43 4.12 -2.97
CA VAL A 3 -30.55 3.49 -2.01
C VAL A 3 -29.13 3.38 -2.58
N ALA A 4 -28.17 3.38 -1.65
CA ALA A 4 -26.77 3.26 -2.03
C ALA A 4 -25.91 3.23 -0.75
N PRO A 5 -25.88 2.02 -0.10
CA PRO A 5 -25.13 1.81 1.12
C PRO A 5 -23.62 2.00 0.95
N VAL A 6 -23.10 1.24 -0.04
CA VAL A 6 -21.67 1.29 -0.35
C VAL A 6 -20.87 0.82 0.86
N GLU A 7 -20.96 -0.51 1.07
CA GLU A 7 -20.24 -1.10 2.19
C GLU A 7 -18.76 -1.20 1.89
N THR A 8 -18.49 -2.00 0.81
CA THR A 8 -17.13 -2.22 0.35
C THR A 8 -16.20 -2.73 1.47
N LEU A 9 -14.97 -3.05 1.05
CA LEU A 9 -13.99 -3.50 2.03
C LEU A 9 -13.51 -2.28 2.81
N GLU A 10 -12.80 -1.41 2.06
CA GLU A 10 -12.27 -0.20 2.67
C GLU A 10 -11.88 0.77 1.56
N VAL A 11 -10.81 0.39 0.82
CA VAL A 11 -10.28 1.17 -0.30
C VAL A 11 -10.08 2.66 0.03
N GLU A 12 -9.83 2.91 1.33
CA GLU A 12 -9.64 4.25 1.87
C GLU A 12 -8.22 4.70 1.62
N LYS A 13 -7.96 4.96 0.33
CA LYS A 13 -6.66 5.45 -0.07
C LYS A 13 -5.57 4.44 0.26
N TRP A 14 -5.76 3.27 -0.34
CA TRP A 14 -4.77 2.22 -0.15
C TRP A 14 -4.63 1.47 -1.50
N PHE A 15 -5.79 1.03 -2.06
CA PHE A 15 -5.78 0.36 -3.36
C PHE A 15 -5.87 1.41 -4.48
N PHE A 16 -4.69 1.96 -4.85
CA PHE A 16 -4.61 2.97 -5.91
C PHE A 16 -4.19 2.32 -7.25
N ARG A 17 -4.47 3.05 -8.35
CA ARG A 17 -4.12 2.50 -9.69
C ARG A 17 -2.62 2.70 -9.97
N THR A 18 -2.25 2.81 -11.25
CA THR A 18 -0.86 3.00 -11.60
C THR A 18 -0.59 4.50 -11.66
N ILE A 19 -0.61 5.04 -10.43
CA ILE A 19 -0.27 6.44 -10.30
C ILE A 19 1.23 6.53 -10.50
N SER A 20 1.65 7.75 -10.88
CA SER A 20 3.08 7.94 -11.07
C SER A 20 3.79 7.69 -9.74
N ARG A 21 5.08 7.37 -9.90
CA ARG A 21 5.91 7.08 -8.73
C ARG A 21 5.93 8.31 -7.81
N LYS A 22 6.36 9.41 -8.45
CA LYS A 22 6.40 10.69 -7.75
C LYS A 22 5.01 11.16 -7.28
N ASP A 23 3.96 10.56 -7.90
CA ASP A 23 2.62 10.98 -7.57
C ASP A 23 2.17 10.38 -6.24
N ALA A 24 2.10 9.06 -6.27
CA ALA A 24 1.71 8.30 -5.07
C ALA A 24 2.55 8.76 -3.83
N GLU A 25 3.85 9.00 -4.11
CA GLU A 25 4.76 9.44 -3.07
C GLU A 25 4.33 10.82 -2.55
N ARG A 26 3.78 11.66 -3.45
CA ARG A 26 3.35 13.00 -3.06
C ARG A 26 2.20 12.94 -2.03
N GLN A 27 1.48 11.81 -2.11
CA GLN A 27 0.33 11.61 -1.22
C GLN A 27 0.79 11.26 0.19
N LEU A 28 1.55 10.14 0.26
CA LEU A 28 2.06 9.72 1.55
C LEU A 28 2.99 10.78 2.18
N LEU A 29 3.72 11.50 1.29
CA LEU A 29 4.65 12.52 1.75
C LEU A 29 3.96 13.74 2.36
N ALA A 30 2.61 13.74 2.29
CA ALA A 30 1.85 14.83 2.89
C ALA A 30 2.03 14.77 4.42
N PRO A 31 2.10 15.98 5.07
CA PRO A 31 2.28 16.04 6.51
C PRO A 31 1.04 15.58 7.32
N MET A 32 -0.04 15.29 6.56
CA MET A 32 -1.25 14.79 7.18
C MET A 32 -1.13 13.33 7.62
N ASN A 33 -0.13 12.66 7.04
CA ASN A 33 0.12 11.26 7.37
C ASN A 33 1.62 10.94 7.38
N LYS A 34 1.91 9.74 7.94
CA LYS A 34 3.29 9.29 8.05
C LYS A 34 3.36 7.77 7.94
N ALA A 35 4.47 7.22 8.48
CA ALA A 35 4.75 5.77 8.44
C ALA A 35 3.49 4.97 8.80
N GLY A 36 2.98 4.27 7.75
CA GLY A 36 1.77 3.47 7.93
C GLY A 36 0.80 3.65 6.77
N SER A 37 0.70 4.92 6.32
CA SER A 37 -0.08 5.21 5.13
C SER A 37 0.67 4.55 3.97
N PHE A 38 -0.14 3.79 3.20
CA PHE A 38 0.43 3.05 2.06
C PHE A 38 -0.47 3.29 0.82
N LEU A 39 0.05 2.75 -0.31
CA LEU A 39 -0.62 2.80 -1.61
C LEU A 39 -0.12 1.59 -2.38
N ILE A 40 -1.03 0.87 -3.11
CA ILE A 40 -0.47 -0.29 -3.79
C ILE A 40 -0.73 0.09 -5.27
N ARG A 41 0.32 0.62 -5.93
CA ARG A 41 0.07 1.02 -7.29
C ARG A 41 0.42 -0.17 -8.19
N GLU A 42 -0.18 -0.16 -9.39
CA GLU A 42 0.08 -1.26 -10.31
C GLU A 42 1.23 -0.91 -11.24
N SER A 43 2.08 -1.90 -11.52
CA SER A 43 3.17 -1.58 -12.43
C SER A 43 2.57 -1.55 -13.86
N GLU A 44 2.56 -0.34 -14.47
CA GLU A 44 2.03 -0.18 -15.82
C GLU A 44 3.02 -0.68 -16.89
N SER A 45 3.51 -1.89 -16.64
CA SER A 45 4.45 -2.54 -17.53
C SER A 45 4.18 -4.05 -17.57
N ASN A 46 3.89 -4.60 -16.37
CA ASN A 46 3.61 -6.02 -16.22
C ASN A 46 2.11 -6.25 -15.96
N LYS A 47 1.53 -7.16 -16.76
CA LYS A 47 0.13 -7.56 -16.64
C LYS A 47 -0.16 -8.39 -15.38
N GLY A 48 0.06 -7.78 -14.20
CA GLY A 48 -0.22 -8.50 -12.98
C GLY A 48 0.63 -8.13 -11.77
N ALA A 49 1.71 -7.36 -12.03
CA ALA A 49 2.58 -6.99 -10.88
C ALA A 49 2.19 -5.58 -10.38
N PHE A 50 2.52 -5.34 -9.08
CA PHE A 50 2.19 -4.06 -8.42
C PHE A 50 3.45 -3.58 -7.66
N SER A 51 3.21 -2.55 -6.82
CA SER A 51 4.23 -1.94 -5.97
C SER A 51 3.53 -1.45 -4.68
N LEU A 52 4.33 -1.09 -3.66
CA LEU A 52 3.74 -0.64 -2.39
C LEU A 52 4.61 0.50 -1.78
N SER A 53 3.93 1.67 -1.59
CA SER A 53 4.54 2.88 -1.06
C SER A 53 4.24 3.01 0.40
N VAL A 54 5.28 3.36 1.17
CA VAL A 54 5.06 3.54 2.60
C VAL A 54 5.90 4.72 3.03
N LYS A 55 5.41 5.47 4.05
CA LYS A 55 6.28 6.60 4.39
C LYS A 55 7.43 6.13 5.32
N ASP A 56 8.69 6.35 4.83
CA ASP A 56 9.77 5.93 5.71
C ASP A 56 10.28 7.19 6.40
N ILE A 57 10.53 6.94 7.71
CA ILE A 57 10.99 8.00 8.60
C ILE A 57 12.46 7.77 8.96
N THR A 58 13.26 8.77 8.54
CA THR A 58 14.71 8.78 8.79
C THR A 58 15.15 10.17 9.29
N THR A 59 16.35 10.16 9.90
CA THR A 59 16.99 11.38 10.41
C THR A 59 17.39 12.35 9.27
N GLN A 60 17.08 11.97 8.00
CA GLN A 60 17.48 12.81 6.88
C GLN A 60 16.31 13.00 5.90
N GLY A 61 15.32 13.74 6.45
CA GLY A 61 14.14 14.05 5.66
C GLY A 61 13.19 12.85 5.62
N GLU A 62 11.88 13.19 5.56
CA GLU A 62 10.88 12.14 5.50
C GLU A 62 10.73 11.70 4.03
N VAL A 63 10.64 10.37 3.85
CA VAL A 63 10.55 9.82 2.51
C VAL A 63 9.49 8.73 2.45
N VAL A 64 9.43 8.07 1.27
CA VAL A 64 8.53 6.94 1.06
C VAL A 64 9.41 5.69 1.00
N LYS A 65 8.81 4.60 0.53
CA LYS A 65 9.41 3.28 0.28
C LYS A 65 8.80 2.62 -0.97
N HIS A 66 9.45 1.54 -1.48
CA HIS A 66 8.91 0.81 -2.61
C HIS A 66 9.17 -0.71 -2.44
N TYR A 67 8.06 -1.47 -2.18
CA TYR A 67 8.18 -2.92 -2.00
C TYR A 67 7.56 -3.58 -3.26
N LYS A 68 8.36 -4.51 -3.82
CA LYS A 68 8.01 -5.26 -5.02
C LYS A 68 7.07 -6.45 -4.75
N ILE A 69 5.81 -6.23 -5.18
CA ILE A 69 4.76 -7.27 -5.18
C ILE A 69 4.70 -8.00 -6.52
N ARG A 70 4.84 -9.35 -6.39
CA ARG A 70 4.78 -10.20 -7.58
C ARG A 70 3.38 -10.78 -7.66
N SER A 71 3.18 -11.56 -8.75
CA SER A 71 1.87 -12.17 -8.95
C SER A 71 2.07 -13.63 -9.32
N LEU A 72 1.80 -14.44 -8.28
CA LEU A 72 1.94 -15.88 -8.38
C LEU A 72 0.60 -16.49 -8.71
N ASP A 73 0.64 -17.20 -9.85
CA ASP A 73 -0.57 -17.88 -10.31
C ASP A 73 -1.04 -18.99 -9.32
N ASN A 74 -0.06 -19.49 -8.54
CA ASN A 74 -0.30 -20.54 -7.57
C ASN A 74 -0.58 -20.01 -6.14
N GLY A 75 -0.62 -18.67 -6.04
CA GLY A 75 -0.85 -18.03 -4.75
C GLY A 75 -1.69 -16.80 -4.86
N GLY A 76 -0.95 -15.74 -5.17
CA GLY A 76 -1.51 -14.41 -5.35
C GLY A 76 -0.47 -13.28 -5.48
N TYR A 77 0.00 -12.82 -4.30
CA TYR A 77 0.96 -11.72 -4.24
C TYR A 77 1.96 -12.03 -3.13
N TYR A 78 3.17 -11.51 -3.36
CA TYR A 78 4.23 -11.75 -2.36
C TYR A 78 5.27 -10.63 -2.40
N ILE A 79 5.66 -10.22 -1.17
CA ILE A 79 6.68 -9.11 -1.12
C ILE A 79 7.98 -9.71 -0.59
N SER A 80 7.81 -10.46 0.53
CA SER A 80 8.94 -11.13 1.14
C SER A 80 8.53 -12.57 0.89
N PRO A 81 9.46 -13.35 0.28
CA PRO A 81 9.14 -14.73 -0.09
C PRO A 81 8.86 -15.67 1.08
N ARG A 82 9.06 -15.13 2.30
CA ARG A 82 8.77 -15.94 3.49
C ARG A 82 7.24 -15.90 3.80
N ILE A 83 6.53 -15.03 3.04
CA ILE A 83 5.10 -14.81 3.16
C ILE A 83 4.41 -14.30 1.84
N THR A 84 3.47 -15.20 1.47
CA THR A 84 2.62 -15.04 0.31
C THR A 84 1.16 -14.83 0.75
N PHE A 85 0.37 -14.26 -0.20
CA PHE A 85 -1.06 -13.99 0.03
C PHE A 85 -1.80 -14.33 -1.28
N PRO A 86 -3.17 -14.31 -1.22
CA PRO A 86 -3.94 -14.58 -2.44
C PRO A 86 -4.32 -13.27 -3.16
N THR A 87 -4.55 -12.22 -2.35
CA THR A 87 -4.88 -10.92 -2.93
C THR A 87 -4.13 -9.92 -2.07
N LEU A 88 -4.19 -8.66 -2.55
CA LEU A 88 -3.49 -7.67 -1.79
C LEU A 88 -4.28 -7.37 -0.53
N GLN A 89 -5.62 -7.50 -0.53
CA GLN A 89 -6.29 -7.17 0.75
C GLN A 89 -5.90 -8.14 1.89
N ALA A 90 -5.72 -9.44 1.53
CA ALA A 90 -5.32 -10.40 2.57
C ALA A 90 -3.86 -10.17 2.98
N LEU A 91 -3.12 -9.52 2.06
CA LEU A 91 -1.75 -9.17 2.32
C LEU A 91 -1.70 -7.96 3.27
N VAL A 92 -2.63 -7.03 3.01
CA VAL A 92 -2.69 -5.78 3.75
C VAL A 92 -3.22 -5.97 5.18
N GLN A 93 -4.15 -6.94 5.33
CA GLN A 93 -4.83 -7.27 6.58
C GLN A 93 -3.78 -7.74 7.62
N HIS A 94 -2.86 -8.59 7.11
CA HIS A 94 -1.83 -9.16 7.99
C HIS A 94 -0.83 -8.06 8.36
N TYR A 95 -0.42 -7.33 7.31
CA TYR A 95 0.48 -6.20 7.52
C TYR A 95 -0.22 -5.03 8.21
N SER A 96 -1.56 -5.12 8.39
CA SER A 96 -2.22 -3.96 9.02
C SER A 96 -1.99 -3.99 10.55
N LYS A 97 -2.16 -5.18 11.17
CA LYS A 97 -1.98 -5.29 12.62
C LYS A 97 -0.63 -5.91 13.02
N LYS A 98 0.10 -6.42 12.01
CA LYS A 98 1.37 -6.98 12.29
C LYS A 98 2.23 -6.89 11.02
N GLY A 99 3.10 -5.85 11.09
CA GLY A 99 4.01 -5.61 9.97
C GLY A 99 4.93 -6.80 9.71
N ASP A 100 5.33 -7.45 10.83
CA ASP A 100 6.15 -8.64 10.67
C ASP A 100 7.48 -8.42 9.88
N GLY A 101 8.02 -7.21 10.10
CA GLY A 101 9.28 -6.86 9.43
C GLY A 101 9.13 -5.90 8.25
N LEU A 102 7.96 -5.21 8.19
CA LEU A 102 7.78 -4.25 7.09
C LEU A 102 8.30 -2.86 7.47
N CYS A 103 9.09 -2.78 8.57
CA CYS A 103 9.66 -1.54 9.08
C CYS A 103 8.61 -0.71 9.85
N GLN A 104 7.45 -0.52 9.18
CA GLN A 104 6.36 0.26 9.71
C GLN A 104 5.09 -0.28 9.08
N LYS A 105 4.38 -0.97 9.97
CA LYS A 105 3.11 -1.55 9.65
C LYS A 105 2.12 -0.40 9.40
N LEU A 106 0.94 -0.83 8.96
CA LEU A 106 -0.09 0.13 8.59
C LEU A 106 -0.82 0.72 9.80
N THR A 107 -1.07 2.03 9.65
CA THR A 107 -1.78 2.77 10.68
C THR A 107 -3.03 3.43 10.10
N LEU A 108 -2.73 4.34 9.15
CA LEU A 108 -3.78 5.06 8.47
C LEU A 108 -3.40 5.13 7.00
N PRO A 109 -4.22 4.50 6.09
CA PRO A 109 -3.93 4.47 4.64
C PRO A 109 -4.24 5.82 3.96
N CYS A 110 -3.43 6.80 4.34
CA CYS A 110 -3.50 8.15 3.81
C CYS A 110 -4.93 8.77 3.87
N VAL A 111 -4.91 10.10 3.91
CA VAL A 111 -6.16 10.84 3.91
C VAL A 111 -6.69 10.89 2.47
N ASN A 112 -8.02 11.04 2.40
CA ASN A 112 -8.69 11.16 1.12
C ASN A 112 -8.21 12.39 0.34
N LEU A 113 -8.76 13.56 0.69
CA LEU A 113 -8.35 14.79 0.05
C LEU A 113 -6.90 15.17 0.46
N ALA A 114 -5.95 14.60 -0.31
CA ALA A 114 -4.53 14.87 -0.06
C ALA A 114 -4.23 16.38 -0.25
N GLY A 1 -33.61 -7.97 11.15
CA GLY A 1 -33.79 -7.30 9.87
C GLY A 1 -32.57 -6.47 9.48
N SER A 2 -32.87 -5.42 8.69
CA SER A 2 -31.79 -4.56 8.25
C SER A 2 -32.37 -3.22 7.79
N VAL A 3 -32.54 -2.35 8.80
CA VAL A 3 -33.06 -1.01 8.53
C VAL A 3 -31.97 -0.16 7.86
N ALA A 4 -30.91 0.06 8.67
CA ALA A 4 -29.80 0.85 8.18
C ALA A 4 -28.96 0.01 7.19
N PRO A 5 -28.33 0.71 6.21
CA PRO A 5 -27.48 0.07 5.21
C PRO A 5 -26.27 -0.64 5.85
N VAL A 6 -25.88 -1.74 5.19
CA VAL A 6 -24.74 -2.51 5.66
C VAL A 6 -23.43 -1.79 5.25
N GLU A 7 -22.93 -1.00 6.23
CA GLU A 7 -21.70 -0.26 5.98
C GLU A 7 -20.50 -1.21 5.91
N THR A 8 -19.50 -0.75 5.12
CA THR A 8 -18.30 -1.57 4.95
C THR A 8 -17.17 -0.74 4.27
N LEU A 9 -15.93 -1.12 4.63
CA LEU A 9 -14.78 -0.44 4.03
C LEU A 9 -14.61 -0.90 2.59
N GLU A 10 -14.12 0.04 1.77
CA GLU A 10 -13.93 -0.25 0.36
C GLU A 10 -13.34 0.99 -0.31
N VAL A 11 -12.71 0.74 -1.49
CA VAL A 11 -12.10 1.80 -2.33
C VAL A 11 -11.33 2.86 -1.53
N GLU A 12 -10.62 2.33 -0.53
CA GLU A 12 -9.81 3.13 0.38
C GLU A 12 -8.53 3.51 -0.29
N LYS A 13 -7.93 4.52 0.36
CA LYS A 13 -6.66 5.06 -0.04
C LYS A 13 -5.51 4.07 0.24
N TRP A 14 -5.62 2.90 -0.38
CA TRP A 14 -4.58 1.88 -0.27
C TRP A 14 -4.46 1.17 -1.63
N PHE A 15 -5.62 0.67 -2.14
CA PHE A 15 -5.64 -0.02 -3.43
C PHE A 15 -5.88 0.99 -4.57
N PHE A 16 -4.76 1.64 -4.97
CA PHE A 16 -4.81 2.64 -6.06
C PHE A 16 -4.36 1.94 -7.35
N ARG A 17 -4.63 2.63 -8.48
CA ARG A 17 -4.26 2.07 -9.77
C ARG A 17 -2.80 2.38 -10.06
N THR A 18 -2.52 2.73 -11.31
CA THR A 18 -1.18 3.04 -11.71
C THR A 18 -0.96 4.55 -11.67
N ILE A 19 -0.93 5.06 -10.43
CA ILE A 19 -0.64 6.47 -10.26
C ILE A 19 0.85 6.65 -10.54
N SER A 20 1.22 7.92 -10.78
CA SER A 20 2.64 8.12 -11.01
C SER A 20 3.40 7.77 -9.73
N ARG A 21 4.68 7.49 -9.98
CA ARG A 21 5.56 7.11 -8.87
C ARG A 21 5.61 8.24 -7.86
N LYS A 22 6.04 9.38 -8.38
CA LYS A 22 6.14 10.57 -7.54
C LYS A 22 4.80 11.00 -6.95
N ASP A 23 3.71 10.44 -7.51
CA ASP A 23 2.39 10.83 -7.06
C ASP A 23 2.05 10.19 -5.72
N ALA A 24 2.00 8.85 -5.77
CA ALA A 24 1.73 8.06 -4.57
C ALA A 24 2.64 8.51 -3.39
N GLU A 25 3.90 8.83 -3.77
CA GLU A 25 4.89 9.33 -2.84
C GLU A 25 4.50 10.72 -2.29
N ARG A 26 3.97 11.59 -3.18
CA ARG A 26 3.61 12.98 -2.79
C ARG A 26 2.50 12.99 -1.73
N GLN A 27 1.63 11.97 -1.85
CA GLN A 27 0.49 11.90 -0.93
C GLN A 27 0.94 11.46 0.46
N LEU A 28 1.71 10.33 0.45
CA LEU A 28 2.21 9.80 1.70
C LEU A 28 3.14 10.80 2.40
N LEU A 29 3.99 11.48 1.58
CA LEU A 29 4.94 12.44 2.13
C LEU A 29 4.24 13.71 2.66
N ALA A 30 2.92 13.82 2.41
CA ALA A 30 2.17 14.95 2.89
C ALA A 30 2.15 14.93 4.43
N PRO A 31 2.15 16.13 5.05
CA PRO A 31 2.12 16.24 6.51
C PRO A 31 0.79 15.77 7.14
N MET A 32 -0.16 15.45 6.26
CA MET A 32 -1.44 14.94 6.69
C MET A 32 -1.41 13.51 7.22
N ASN A 33 -0.47 12.71 6.67
CA ASN A 33 -0.37 11.29 7.02
C ASN A 33 1.09 10.82 7.05
N LYS A 34 1.46 10.26 8.22
CA LYS A 34 2.81 9.75 8.44
C LYS A 34 2.91 8.23 8.21
N ALA A 35 4.14 7.70 8.47
CA ALA A 35 4.52 6.30 8.36
C ALA A 35 3.34 5.39 8.75
N GLY A 36 2.82 4.73 7.69
CA GLY A 36 1.65 3.88 7.86
C GLY A 36 0.69 4.02 6.70
N SER A 37 0.64 5.26 6.17
CA SER A 37 -0.11 5.55 4.97
C SER A 37 0.64 4.79 3.84
N PHE A 38 -0.18 4.07 3.02
CA PHE A 38 0.42 3.28 1.95
C PHE A 38 -0.36 3.53 0.63
N LEU A 39 0.30 3.04 -0.45
CA LEU A 39 -0.14 3.09 -1.83
C LEU A 39 0.38 1.88 -2.56
N ILE A 40 -0.57 1.04 -3.09
CA ILE A 40 -0.07 -0.15 -3.77
C ILE A 40 -0.45 0.18 -5.25
N ARG A 41 0.48 0.88 -5.94
CA ARG A 41 0.09 1.25 -7.29
C ARG A 41 0.50 0.09 -8.20
N GLU A 42 -0.09 0.11 -9.42
CA GLU A 42 0.17 -0.94 -10.39
C GLU A 42 1.22 -0.51 -11.40
N SER A 43 2.13 -1.45 -11.77
CA SER A 43 3.07 -1.06 -12.83
C SER A 43 2.23 -1.09 -14.13
N GLU A 44 2.08 0.06 -14.79
CA GLU A 44 1.25 0.10 -16.02
C GLU A 44 1.90 -0.62 -17.23
N SER A 45 2.92 -1.45 -16.95
CA SER A 45 3.60 -2.20 -17.99
C SER A 45 4.07 -3.58 -17.50
N ASN A 46 3.37 -4.09 -16.48
CA ASN A 46 3.69 -5.39 -15.88
C ASN A 46 2.74 -6.53 -16.27
N LYS A 47 3.27 -7.74 -16.01
CA LYS A 47 2.49 -8.97 -16.11
C LYS A 47 1.48 -9.13 -14.95
N GLY A 48 0.81 -8.03 -14.58
CA GLY A 48 -0.11 -8.11 -13.46
C GLY A 48 0.64 -7.92 -12.12
N ALA A 49 1.64 -7.00 -12.19
CA ALA A 49 2.45 -6.67 -11.00
C ALA A 49 1.93 -5.42 -10.28
N PHE A 50 2.50 -5.21 -9.08
CA PHE A 50 2.14 -4.06 -8.28
C PHE A 50 3.41 -3.55 -7.54
N SER A 51 3.24 -2.38 -6.88
CA SER A 51 4.30 -1.71 -6.13
C SER A 51 3.69 -0.99 -4.92
N LEU A 52 4.38 -1.08 -3.76
CA LEU A 52 3.85 -0.44 -2.53
C LEU A 52 4.79 0.71 -2.04
N SER A 53 4.12 1.75 -1.52
CA SER A 53 4.73 2.96 -0.99
C SER A 53 4.35 3.14 0.47
N VAL A 54 5.34 3.54 1.29
CA VAL A 54 5.04 3.78 2.70
C VAL A 54 5.85 4.98 3.13
N LYS A 55 5.31 5.82 4.03
CA LYS A 55 6.17 6.95 4.36
C LYS A 55 7.24 6.54 5.36
N ASP A 56 8.51 6.53 4.92
CA ASP A 56 9.53 6.13 5.86
C ASP A 56 10.11 7.42 6.39
N ILE A 57 10.26 7.38 7.74
CA ILE A 57 10.71 8.56 8.46
C ILE A 57 11.87 8.21 9.39
N THR A 58 13.02 8.84 9.06
CA THR A 58 14.24 8.65 9.84
C THR A 58 14.82 10.02 10.16
N THR A 59 15.82 9.97 11.08
CA THR A 59 16.54 11.17 11.49
C THR A 59 17.26 11.87 10.32
N GLN A 60 17.16 11.30 9.09
CA GLN A 60 17.86 11.88 7.95
C GLN A 60 16.90 12.80 7.18
N GLY A 61 15.82 12.18 6.68
CA GLY A 61 14.84 12.95 5.95
C GLY A 61 13.53 12.17 5.82
N GLU A 62 12.52 12.91 5.32
CA GLU A 62 11.20 12.36 5.09
C GLU A 62 11.14 11.71 3.70
N VAL A 63 10.88 10.39 3.67
CA VAL A 63 10.83 9.67 2.40
C VAL A 63 9.66 8.70 2.40
N VAL A 64 9.63 7.91 1.31
CA VAL A 64 8.63 6.87 1.13
C VAL A 64 9.38 5.53 1.23
N LYS A 65 8.72 4.50 0.74
CA LYS A 65 9.26 3.14 0.68
C LYS A 65 8.88 2.57 -0.66
N HIS A 66 9.64 1.53 -1.07
CA HIS A 66 9.31 0.94 -2.35
C HIS A 66 9.53 -0.59 -2.31
N TYR A 67 8.40 -1.32 -2.11
CA TYR A 67 8.45 -2.79 -2.09
C TYR A 67 7.93 -3.23 -3.48
N LYS A 68 7.59 -4.53 -3.62
CA LYS A 68 7.14 -5.02 -4.91
C LYS A 68 6.38 -6.37 -4.82
N ILE A 69 5.08 -6.22 -5.07
CA ILE A 69 4.13 -7.32 -5.10
C ILE A 69 4.01 -7.91 -6.51
N ARG A 70 4.38 -9.19 -6.58
CA ARG A 70 4.29 -9.93 -7.83
C ARG A 70 2.98 -10.72 -7.81
N SER A 71 2.78 -11.47 -8.90
CA SER A 71 1.56 -12.25 -9.04
C SER A 71 1.93 -13.66 -9.48
N LEU A 72 1.62 -14.58 -8.56
CA LEU A 72 1.87 -15.99 -8.72
C LEU A 72 0.62 -16.70 -9.23
N ASP A 73 0.92 -17.69 -10.09
CA ASP A 73 -0.18 -18.49 -10.63
C ASP A 73 -0.92 -19.30 -9.54
N ASN A 74 -0.15 -19.57 -8.46
CA ASN A 74 -0.69 -20.36 -7.35
C ASN A 74 -0.20 -19.81 -5.99
N GLY A 75 -0.21 -18.47 -5.94
CA GLY A 75 0.23 -17.80 -4.73
C GLY A 75 -0.28 -16.37 -4.53
N GLY A 76 -1.15 -15.95 -5.45
CA GLY A 76 -1.72 -14.61 -5.36
C GLY A 76 -0.70 -13.49 -5.51
N TYR A 77 -0.19 -13.04 -4.34
CA TYR A 77 0.76 -11.94 -4.27
C TYR A 77 1.77 -12.23 -3.18
N TYR A 78 3.01 -11.76 -3.47
CA TYR A 78 4.06 -11.98 -2.45
C TYR A 78 5.15 -10.92 -2.52
N ILE A 79 5.65 -10.58 -1.29
CA ILE A 79 6.73 -9.54 -1.25
C ILE A 79 8.00 -10.16 -0.60
N SER A 80 7.74 -10.86 0.52
CA SER A 80 8.78 -11.53 1.26
C SER A 80 8.35 -12.98 1.08
N PRO A 81 9.23 -13.80 0.46
CA PRO A 81 8.86 -15.18 0.13
C PRO A 81 8.52 -16.07 1.33
N ARG A 82 8.82 -15.54 2.54
CA ARG A 82 8.46 -16.31 3.73
C ARG A 82 6.94 -16.13 4.05
N ILE A 83 6.28 -15.27 3.23
CA ILE A 83 4.87 -14.89 3.33
C ILE A 83 4.21 -14.48 1.96
N THR A 84 3.20 -15.34 1.66
CA THR A 84 2.46 -15.13 0.42
C THR A 84 0.96 -14.96 0.82
N PHE A 85 0.16 -14.37 -0.10
CA PHE A 85 -1.28 -14.16 0.16
C PHE A 85 -2.06 -14.38 -1.16
N PRO A 86 -3.40 -14.65 -1.09
CA PRO A 86 -4.20 -14.85 -2.31
C PRO A 86 -4.44 -13.53 -3.06
N THR A 87 -4.79 -12.49 -2.29
CA THR A 87 -5.03 -11.20 -2.91
C THR A 87 -4.27 -10.19 -2.08
N LEU A 88 -4.29 -8.96 -2.60
CA LEU A 88 -3.55 -7.95 -1.89
C LEU A 88 -4.28 -7.58 -0.62
N GLN A 89 -5.62 -7.70 -0.56
CA GLN A 89 -6.26 -7.29 0.72
C GLN A 89 -5.88 -8.23 1.87
N ALA A 90 -5.78 -9.53 1.53
CA ALA A 90 -5.36 -10.46 2.57
C ALA A 90 -3.87 -10.23 2.94
N LEU A 91 -3.15 -9.56 2.02
CA LEU A 91 -1.74 -9.21 2.25
C LEU A 91 -1.64 -8.00 3.19
N VAL A 92 -2.52 -7.03 2.90
CA VAL A 92 -2.59 -5.75 3.59
C VAL A 92 -3.13 -5.95 5.02
N GLN A 93 -4.03 -6.94 5.17
CA GLN A 93 -4.66 -7.34 6.43
C GLN A 93 -3.56 -7.80 7.41
N HIS A 94 -2.64 -8.62 6.86
CA HIS A 94 -1.61 -9.19 7.73
C HIS A 94 -0.69 -8.07 8.20
N TYR A 95 -0.30 -7.25 7.21
CA TYR A 95 0.55 -6.10 7.54
C TYR A 95 -0.27 -5.00 8.28
N SER A 96 -1.62 -5.17 8.34
CA SER A 96 -2.43 -4.15 9.04
C SER A 96 -2.40 -4.35 10.56
N LYS A 97 -1.79 -5.46 11.03
CA LYS A 97 -1.75 -5.63 12.48
C LYS A 97 -0.38 -5.46 13.05
N LYS A 98 0.61 -5.69 12.22
CA LYS A 98 1.97 -5.45 12.68
C LYS A 98 2.80 -5.12 11.45
N GLY A 99 4.12 -5.09 11.66
CA GLY A 99 5.00 -4.77 10.56
C GLY A 99 5.58 -6.00 9.95
N ASP A 100 6.32 -6.74 10.81
CA ASP A 100 6.98 -7.98 10.44
C ASP A 100 8.32 -7.77 9.72
N GLY A 101 8.27 -6.79 8.83
CA GLY A 101 9.46 -6.49 8.07
C GLY A 101 9.30 -5.30 7.16
N LEU A 102 8.10 -4.64 7.22
CA LEU A 102 7.92 -3.52 6.33
C LEU A 102 8.41 -2.16 6.94
N CYS A 103 9.35 -2.21 7.91
CA CYS A 103 9.88 -1.05 8.67
C CYS A 103 8.87 -0.60 9.76
N GLN A 104 7.58 -0.61 9.37
CA GLN A 104 6.51 -0.18 10.23
C GLN A 104 5.37 -1.09 9.84
N LYS A 105 4.19 -0.51 9.74
CA LYS A 105 2.99 -1.23 9.40
C LYS A 105 1.91 -0.20 9.08
N LEU A 106 0.71 -0.74 8.76
CA LEU A 106 -0.39 0.12 8.38
C LEU A 106 -1.11 0.75 9.59
N THR A 107 -1.08 2.09 9.58
CA THR A 107 -1.76 2.85 10.62
C THR A 107 -2.94 3.60 10.02
N LEU A 108 -2.58 4.50 9.07
CA LEU A 108 -3.61 5.26 8.36
C LEU A 108 -3.25 5.30 6.88
N PRO A 109 -4.00 4.58 5.98
CA PRO A 109 -3.78 4.51 4.51
C PRO A 109 -4.01 5.83 3.76
N CYS A 110 -3.32 6.87 4.21
CA CYS A 110 -3.43 8.19 3.59
C CYS A 110 -4.87 8.75 3.71
N VAL A 111 -4.94 10.08 3.68
CA VAL A 111 -6.23 10.76 3.75
C VAL A 111 -6.89 10.65 2.37
N ASN A 112 -8.22 10.68 2.41
CA ASN A 112 -9.00 10.62 1.16
C ASN A 112 -8.77 11.90 0.33
N LEU A 113 -9.86 12.50 -0.18
CA LEU A 113 -9.74 13.72 -0.97
C LEU A 113 -8.84 13.52 -2.19
N ALA A 114 -9.43 12.84 -3.20
CA ALA A 114 -8.67 12.60 -4.42
C ALA A 114 -8.58 13.89 -5.26
N GLY A 1 -12.32 -1.69 15.73
CA GLY A 1 -12.97 -2.38 16.84
C GLY A 1 -14.47 -2.44 16.65
N SER A 2 -15.14 -3.00 17.68
CA SER A 2 -16.59 -3.14 17.65
C SER A 2 -17.01 -4.11 16.52
N VAL A 3 -18.33 -4.28 16.44
CA VAL A 3 -18.87 -5.13 15.39
C VAL A 3 -18.66 -4.43 14.04
N ALA A 4 -18.64 -5.28 12.99
CA ALA A 4 -18.44 -4.76 11.65
C ALA A 4 -18.96 -5.80 10.65
N PRO A 5 -20.28 -5.70 10.32
CA PRO A 5 -20.90 -6.61 9.36
C PRO A 5 -20.30 -6.47 7.96
N VAL A 6 -20.36 -5.22 7.47
CA VAL A 6 -19.85 -4.90 6.14
C VAL A 6 -19.13 -3.55 6.20
N GLU A 7 -17.81 -3.64 5.89
CA GLU A 7 -16.96 -2.45 5.86
C GLU A 7 -17.42 -1.51 4.74
N THR A 8 -17.20 -0.21 5.03
CA THR A 8 -17.63 0.81 4.09
C THR A 8 -16.71 2.06 4.16
N LEU A 9 -16.76 2.71 5.34
CA LEU A 9 -15.94 3.90 5.58
C LEU A 9 -14.52 3.48 5.98
N GLU A 10 -13.62 4.48 5.94
CA GLU A 10 -12.22 4.27 6.32
C GLU A 10 -11.57 3.16 5.47
N VAL A 11 -11.63 3.37 4.13
CA VAL A 11 -11.04 2.39 3.21
C VAL A 11 -11.16 2.89 1.76
N GLU A 12 -10.39 3.95 1.48
CA GLU A 12 -10.42 4.58 0.16
C GLU A 12 -9.20 5.37 -0.12
N LYS A 13 -8.04 4.73 0.17
CA LYS A 13 -6.71 5.25 -0.03
C LYS A 13 -5.65 4.21 0.26
N TRP A 14 -5.82 3.08 -0.41
CA TRP A 14 -4.80 2.04 -0.29
C TRP A 14 -4.68 1.31 -1.64
N PHE A 15 -5.85 0.81 -2.16
CA PHE A 15 -5.88 0.13 -3.45
C PHE A 15 -6.06 1.18 -4.58
N PHE A 16 -4.93 1.78 -4.95
CA PHE A 16 -4.92 2.82 -5.99
C PHE A 16 -4.49 2.18 -7.32
N ARG A 17 -4.66 2.99 -8.38
CA ARG A 17 -4.32 2.52 -9.73
C ARG A 17 -2.81 2.67 -9.97
N THR A 18 -2.42 2.85 -11.23
CA THR A 18 -1.01 3.01 -11.52
C THR A 18 -0.69 4.51 -11.56
N ILE A 19 -0.71 5.05 -10.33
CA ILE A 19 -0.36 6.45 -10.16
C ILE A 19 1.15 6.52 -10.34
N SER A 20 1.59 7.71 -10.75
CA SER A 20 3.02 7.84 -10.96
C SER A 20 3.73 7.63 -9.60
N ARG A 21 5.02 7.34 -9.73
CA ARG A 21 5.84 7.09 -8.54
C ARG A 21 5.85 8.31 -7.62
N LYS A 22 6.27 9.43 -8.24
CA LYS A 22 6.30 10.69 -7.50
C LYS A 22 4.93 11.15 -7.00
N ASP A 23 3.89 10.52 -7.59
CA ASP A 23 2.54 10.91 -7.24
C ASP A 23 2.14 10.30 -5.89
N ALA A 24 2.14 8.96 -5.88
CA ALA A 24 1.81 8.21 -4.66
C ALA A 24 2.69 8.68 -3.48
N GLU A 25 3.95 9.01 -3.84
CA GLU A 25 4.92 9.53 -2.88
C GLU A 25 4.46 10.91 -2.36
N ARG A 26 3.88 11.73 -3.26
CA ARG A 26 3.43 13.09 -2.89
C ARG A 26 2.33 13.04 -1.81
N GLN A 27 1.54 11.96 -1.96
CA GLN A 27 0.41 11.75 -1.06
C GLN A 27 0.86 11.24 0.32
N LEU A 28 1.67 10.16 0.30
CA LEU A 28 2.15 9.61 1.55
C LEU A 28 3.01 10.62 2.32
N LEU A 29 3.89 11.32 1.56
CA LEU A 29 4.77 12.33 2.16
C LEU A 29 4.00 13.58 2.61
N ALA A 30 2.67 13.60 2.36
CA ALA A 30 1.86 14.74 2.77
C ALA A 30 1.91 14.85 4.30
N PRO A 31 1.81 16.12 4.81
CA PRO A 31 1.87 16.32 6.25
C PRO A 31 0.69 15.75 7.03
N MET A 32 -0.37 15.43 6.28
CA MET A 32 -1.54 14.81 6.86
C MET A 32 -1.30 13.34 7.18
N ASN A 33 -0.51 12.73 6.25
CA ASN A 33 -0.18 11.33 6.37
C ASN A 33 1.18 11.10 7.03
N LYS A 34 1.30 9.87 7.56
CA LYS A 34 2.54 9.47 8.19
C LYS A 34 2.75 7.96 7.93
N ALA A 35 3.90 7.48 8.45
CA ALA A 35 4.34 6.09 8.32
C ALA A 35 3.17 5.10 8.59
N GLY A 36 2.69 4.48 7.47
CA GLY A 36 1.57 3.56 7.57
C GLY A 36 0.56 3.72 6.44
N SER A 37 0.41 4.98 6.03
CA SER A 37 -0.38 5.24 4.85
C SER A 37 0.42 4.59 3.72
N PHE A 38 -0.33 3.87 2.87
CA PHE A 38 0.30 3.15 1.78
C PHE A 38 -0.49 3.48 0.47
N LEU A 39 0.12 3.01 -0.62
CA LEU A 39 -0.26 3.10 -2.01
C LEU A 39 0.20 1.90 -2.74
N ILE A 40 -0.80 1.09 -3.22
CA ILE A 40 -0.31 -0.12 -3.88
C ILE A 40 -0.63 0.24 -5.36
N ARG A 41 0.38 0.81 -6.05
CA ARG A 41 0.09 1.20 -7.40
C ARG A 41 0.48 0.04 -8.29
N GLU A 42 -0.10 0.02 -9.49
CA GLU A 42 0.19 -1.08 -10.40
C GLU A 42 1.34 -0.76 -11.34
N SER A 43 2.17 -1.77 -11.63
CA SER A 43 3.25 -1.49 -12.59
C SER A 43 2.58 -1.45 -13.97
N GLU A 44 2.59 -0.24 -14.59
CA GLU A 44 1.97 -0.08 -15.91
C GLU A 44 2.84 -0.63 -17.05
N SER A 45 3.31 -1.85 -16.83
CA SER A 45 4.15 -2.57 -17.76
C SER A 45 3.79 -4.08 -17.69
N ASN A 46 3.66 -4.50 -16.42
CA ASN A 46 3.33 -5.83 -15.95
C ASN A 46 2.03 -5.85 -15.15
N LYS A 47 1.07 -6.62 -15.69
CA LYS A 47 -0.24 -6.74 -15.05
C LYS A 47 -0.17 -7.40 -13.68
N GLY A 48 0.65 -8.43 -13.73
CA GLY A 48 0.90 -9.29 -12.61
C GLY A 48 2.01 -8.79 -11.67
N ALA A 49 2.31 -7.48 -11.80
CA ALA A 49 3.30 -6.86 -10.94
C ALA A 49 2.79 -5.52 -10.36
N PHE A 50 2.53 -5.46 -9.05
CA PHE A 50 2.09 -4.22 -8.43
C PHE A 50 3.32 -3.69 -7.65
N SER A 51 3.13 -2.56 -6.97
CA SER A 51 4.17 -1.91 -6.17
C SER A 51 3.48 -1.28 -4.96
N LEU A 52 4.26 -0.96 -3.91
CA LEU A 52 3.68 -0.41 -2.69
C LEU A 52 4.65 0.63 -2.03
N SER A 53 4.10 1.86 -1.91
CA SER A 53 4.76 3.02 -1.33
C SER A 53 4.26 3.19 0.12
N VAL A 54 5.20 3.55 1.02
CA VAL A 54 4.83 3.79 2.42
C VAL A 54 5.63 4.98 2.88
N LYS A 55 5.12 5.81 3.81
CA LYS A 55 6.02 6.91 4.11
C LYS A 55 7.08 6.46 5.14
N ASP A 56 8.38 6.62 4.74
CA ASP A 56 9.39 6.23 5.72
C ASP A 56 9.87 7.55 6.31
N ILE A 57 9.96 7.44 7.64
CA ILE A 57 10.36 8.57 8.44
C ILE A 57 11.52 8.18 9.33
N THR A 58 12.63 8.86 9.04
CA THR A 58 13.85 8.66 9.81
C THR A 58 14.44 10.02 10.16
N THR A 59 15.47 9.93 11.03
CA THR A 59 16.26 11.06 11.52
C THR A 59 17.03 11.78 10.38
N GLN A 60 16.90 11.26 9.14
CA GLN A 60 17.61 11.81 7.99
C GLN A 60 16.68 12.78 7.23
N GLY A 61 15.56 12.22 6.75
CA GLY A 61 14.59 13.02 6.03
C GLY A 61 13.31 12.21 5.80
N GLU A 62 12.33 12.92 5.21
CA GLU A 62 11.03 12.39 4.88
C GLU A 62 11.14 11.74 3.49
N VAL A 63 10.87 10.42 3.49
CA VAL A 63 10.93 9.64 2.28
C VAL A 63 9.73 8.69 2.26
N VAL A 64 9.64 7.92 1.16
CA VAL A 64 8.60 6.90 1.00
C VAL A 64 9.37 5.58 1.12
N LYS A 65 8.73 4.52 0.63
CA LYS A 65 9.25 3.17 0.53
C LYS A 65 8.86 2.55 -0.80
N HIS A 66 9.56 1.46 -1.18
CA HIS A 66 9.22 0.77 -2.42
C HIS A 66 9.35 -0.76 -2.22
N TYR A 67 8.17 -1.42 -2.10
CA TYR A 67 8.11 -2.88 -1.93
C TYR A 67 7.41 -3.46 -3.19
N LYS A 68 8.21 -4.25 -3.93
CA LYS A 68 7.78 -4.92 -5.16
C LYS A 68 6.91 -6.18 -4.88
N ILE A 69 5.65 -6.09 -5.30
CA ILE A 69 4.65 -7.16 -5.26
C ILE A 69 4.57 -7.94 -6.58
N ARG A 70 4.73 -9.28 -6.46
CA ARG A 70 4.62 -10.17 -7.60
C ARG A 70 3.21 -10.76 -7.59
N SER A 71 2.89 -11.48 -8.67
CA SER A 71 1.59 -12.14 -8.74
C SER A 71 1.82 -13.56 -9.24
N LEU A 72 1.55 -14.46 -8.31
CA LEU A 72 1.71 -15.89 -8.53
C LEU A 72 0.39 -16.51 -8.97
N ASP A 73 0.58 -17.53 -9.82
CA ASP A 73 -0.56 -18.28 -10.35
C ASP A 73 -1.31 -19.08 -9.26
N ASN A 74 -0.54 -19.43 -8.20
CA ASN A 74 -1.10 -20.24 -7.12
C ASN A 74 -0.59 -19.76 -5.76
N GLY A 75 -0.57 -18.42 -5.69
CA GLY A 75 -0.11 -17.74 -4.49
C GLY A 75 -0.96 -16.54 -4.10
N GLY A 76 -0.97 -15.64 -5.09
CA GLY A 76 -1.62 -14.34 -5.12
C GLY A 76 -0.65 -13.18 -5.28
N TYR A 77 -0.08 -12.76 -4.13
CA TYR A 77 0.85 -11.66 -4.03
C TYR A 77 1.86 -12.05 -2.99
N TYR A 78 3.10 -11.59 -3.25
CA TYR A 78 4.18 -11.92 -2.31
C TYR A 78 5.28 -10.86 -2.36
N ILE A 79 5.77 -10.58 -1.13
CA ILE A 79 6.84 -9.56 -1.03
C ILE A 79 8.11 -10.20 -0.42
N SER A 80 7.79 -11.07 0.54
CA SER A 80 8.79 -11.83 1.25
C SER A 80 8.36 -13.24 0.88
N PRO A 81 9.26 -13.98 0.16
CA PRO A 81 8.89 -15.31 -0.33
C PRO A 81 8.51 -16.34 0.74
N ARG A 82 8.65 -15.89 2.01
CA ARG A 82 8.22 -16.72 3.12
C ARG A 82 6.69 -16.55 3.23
N ILE A 83 6.29 -15.26 3.38
CA ILE A 83 4.88 -14.86 3.47
C ILE A 83 4.27 -14.38 2.10
N THR A 84 3.21 -15.19 1.82
CA THR A 84 2.40 -15.02 0.63
C THR A 84 0.93 -14.85 1.05
N PHE A 85 0.18 -14.22 0.12
CA PHE A 85 -1.25 -14.00 0.34
C PHE A 85 -1.96 -14.21 -1.01
N PRO A 86 -3.30 -14.47 -1.03
CA PRO A 86 -4.03 -14.67 -2.30
C PRO A 86 -4.40 -13.34 -2.98
N THR A 87 -4.79 -12.35 -2.16
CA THR A 87 -5.16 -11.04 -2.69
C THR A 87 -4.44 -10.06 -1.82
N LEU A 88 -4.48 -8.82 -2.32
CA LEU A 88 -3.76 -7.84 -1.58
C LEU A 88 -4.51 -7.52 -0.33
N GLN A 89 -5.84 -7.67 -0.29
CA GLN A 89 -6.46 -7.29 1.02
C GLN A 89 -6.00 -8.20 2.16
N ALA A 90 -5.67 -9.45 1.81
CA ALA A 90 -5.21 -10.38 2.85
C ALA A 90 -3.73 -10.10 3.19
N LEU A 91 -3.05 -9.42 2.26
CA LEU A 91 -1.66 -9.02 2.44
C LEU A 91 -1.59 -7.80 3.38
N VAL A 92 -2.52 -6.86 3.09
CA VAL A 92 -2.62 -5.57 3.77
C VAL A 92 -3.15 -5.74 5.22
N GLN A 93 -4.07 -6.75 5.37
CA GLN A 93 -4.70 -7.15 6.65
C GLN A 93 -3.62 -7.65 7.62
N HIS A 94 -2.72 -8.46 7.03
CA HIS A 94 -1.68 -9.09 7.85
C HIS A 94 -0.69 -8.02 8.30
N TYR A 95 -0.31 -7.19 7.31
CA TYR A 95 0.59 -6.08 7.58
C TYR A 95 -0.13 -4.98 8.39
N SER A 96 -1.50 -5.08 8.50
CA SER A 96 -2.16 -4.06 9.30
C SER A 96 -2.08 -4.35 10.80
N LYS A 97 -1.56 -5.55 11.15
CA LYS A 97 -1.44 -5.81 12.57
C LYS A 97 -0.02 -5.93 13.03
N LYS A 98 0.89 -6.32 12.14
CA LYS A 98 2.28 -6.41 12.49
C LYS A 98 3.06 -6.27 11.18
N GLY A 99 4.11 -5.44 11.29
CA GLY A 99 5.06 -5.17 10.23
C GLY A 99 5.69 -6.49 9.78
N ASP A 100 6.64 -6.93 10.62
CA ASP A 100 7.32 -8.19 10.39
C ASP A 100 8.39 -8.12 9.26
N GLY A 101 8.80 -6.87 9.00
CA GLY A 101 9.82 -6.71 7.98
C GLY A 101 9.70 -5.40 7.22
N LEU A 102 8.49 -4.79 7.32
CA LEU A 102 8.37 -3.54 6.57
C LEU A 102 8.80 -2.31 7.39
N CYS A 103 9.53 -2.57 8.50
CA CYS A 103 10.06 -1.57 9.43
C CYS A 103 8.96 -0.98 10.34
N GLN A 104 7.73 -0.88 9.78
CA GLN A 104 6.60 -0.31 10.45
C GLN A 104 5.45 -1.21 9.95
N LYS A 105 4.30 -0.59 9.83
CA LYS A 105 3.08 -1.27 9.45
C LYS A 105 2.02 -0.21 9.15
N LEU A 106 0.84 -0.73 8.79
CA LEU A 106 -0.29 0.10 8.41
C LEU A 106 -1.04 0.66 9.61
N THR A 107 -1.20 1.98 9.56
CA THR A 107 -1.93 2.64 10.61
C THR A 107 -3.19 3.30 10.01
N LEU A 108 -2.94 4.24 9.05
CA LEU A 108 -4.02 4.94 8.36
C LEU A 108 -3.62 5.08 6.90
N PRO A 109 -4.49 4.68 5.94
CA PRO A 109 -4.16 4.81 4.51
C PRO A 109 -3.94 6.32 4.16
N CYS A 110 -3.79 6.59 2.85
CA CYS A 110 -3.55 7.98 2.48
C CYS A 110 -4.80 8.87 2.67
N VAL A 111 -4.53 10.17 2.82
CA VAL A 111 -5.60 11.14 2.98
C VAL A 111 -6.22 11.39 1.60
N ASN A 112 -7.52 11.74 1.63
CA ASN A 112 -8.22 12.05 0.40
C ASN A 112 -7.74 13.40 -0.18
N LEU A 113 -8.29 14.49 0.39
CA LEU A 113 -7.93 15.82 -0.07
C LEU A 113 -6.46 16.14 0.26
N ALA A 114 -5.75 16.55 -0.82
CA ALA A 114 -4.34 16.91 -0.68
C ALA A 114 -4.25 18.41 -0.27
N GLY A 1 -19.64 4.85 -8.46
CA GLY A 1 -19.65 5.47 -7.14
C GLY A 1 -20.18 4.53 -6.06
N SER A 2 -21.51 4.34 -6.12
CA SER A 2 -22.16 3.47 -5.14
C SER A 2 -23.58 3.14 -5.61
N VAL A 3 -23.98 1.90 -5.27
CA VAL A 3 -25.30 1.41 -5.67
C VAL A 3 -25.98 0.65 -4.52
N ALA A 4 -25.38 -0.52 -4.21
CA ALA A 4 -25.92 -1.37 -3.16
C ALA A 4 -24.80 -2.22 -2.54
N PRO A 5 -24.15 -3.12 -3.37
CA PRO A 5 -23.07 -3.95 -2.86
C PRO A 5 -21.89 -3.10 -2.38
N VAL A 6 -20.90 -3.80 -1.78
CA VAL A 6 -19.71 -3.09 -1.29
C VAL A 6 -20.11 -2.08 -0.21
N GLU A 7 -20.71 -2.66 0.87
CA GLU A 7 -21.14 -1.80 1.96
C GLU A 7 -19.92 -1.24 2.71
N THR A 8 -20.24 -0.35 3.67
CA THR A 8 -19.24 0.31 4.51
C THR A 8 -18.10 0.95 3.68
N LEU A 9 -17.12 1.48 4.43
CA LEU A 9 -15.99 2.10 3.76
C LEU A 9 -14.88 1.07 3.51
N GLU A 10 -14.22 1.26 2.35
CA GLU A 10 -13.15 0.36 1.94
C GLU A 10 -12.63 0.83 0.58
N VAL A 11 -11.56 0.14 0.09
CA VAL A 11 -10.94 0.41 -1.21
C VAL A 11 -10.77 1.92 -1.42
N GLU A 12 -9.86 2.45 -0.61
CA GLU A 12 -9.61 3.88 -0.68
C GLU A 12 -8.25 4.19 -0.08
N LYS A 13 -7.39 4.71 -0.97
CA LYS A 13 -6.07 5.11 -0.63
C LYS A 13 -5.10 3.97 -0.52
N TRP A 14 -5.62 2.80 -0.06
CA TRP A 14 -4.69 1.69 0.09
C TRP A 14 -4.62 1.00 -1.29
N PHE A 15 -5.82 0.65 -1.81
CA PHE A 15 -5.89 0.06 -3.13
C PHE A 15 -6.07 1.17 -4.17
N PHE A 16 -4.93 1.78 -4.57
CA PHE A 16 -4.96 2.86 -5.56
C PHE A 16 -4.60 2.28 -6.93
N ARG A 17 -4.76 3.15 -7.96
CA ARG A 17 -4.48 2.71 -9.34
C ARG A 17 -2.97 2.80 -9.61
N THR A 18 -2.64 2.97 -10.89
CA THR A 18 -1.28 3.17 -11.33
C THR A 18 -0.94 4.64 -11.35
N ILE A 19 -0.86 5.15 -10.12
CA ILE A 19 -0.47 6.53 -9.98
C ILE A 19 1.03 6.60 -10.27
N SER A 20 1.47 7.82 -10.58
CA SER A 20 2.91 7.96 -10.80
C SER A 20 3.65 7.63 -9.49
N ARG A 21 4.91 7.29 -9.70
CA ARG A 21 5.79 6.94 -8.59
C ARG A 21 5.88 8.11 -7.62
N LYS A 22 6.31 9.23 -8.24
CA LYS A 22 6.41 10.48 -7.51
C LYS A 22 5.08 10.97 -6.94
N ASP A 23 4.00 10.43 -7.55
CA ASP A 23 2.68 10.87 -7.16
C ASP A 23 2.27 10.26 -5.83
N ALA A 24 2.26 8.94 -5.80
CA ALA A 24 1.91 8.19 -4.58
C ALA A 24 2.76 8.66 -3.38
N GLU A 25 4.04 8.99 -3.73
CA GLU A 25 5.01 9.48 -2.78
C GLU A 25 4.60 10.87 -2.25
N ARG A 26 3.98 11.69 -3.14
CA ARG A 26 3.59 13.05 -2.78
C ARG A 26 2.53 13.03 -1.66
N GLN A 27 1.71 11.97 -1.75
CA GLN A 27 0.62 11.79 -0.81
C GLN A 27 1.10 11.27 0.55
N LEU A 28 1.86 10.15 0.49
CA LEU A 28 2.36 9.58 1.72
C LEU A 28 3.29 10.56 2.45
N LEU A 29 4.10 11.30 1.64
CA LEU A 29 5.04 12.27 2.21
C LEU A 29 4.34 13.50 2.83
N ALA A 30 3.00 13.54 2.69
CA ALA A 30 2.24 14.65 3.25
C ALA A 30 2.34 14.65 4.78
N PRO A 31 2.33 15.87 5.38
CA PRO A 31 2.42 15.98 6.82
C PRO A 31 1.16 15.52 7.55
N MET A 32 0.10 15.26 6.75
CA MET A 32 -1.11 14.76 7.33
C MET A 32 -0.93 13.29 7.72
N ASN A 33 -0.27 12.57 6.78
CA ASN A 33 -0.01 11.15 6.98
C ASN A 33 1.41 10.88 7.47
N LYS A 34 1.58 9.64 7.94
CA LYS A 34 2.92 9.23 8.34
C LYS A 34 3.06 7.72 8.10
N ALA A 35 4.11 7.14 8.74
CA ALA A 35 4.42 5.72 8.59
C ALA A 35 3.17 4.83 8.83
N GLY A 36 2.61 4.32 7.70
CA GLY A 36 1.41 3.47 7.74
C GLY A 36 0.46 3.73 6.56
N SER A 37 0.41 5.01 6.12
CA SER A 37 -0.33 5.31 4.90
C SER A 37 0.44 4.60 3.81
N PHE A 38 -0.34 3.91 2.95
CA PHE A 38 0.28 3.13 1.89
C PHE A 38 -0.45 3.46 0.56
N LEU A 39 0.21 2.97 -0.52
CA LEU A 39 -0.22 3.09 -1.91
C LEU A 39 0.24 1.85 -2.62
N ILE A 40 -0.77 1.02 -3.03
CA ILE A 40 -0.32 -0.21 -3.69
C ILE A 40 -0.70 0.16 -5.15
N ARG A 41 0.26 0.87 -5.78
CA ARG A 41 -0.10 1.28 -7.11
C ARG A 41 0.32 0.13 -8.02
N GLU A 42 -0.37 0.07 -9.17
CA GLU A 42 -0.06 -1.01 -10.08
C GLU A 42 1.01 -0.59 -11.06
N SER A 43 1.93 -1.53 -11.38
CA SER A 43 2.93 -1.07 -12.35
C SER A 43 2.23 -1.11 -13.72
N GLU A 44 2.09 0.10 -14.32
CA GLU A 44 1.46 0.24 -15.64
C GLU A 44 2.39 -0.18 -16.80
N SER A 45 2.99 -1.35 -16.60
CA SER A 45 3.90 -1.92 -17.57
C SER A 45 3.68 -3.44 -17.66
N ASN A 46 3.46 -4.04 -16.47
CA ASN A 46 3.23 -5.47 -16.35
C ASN A 46 1.73 -5.79 -16.10
N LYS A 47 1.29 -6.85 -16.77
CA LYS A 47 -0.06 -7.37 -16.63
C LYS A 47 -0.36 -8.09 -15.32
N GLY A 48 -0.07 -7.46 -14.16
CA GLY A 48 -0.39 -8.14 -12.91
C GLY A 48 0.58 -7.87 -11.74
N ALA A 49 1.58 -6.99 -12.02
CA ALA A 49 2.54 -6.63 -10.94
C ALA A 49 2.12 -5.27 -10.33
N PHE A 50 2.51 -5.08 -9.05
CA PHE A 50 2.16 -3.88 -8.31
C PHE A 50 3.41 -3.42 -7.53
N SER A 51 3.21 -2.33 -6.77
CA SER A 51 4.26 -1.76 -5.94
C SER A 51 3.53 -1.15 -4.74
N LEU A 52 4.27 -0.99 -3.63
CA LEU A 52 3.66 -0.48 -2.40
C LEU A 52 4.62 0.54 -1.76
N SER A 53 4.09 1.78 -1.75
CA SER A 53 4.75 2.94 -1.22
C SER A 53 4.22 3.17 0.21
N VAL A 54 5.17 3.47 1.11
CA VAL A 54 4.79 3.72 2.51
C VAL A 54 5.64 4.88 3.00
N LYS A 55 5.18 5.68 3.98
CA LYS A 55 6.09 6.78 4.30
C LYS A 55 7.16 6.27 5.29
N ASP A 56 8.44 6.41 4.84
CA ASP A 56 9.48 5.92 5.73
C ASP A 56 10.05 7.14 6.43
N ILE A 57 10.19 6.89 7.75
CA ILE A 57 10.66 7.94 8.62
C ILE A 57 12.13 7.70 8.93
N THR A 58 12.89 8.55 8.23
CA THR A 58 14.34 8.52 8.34
C THR A 58 14.82 9.85 8.90
N THR A 59 16.00 9.74 9.56
CA THR A 59 16.70 10.88 10.12
C THR A 59 17.24 11.83 9.04
N GLN A 60 16.83 11.63 7.76
CA GLN A 60 17.35 12.48 6.70
C GLN A 60 16.35 13.61 6.42
N GLY A 61 15.14 13.20 5.98
CA GLY A 61 14.14 14.22 5.71
C GLY A 61 12.78 13.64 5.33
N GLU A 62 12.45 12.45 5.91
CA GLU A 62 11.20 11.77 5.63
C GLU A 62 11.07 11.39 4.15
N VAL A 63 10.94 10.08 3.91
CA VAL A 63 10.84 9.56 2.56
C VAL A 63 9.65 8.58 2.49
N VAL A 64 9.67 7.75 1.41
CA VAL A 64 8.64 6.72 1.19
C VAL A 64 9.36 5.37 1.26
N LYS A 65 8.68 4.35 0.75
CA LYS A 65 9.17 2.98 0.64
C LYS A 65 8.82 2.41 -0.73
N HIS A 66 9.52 1.35 -1.14
CA HIS A 66 9.20 0.71 -2.41
C HIS A 66 9.36 -0.81 -2.31
N TYR A 67 8.21 -1.49 -2.09
CA TYR A 67 8.23 -2.96 -1.96
C TYR A 67 7.58 -3.55 -3.23
N LYS A 68 8.40 -4.41 -3.89
CA LYS A 68 8.05 -5.10 -5.12
C LYS A 68 7.16 -6.33 -4.91
N ILE A 69 5.88 -6.11 -5.27
CA ILE A 69 4.83 -7.15 -5.26
C ILE A 69 4.68 -7.82 -6.65
N ARG A 70 4.88 -9.15 -6.61
CA ARG A 70 4.72 -9.94 -7.82
C ARG A 70 3.34 -10.59 -7.78
N SER A 71 3.08 -11.35 -8.85
CA SER A 71 1.81 -12.03 -8.99
C SER A 71 2.09 -13.45 -9.45
N LEU A 72 1.76 -14.36 -8.51
CA LEU A 72 1.93 -15.78 -8.71
C LEU A 72 0.64 -16.37 -9.23
N ASP A 73 0.87 -17.42 -10.04
CA ASP A 73 -0.23 -18.14 -10.64
C ASP A 73 -1.12 -18.85 -9.61
N ASN A 74 -0.44 -19.33 -8.54
CA ASN A 74 -1.14 -20.07 -7.49
C ASN A 74 -0.60 -19.69 -6.11
N GLY A 75 -0.46 -18.36 -6.00
CA GLY A 75 0.05 -17.76 -4.77
C GLY A 75 -0.71 -16.53 -4.34
N GLY A 76 -0.79 -15.63 -5.32
CA GLY A 76 -1.43 -14.33 -5.27
C GLY A 76 -0.43 -13.17 -5.40
N TYR A 77 0.13 -12.79 -4.22
CA TYR A 77 1.09 -11.70 -4.13
C TYR A 77 2.09 -12.10 -3.08
N TYR A 78 3.32 -11.60 -3.34
CA TYR A 78 4.38 -11.92 -2.37
C TYR A 78 5.45 -10.85 -2.38
N ILE A 79 5.84 -10.45 -1.14
CA ILE A 79 6.90 -9.38 -1.08
C ILE A 79 8.17 -9.99 -0.51
N SER A 80 7.92 -10.83 0.50
CA SER A 80 8.97 -11.56 1.16
C SER A 80 8.55 -12.99 0.84
N PRO A 81 9.42 -13.70 0.06
CA PRO A 81 9.11 -15.05 -0.39
C PRO A 81 8.67 -16.04 0.69
N ARG A 82 8.97 -15.66 1.94
CA ARG A 82 8.53 -16.47 3.07
C ARG A 82 6.98 -16.37 3.15
N ILE A 83 6.52 -15.10 3.29
CA ILE A 83 5.09 -14.79 3.37
C ILE A 83 4.47 -14.40 2.00
N THR A 84 3.39 -15.19 1.74
CA THR A 84 2.66 -15.02 0.50
C THR A 84 1.15 -14.89 0.89
N PHE A 85 0.37 -14.28 -0.02
CA PHE A 85 -1.09 -14.11 0.21
C PHE A 85 -1.80 -14.31 -1.14
N PRO A 86 -3.11 -14.67 -1.17
CA PRO A 86 -3.84 -14.84 -2.43
C PRO A 86 -4.20 -13.49 -3.10
N THR A 87 -4.64 -12.53 -2.26
CA THR A 87 -4.98 -11.21 -2.80
C THR A 87 -4.23 -10.23 -1.93
N LEU A 88 -4.33 -8.97 -2.39
CA LEU A 88 -3.64 -7.97 -1.64
C LEU A 88 -4.40 -7.68 -0.38
N GLN A 89 -5.74 -7.86 -0.33
CA GLN A 89 -6.36 -7.47 0.98
C GLN A 89 -5.90 -8.37 2.14
N ALA A 90 -5.66 -9.66 1.83
CA ALA A 90 -5.21 -10.55 2.90
C ALA A 90 -3.75 -10.24 3.26
N LEU A 91 -3.08 -9.59 2.29
CA LEU A 91 -1.70 -9.17 2.48
C LEU A 91 -1.67 -7.92 3.39
N VAL A 92 -2.63 -7.02 3.09
CA VAL A 92 -2.73 -5.73 3.75
C VAL A 92 -3.25 -5.88 5.18
N GLN A 93 -4.15 -6.88 5.38
CA GLN A 93 -4.78 -7.20 6.66
C GLN A 93 -3.69 -7.62 7.66
N HIS A 94 -2.78 -8.48 7.15
CA HIS A 94 -1.75 -9.01 8.04
C HIS A 94 -0.79 -7.86 8.38
N TYR A 95 -0.48 -7.09 7.33
CA TYR A 95 0.38 -5.93 7.52
C TYR A 95 -0.35 -4.81 8.27
N SER A 96 -1.71 -4.92 8.42
CA SER A 96 -2.40 -3.85 9.17
C SER A 96 -2.29 -4.08 10.70
N LYS A 97 -1.76 -5.24 11.12
CA LYS A 97 -1.64 -5.46 12.57
C LYS A 97 -0.18 -5.38 13.08
N LYS A 98 0.76 -5.68 12.17
CA LYS A 98 2.16 -5.66 12.52
C LYS A 98 2.97 -5.49 11.23
N GLY A 99 4.13 -4.83 11.40
CA GLY A 99 5.05 -4.58 10.29
C GLY A 99 5.48 -5.90 9.68
N ASP A 100 6.36 -6.61 10.42
CA ASP A 100 6.82 -7.91 9.98
C ASP A 100 7.48 -7.84 8.58
N GLY A 101 8.63 -7.17 8.63
CA GLY A 101 9.40 -6.98 7.40
C GLY A 101 9.35 -5.53 6.91
N LEU A 102 8.18 -4.88 7.12
CA LEU A 102 8.08 -3.50 6.66
C LEU A 102 8.39 -2.48 7.78
N CYS A 103 8.62 -3.02 9.01
CA CYS A 103 8.92 -2.23 10.21
C CYS A 103 7.86 -1.12 10.53
N GLN A 104 6.83 -0.97 9.66
CA GLN A 104 5.82 0.06 9.86
C GLN A 104 4.53 -0.40 9.23
N LYS A 105 3.73 -0.94 10.15
CA LYS A 105 2.43 -1.43 9.80
C LYS A 105 1.53 -0.26 9.38
N LEU A 106 0.34 -0.67 8.95
CA LEU A 106 -0.65 0.27 8.46
C LEU A 106 -1.40 0.95 9.60
N THR A 107 -1.38 2.29 9.49
CA THR A 107 -2.08 3.09 10.49
C THR A 107 -3.30 3.81 9.86
N LEU A 108 -3.01 4.67 8.87
CA LEU A 108 -3.98 5.48 8.16
C LEU A 108 -3.64 5.51 6.67
N PRO A 109 -4.33 4.66 5.87
CA PRO A 109 -4.10 4.57 4.43
C PRO A 109 -4.33 5.93 3.76
N CYS A 110 -3.21 6.61 3.62
CA CYS A 110 -3.15 7.96 3.03
C CYS A 110 -4.30 8.87 3.54
N VAL A 111 -4.49 9.99 2.82
CA VAL A 111 -5.55 10.93 3.20
C VAL A 111 -5.83 11.82 2.00
N ASN A 112 -7.11 11.78 1.57
CA ASN A 112 -7.52 12.59 0.42
C ASN A 112 -7.17 14.08 0.67
N LEU A 113 -6.98 14.78 -0.45
CA LEU A 113 -6.64 16.18 -0.37
C LEU A 113 -7.08 16.91 -1.64
N ALA A 114 -6.44 16.50 -2.76
CA ALA A 114 -6.71 17.10 -4.07
C ALA A 114 -6.13 18.54 -4.14
N GLY A 1 -33.98 3.34 6.23
CA GLY A 1 -32.70 2.68 6.06
C GLY A 1 -31.53 3.56 6.50
N SER A 2 -31.10 4.40 5.53
CA SER A 2 -30.00 5.33 5.80
C SER A 2 -29.93 6.39 4.70
N VAL A 3 -30.81 7.40 4.86
CA VAL A 3 -30.83 8.48 3.87
C VAL A 3 -29.67 9.45 4.18
N ALA A 4 -28.66 9.37 3.30
CA ALA A 4 -27.50 10.22 3.46
C ALA A 4 -26.58 10.04 2.24
N PRO A 5 -25.70 11.07 2.00
CA PRO A 5 -24.74 11.02 0.90
C PRO A 5 -23.80 9.82 1.03
N VAL A 6 -22.91 9.72 0.03
CA VAL A 6 -21.93 8.64 0.01
C VAL A 6 -22.68 7.31 -0.19
N GLU A 7 -22.82 6.56 0.93
CA GLU A 7 -23.52 5.28 0.98
C GLU A 7 -22.64 4.12 0.48
N THR A 8 -22.28 4.26 -0.81
CA THR A 8 -21.43 3.27 -1.48
C THR A 8 -20.08 3.15 -0.73
N LEU A 9 -19.69 1.87 -0.57
CA LEU A 9 -18.44 1.54 0.11
C LEU A 9 -17.28 1.67 -0.87
N GLU A 10 -16.15 2.05 -0.26
CA GLU A 10 -14.94 2.23 -1.04
C GLU A 10 -13.75 2.23 -0.08
N VAL A 11 -12.74 1.47 -0.53
CA VAL A 11 -11.50 1.38 0.23
C VAL A 11 -10.69 2.65 -0.05
N GLU A 12 -10.08 2.68 -1.26
CA GLU A 12 -9.26 3.81 -1.67
C GLU A 12 -8.09 3.96 -0.72
N LYS A 13 -7.08 4.64 -1.28
CA LYS A 13 -5.86 4.98 -0.59
C LYS A 13 -4.89 3.85 -0.54
N TRP A 14 -5.41 2.70 -0.09
CA TRP A 14 -4.52 1.58 0.01
C TRP A 14 -4.49 0.94 -1.39
N PHE A 15 -5.72 0.69 -1.90
CA PHE A 15 -5.85 0.14 -3.26
C PHE A 15 -5.97 1.28 -4.30
N PHE A 16 -4.83 1.85 -4.69
CA PHE A 16 -4.83 2.92 -5.71
C PHE A 16 -4.52 2.30 -7.08
N ARG A 17 -4.75 3.13 -8.11
CA ARG A 17 -4.45 2.74 -9.50
C ARG A 17 -2.97 2.82 -9.81
N THR A 18 -2.65 3.04 -11.10
CA THR A 18 -1.25 3.19 -11.44
C THR A 18 -0.90 4.67 -11.47
N ILE A 19 -0.88 5.22 -10.24
CA ILE A 19 -0.46 6.60 -10.07
C ILE A 19 1.05 6.60 -10.29
N SER A 20 1.57 7.76 -10.67
CA SER A 20 3.02 7.81 -10.86
C SER A 20 3.69 7.54 -9.50
N ARG A 21 4.95 7.16 -9.63
CA ARG A 21 5.75 6.81 -8.46
C ARG A 21 5.82 8.00 -7.51
N LYS A 22 6.31 9.09 -8.11
CA LYS A 22 6.45 10.35 -7.39
C LYS A 22 5.11 10.91 -6.87
N ASP A 23 4.02 10.39 -7.48
CA ASP A 23 2.70 10.89 -7.11
C ASP A 23 2.27 10.32 -5.77
N ALA A 24 2.19 8.99 -5.75
CA ALA A 24 1.84 8.26 -4.52
C ALA A 24 2.78 8.70 -3.38
N GLU A 25 4.03 8.94 -3.79
CA GLU A 25 5.07 9.40 -2.90
C GLU A 25 4.75 10.82 -2.39
N ARG A 26 4.20 11.68 -3.27
CA ARG A 26 3.88 13.07 -2.91
C ARG A 26 2.82 13.13 -1.81
N GLN A 27 1.94 12.12 -1.90
CA GLN A 27 0.84 12.02 -0.95
C GLN A 27 1.37 11.53 0.39
N LEU A 28 2.02 10.34 0.34
CA LEU A 28 2.54 9.77 1.56
C LEU A 28 3.58 10.71 2.23
N LEU A 29 4.30 11.51 1.41
CA LEU A 29 5.28 12.42 1.99
C LEU A 29 4.63 13.62 2.73
N ALA A 30 3.30 13.83 2.51
CA ALA A 30 2.59 14.91 3.20
C ALA A 30 2.58 14.59 4.70
N PRO A 31 2.57 15.66 5.54
CA PRO A 31 2.58 15.44 6.98
C PRO A 31 1.29 14.84 7.55
N MET A 32 0.25 14.91 6.71
CA MET A 32 -1.03 14.32 7.06
C MET A 32 -0.99 12.80 6.89
N ASN A 33 -0.26 12.42 5.82
CA ASN A 33 -0.12 10.99 5.54
C ASN A 33 1.23 10.52 6.05
N LYS A 34 1.25 10.23 7.36
CA LYS A 34 2.51 9.79 7.94
C LYS A 34 2.62 8.28 7.88
N ALA A 35 3.83 7.80 8.27
CA ALA A 35 4.19 6.38 8.28
C ALA A 35 2.98 5.49 8.61
N GLY A 36 2.47 4.82 7.55
CA GLY A 36 1.30 3.98 7.71
C GLY A 36 0.31 4.16 6.57
N SER A 37 0.30 5.41 6.07
CA SER A 37 -0.44 5.72 4.86
C SER A 37 0.32 4.96 3.76
N PHE A 38 -0.48 4.23 2.93
CA PHE A 38 0.13 3.43 1.87
C PHE A 38 -0.65 3.70 0.56
N LEU A 39 -0.04 3.19 -0.50
CA LEU A 39 -0.45 3.24 -1.90
C LEU A 39 0.00 2.02 -2.60
N ILE A 40 -0.96 1.18 -3.10
CA ILE A 40 -0.45 -0.03 -3.76
C ILE A 40 -0.75 0.37 -5.22
N ARG A 41 0.28 0.90 -5.92
CA ARG A 41 -0.02 1.33 -7.27
C ARG A 41 0.32 0.16 -8.19
N GLU A 42 -0.36 0.15 -9.35
CA GLU A 42 -0.15 -0.96 -10.28
C GLU A 42 0.95 -0.62 -11.27
N SER A 43 1.78 -1.63 -11.64
CA SER A 43 2.78 -1.26 -12.66
C SER A 43 1.97 -1.23 -13.98
N GLU A 44 1.96 -0.08 -14.67
CA GLU A 44 1.19 -0.01 -15.91
C GLU A 44 1.81 -0.82 -17.08
N SER A 45 2.82 -1.65 -16.74
CA SER A 45 3.48 -2.45 -17.75
C SER A 45 3.82 -3.87 -17.25
N ASN A 46 3.06 -4.29 -16.22
CA ASN A 46 3.23 -5.60 -15.62
C ASN A 46 2.22 -6.65 -16.06
N LYS A 47 2.67 -7.89 -15.84
CA LYS A 47 1.84 -9.08 -15.98
C LYS A 47 0.80 -9.23 -14.84
N GLY A 48 0.22 -8.10 -14.39
CA GLY A 48 -0.72 -8.13 -13.29
C GLY A 48 -0.01 -7.97 -11.94
N ALA A 49 1.07 -7.15 -11.99
CA ALA A 49 1.87 -6.92 -10.77
C ALA A 49 1.41 -5.61 -10.09
N PHE A 50 2.04 -5.34 -8.93
CA PHE A 50 1.74 -4.14 -8.15
C PHE A 50 3.05 -3.62 -7.50
N SER A 51 2.90 -2.45 -6.85
CA SER A 51 3.94 -1.70 -6.14
C SER A 51 3.28 -1.09 -4.88
N LEU A 52 4.08 -0.82 -3.83
CA LEU A 52 3.53 -0.26 -2.57
C LEU A 52 4.52 0.73 -1.93
N SER A 53 4.00 1.96 -1.79
CA SER A 53 4.67 3.11 -1.21
C SER A 53 4.11 3.33 0.22
N VAL A 54 5.05 3.66 1.14
CA VAL A 54 4.68 3.93 2.53
C VAL A 54 5.55 5.08 2.97
N LYS A 55 5.05 5.99 3.82
CA LYS A 55 6.00 7.05 4.16
C LYS A 55 7.01 6.56 5.23
N ASP A 56 8.33 6.58 4.93
CA ASP A 56 9.21 6.15 6.02
C ASP A 56 9.80 7.43 6.59
N ILE A 57 9.94 7.34 7.92
CA ILE A 57 10.43 8.46 8.69
C ILE A 57 11.69 8.05 9.44
N THR A 58 12.79 8.58 8.91
CA THR A 58 14.11 8.34 9.47
C THR A 58 14.76 9.69 9.76
N THR A 59 15.95 9.59 10.37
CA THR A 59 16.73 10.78 10.75
C THR A 59 17.23 11.55 9.50
N GLN A 60 17.12 10.88 8.32
CA GLN A 60 17.55 11.48 7.06
C GLN A 60 16.37 12.04 6.25
N GLY A 61 15.53 12.79 6.99
CA GLY A 61 14.35 13.40 6.38
C GLY A 61 13.22 12.39 6.16
N GLU A 62 12.07 12.96 5.73
CA GLU A 62 10.88 12.20 5.45
C GLU A 62 10.96 11.67 4.01
N VAL A 63 10.74 10.35 3.90
CA VAL A 63 10.81 9.64 2.63
C VAL A 63 9.61 8.70 2.48
N VAL A 64 9.63 7.94 1.36
CA VAL A 64 8.62 6.92 1.10
C VAL A 64 9.36 5.60 1.26
N LYS A 65 8.70 4.54 0.78
CA LYS A 65 9.23 3.18 0.73
C LYS A 65 8.76 2.52 -0.56
N HIS A 66 9.39 1.38 -0.88
CA HIS A 66 9.01 0.65 -2.07
C HIS A 66 9.07 -0.88 -1.79
N TYR A 67 7.86 -1.48 -1.74
CA TYR A 67 7.67 -2.93 -1.53
C TYR A 67 6.79 -3.42 -2.70
N LYS A 68 7.52 -3.92 -3.72
CA LYS A 68 6.93 -4.44 -4.94
C LYS A 68 6.29 -5.83 -4.75
N ILE A 69 4.97 -5.82 -4.98
CA ILE A 69 4.15 -7.04 -4.91
C ILE A 69 4.12 -7.70 -6.29
N ARG A 70 4.60 -8.96 -6.23
CA ARG A 70 4.67 -9.81 -7.40
C ARG A 70 3.45 -10.68 -7.38
N SER A 71 2.89 -10.89 -8.59
CA SER A 71 1.71 -11.72 -8.71
C SER A 71 2.13 -13.03 -9.35
N LEU A 72 1.99 -14.04 -8.48
CA LEU A 72 2.35 -15.40 -8.84
C LEU A 72 1.12 -16.13 -9.34
N ASP A 73 1.45 -17.02 -10.29
CA ASP A 73 0.41 -17.82 -10.93
C ASP A 73 -0.33 -18.73 -9.94
N ASN A 74 0.41 -19.06 -8.87
CA ASN A 74 -0.13 -19.93 -7.84
C ASN A 74 0.38 -19.50 -6.45
N GLY A 75 0.34 -18.16 -6.28
CA GLY A 75 0.80 -17.60 -5.01
C GLY A 75 0.28 -16.21 -4.68
N GLY A 76 -0.69 -15.75 -5.49
CA GLY A 76 -1.33 -14.47 -5.31
C GLY A 76 -0.40 -13.28 -5.36
N TYR A 77 0.08 -12.91 -4.15
CA TYR A 77 0.96 -11.77 -4.01
C TYR A 77 1.98 -12.12 -2.92
N TYR A 78 3.20 -11.60 -3.17
CA TYR A 78 4.30 -11.87 -2.24
C TYR A 78 5.35 -10.77 -2.28
N ILE A 79 5.88 -10.53 -1.05
CA ILE A 79 6.94 -9.49 -0.89
C ILE A 79 8.19 -10.07 -0.24
N SER A 80 7.90 -10.82 0.81
CA SER A 80 8.94 -11.50 1.56
C SER A 80 8.52 -12.95 1.31
N PRO A 81 9.41 -13.71 0.63
CA PRO A 81 9.08 -15.08 0.22
C PRO A 81 8.76 -16.06 1.34
N ARG A 82 8.88 -15.53 2.57
CA ARG A 82 8.50 -16.32 3.74
C ARG A 82 6.93 -16.31 3.75
N ILE A 83 6.41 -15.05 3.71
CA ILE A 83 5.00 -14.72 3.65
C ILE A 83 4.45 -14.33 2.22
N THR A 84 3.43 -15.17 1.87
CA THR A 84 2.74 -15.03 0.59
C THR A 84 1.20 -14.98 0.94
N PHE A 85 0.43 -14.40 -0.01
CA PHE A 85 -1.01 -14.25 0.20
C PHE A 85 -1.75 -14.55 -1.14
N PRO A 86 -3.10 -14.68 -1.11
CA PRO A 86 -3.88 -14.93 -2.34
C PRO A 86 -4.23 -13.63 -3.06
N THR A 87 -4.65 -12.62 -2.27
CA THR A 87 -4.98 -11.33 -2.86
C THR A 87 -4.28 -10.31 -2.00
N LEU A 88 -4.39 -9.06 -2.48
CA LEU A 88 -3.70 -8.08 -1.70
C LEU A 88 -4.47 -7.79 -0.44
N GLN A 89 -5.80 -8.04 -0.36
CA GLN A 89 -6.42 -7.66 0.94
C GLN A 89 -5.90 -8.51 2.11
N ALA A 90 -5.56 -9.78 1.80
CA ALA A 90 -5.05 -10.64 2.86
C ALA A 90 -3.58 -10.29 3.17
N LEU A 91 -2.96 -9.61 2.19
CA LEU A 91 -1.58 -9.16 2.35
C LEU A 91 -1.56 -7.94 3.29
N VAL A 92 -2.54 -7.06 3.01
CA VAL A 92 -2.69 -5.76 3.68
C VAL A 92 -3.17 -5.93 5.14
N GLN A 93 -4.05 -6.94 5.34
CA GLN A 93 -4.66 -7.30 6.62
C GLN A 93 -3.55 -7.74 7.60
N HIS A 94 -2.61 -8.53 7.03
CA HIS A 94 -1.54 -9.08 7.85
C HIS A 94 -0.60 -7.94 8.26
N TYR A 95 -0.30 -7.12 7.22
CA TYR A 95 0.54 -5.95 7.43
C TYR A 95 -0.23 -4.85 8.20
N SER A 96 -1.58 -5.03 8.37
CA SER A 96 -2.30 -4.01 9.15
C SER A 96 -2.10 -4.23 10.65
N LYS A 97 -1.46 -5.37 11.03
CA LYS A 97 -1.27 -5.54 12.46
C LYS A 97 0.14 -5.42 12.90
N LYS A 98 1.04 -5.92 12.06
CA LYS A 98 2.40 -5.83 12.40
C LYS A 98 3.19 -5.90 11.11
N GLY A 99 4.27 -5.07 11.07
CA GLY A 99 5.14 -5.04 9.90
C GLY A 99 5.63 -6.43 9.51
N ASP A 100 6.37 -7.08 10.43
CA ASP A 100 6.79 -8.46 10.20
C ASP A 100 7.76 -8.66 8.99
N GLY A 101 8.60 -7.61 8.85
CA GLY A 101 9.59 -7.63 7.77
C GLY A 101 9.71 -6.28 7.07
N LEU A 102 8.60 -5.52 7.18
CA LEU A 102 8.55 -4.19 6.58
C LEU A 102 9.12 -3.21 7.62
N CYS A 103 9.24 -1.97 7.14
CA CYS A 103 9.79 -0.91 7.97
C CYS A 103 8.81 -0.46 9.07
N GLN A 104 7.51 -0.52 8.73
CA GLN A 104 6.47 -0.10 9.64
C GLN A 104 5.32 -1.07 9.36
N LYS A 105 4.13 -0.49 9.30
CA LYS A 105 2.91 -1.23 9.08
C LYS A 105 1.81 -0.21 8.74
N LEU A 106 0.60 -0.72 8.53
CA LEU A 106 -0.56 0.10 8.18
C LEU A 106 -1.25 0.76 9.36
N THR A 107 -1.27 2.11 9.31
CA THR A 107 -1.95 2.85 10.38
C THR A 107 -3.17 3.59 9.82
N LEU A 108 -2.84 4.56 8.94
CA LEU A 108 -3.91 5.34 8.31
C LEU A 108 -3.66 5.48 6.81
N PRO A 109 -4.34 4.63 5.98
CA PRO A 109 -4.18 4.64 4.53
C PRO A 109 -4.67 5.97 3.95
N CYS A 110 -3.64 6.83 3.77
CA CYS A 110 -3.72 8.19 3.23
C CYS A 110 -5.02 8.94 3.62
N VAL A 111 -4.93 9.92 4.52
CA VAL A 111 -6.11 10.67 4.95
C VAL A 111 -6.48 11.73 3.88
N ASN A 112 -6.71 11.24 2.63
CA ASN A 112 -7.05 12.09 1.50
C ASN A 112 -5.89 13.07 1.24
N LEU A 113 -6.12 13.86 0.17
CA LEU A 113 -5.14 14.87 -0.20
C LEU A 113 -5.75 16.26 0.00
N ALA A 114 -6.76 16.51 -0.86
CA ALA A 114 -7.48 17.79 -0.84
C ALA A 114 -6.51 18.96 -1.16
N GLY A 1 -31.07 10.36 1.49
CA GLY A 1 -30.70 9.44 2.56
C GLY A 1 -30.17 10.19 3.78
N SER A 2 -30.12 9.43 4.89
CA SER A 2 -29.61 9.96 6.15
C SER A 2 -28.10 10.24 6.00
N VAL A 3 -27.61 10.98 7.01
CA VAL A 3 -26.21 11.36 7.07
C VAL A 3 -25.36 10.22 7.64
N ALA A 4 -25.14 9.21 6.78
CA ALA A 4 -24.35 8.07 7.21
C ALA A 4 -23.99 7.20 5.99
N PRO A 5 -23.02 7.70 5.17
CA PRO A 5 -22.56 6.96 3.99
C PRO A 5 -22.00 5.58 4.36
N VAL A 6 -22.09 4.69 3.36
CA VAL A 6 -21.62 3.33 3.52
C VAL A 6 -20.94 2.89 2.23
N GLU A 7 -19.75 2.29 2.40
CA GLU A 7 -18.95 1.77 1.30
C GLU A 7 -18.17 2.89 0.59
N THR A 8 -18.98 3.86 0.08
CA THR A 8 -18.54 5.06 -0.64
C THR A 8 -17.40 4.77 -1.63
N LEU A 9 -17.58 3.62 -2.32
CA LEU A 9 -16.60 3.14 -3.30
C LEU A 9 -15.37 2.59 -2.54
N GLU A 10 -14.76 1.55 -3.14
CA GLU A 10 -13.57 0.96 -2.53
C GLU A 10 -12.40 1.96 -2.78
N VAL A 11 -11.19 1.42 -3.07
CA VAL A 11 -9.99 2.21 -3.38
C VAL A 11 -9.81 3.45 -2.47
N GLU A 12 -10.12 3.19 -1.19
CA GLU A 12 -10.10 4.18 -0.13
C GLU A 12 -8.67 4.45 0.35
N LYS A 13 -7.97 5.09 -0.59
CA LYS A 13 -6.60 5.51 -0.38
C LYS A 13 -5.69 4.36 -0.07
N TRP A 14 -5.92 3.26 -0.76
CA TRP A 14 -4.99 2.15 -0.53
C TRP A 14 -4.82 1.42 -1.86
N PHE A 15 -5.96 0.95 -2.41
CA PHE A 15 -5.93 0.27 -3.70
C PHE A 15 -6.07 1.30 -4.85
N PHE A 16 -4.91 1.86 -5.24
CA PHE A 16 -4.87 2.88 -6.31
C PHE A 16 -4.45 2.20 -7.63
N ARG A 17 -4.63 2.98 -8.71
CA ARG A 17 -4.31 2.53 -10.08
C ARG A 17 -2.79 2.66 -10.34
N THR A 18 -2.43 2.98 -11.60
CA THR A 18 -1.05 3.15 -11.99
C THR A 18 -0.73 4.64 -11.91
N ILE A 19 -0.81 5.11 -10.65
CA ILE A 19 -0.44 6.49 -10.44
C ILE A 19 1.07 6.55 -10.61
N SER A 20 1.56 7.73 -11.01
CA SER A 20 3.01 7.74 -11.14
C SER A 20 3.66 7.49 -9.77
N ARG A 21 4.94 7.12 -9.88
CA ARG A 21 5.72 6.85 -8.70
C ARG A 21 5.81 8.10 -7.81
N LYS A 22 6.23 9.19 -8.47
CA LYS A 22 6.33 10.47 -7.74
C LYS A 22 5.01 10.96 -7.20
N ASP A 23 3.93 10.41 -7.80
CA ASP A 23 2.62 10.85 -7.41
C ASP A 23 2.20 10.25 -6.08
N ALA A 24 2.12 8.92 -6.11
CA ALA A 24 1.74 8.17 -4.90
C ALA A 24 2.59 8.60 -3.69
N GLU A 25 3.88 8.85 -4.00
CA GLU A 25 4.86 9.30 -3.03
C GLU A 25 4.50 10.71 -2.50
N ARG A 26 4.01 11.58 -3.42
CA ARG A 26 3.71 12.96 -3.06
C ARG A 26 2.53 13.04 -2.04
N GLN A 27 1.66 12.02 -2.18
CA GLN A 27 0.48 11.96 -1.32
C GLN A 27 0.82 11.50 0.09
N LEU A 28 1.64 10.41 0.09
CA LEU A 28 2.07 9.83 1.35
C LEU A 28 2.87 10.84 2.20
N LEU A 29 3.81 11.52 1.49
CA LEU A 29 4.69 12.51 2.07
C LEU A 29 3.97 13.80 2.46
N ALA A 30 2.65 13.88 2.18
CA ALA A 30 1.91 15.08 2.56
C ALA A 30 1.86 15.23 4.09
N PRO A 31 1.86 16.51 4.56
CA PRO A 31 1.78 16.82 5.98
C PRO A 31 0.46 16.45 6.67
N MET A 32 -0.46 15.89 5.85
CA MET A 32 -1.74 15.48 6.37
C MET A 32 -1.61 14.22 7.27
N ASN A 33 -0.70 13.33 6.81
CA ASN A 33 -0.41 12.07 7.49
C ASN A 33 1.11 11.89 7.66
N LYS A 34 1.41 10.88 8.50
CA LYS A 34 2.77 10.52 8.85
C LYS A 34 2.91 9.02 9.10
N ALA A 35 4.06 8.57 8.59
CA ALA A 35 4.65 7.24 8.60
C ALA A 35 3.60 6.18 8.74
N GLY A 36 3.33 5.56 7.58
CA GLY A 36 2.28 4.60 7.64
C GLY A 36 1.66 4.55 6.29
N SER A 37 0.72 5.51 6.12
CA SER A 37 0.07 5.90 4.86
C SER A 37 0.44 5.00 3.68
N PHE A 38 -0.54 4.57 2.83
CA PHE A 38 -0.06 3.67 1.74
C PHE A 38 -0.70 4.03 0.37
N LEU A 39 -0.05 3.42 -0.65
CA LEU A 39 -0.41 3.50 -2.05
C LEU A 39 0.05 2.24 -2.72
N ILE A 40 -0.93 1.44 -3.25
CA ILE A 40 -0.43 0.21 -3.86
C ILE A 40 -0.77 0.49 -5.35
N ARG A 41 0.24 1.02 -6.07
CA ARG A 41 -0.04 1.35 -7.45
C ARG A 41 0.40 0.17 -8.33
N GLU A 42 -0.19 0.15 -9.53
CA GLU A 42 0.11 -0.92 -10.48
C GLU A 42 1.20 -0.50 -11.45
N SER A 43 2.13 -1.45 -11.72
CA SER A 43 3.14 -1.08 -12.72
C SER A 43 2.38 -1.21 -14.09
N GLU A 44 2.27 -0.11 -14.84
CA GLU A 44 1.54 -0.17 -16.11
C GLU A 44 2.28 -0.97 -17.22
N SER A 45 3.35 -1.70 -16.82
CA SER A 45 4.11 -2.49 -17.78
C SER A 45 4.55 -3.84 -17.15
N ASN A 46 3.62 -4.38 -16.34
CA ASN A 46 3.80 -5.65 -15.65
C ASN A 46 2.74 -6.72 -15.94
N LYS A 47 3.18 -7.97 -15.66
CA LYS A 47 2.35 -9.16 -15.64
C LYS A 47 1.40 -9.22 -14.42
N GLY A 48 0.78 -8.08 -14.10
CA GLY A 48 -0.10 -8.06 -12.94
C GLY A 48 0.66 -7.81 -11.64
N ALA A 49 1.66 -6.92 -11.76
CA ALA A 49 2.49 -6.55 -10.59
C ALA A 49 1.98 -5.23 -9.95
N PHE A 50 2.53 -4.95 -8.75
CA PHE A 50 2.16 -3.73 -8.03
C PHE A 50 3.40 -3.21 -7.28
N SER A 51 3.19 -2.08 -6.59
CA SER A 51 4.21 -1.43 -5.78
C SER A 51 3.45 -0.68 -4.64
N LEU A 52 3.81 -1.00 -3.39
CA LEU A 52 3.24 -0.39 -2.18
C LEU A 52 4.32 0.55 -1.59
N SER A 53 3.91 1.82 -1.58
CA SER A 53 4.66 2.97 -1.08
C SER A 53 4.10 3.25 0.33
N VAL A 54 5.04 3.55 1.24
CA VAL A 54 4.68 3.82 2.64
C VAL A 54 5.56 4.98 3.08
N LYS A 55 5.08 5.87 3.99
CA LYS A 55 6.04 6.90 4.30
C LYS A 55 7.07 6.40 5.33
N ASP A 56 8.35 6.74 4.99
CA ASP A 56 9.42 6.41 5.91
C ASP A 56 10.02 7.74 6.38
N ILE A 57 9.68 8.00 7.65
CA ILE A 57 10.19 9.21 8.29
C ILE A 57 11.35 8.79 9.20
N THR A 58 12.48 9.45 8.89
CA THR A 58 13.75 9.25 9.60
C THR A 58 14.30 10.63 9.99
N THR A 59 15.26 10.58 10.94
CA THR A 59 15.93 11.79 11.42
C THR A 59 16.71 12.50 10.28
N GLN A 60 16.71 11.85 9.08
CA GLN A 60 17.44 12.41 7.94
C GLN A 60 16.53 13.28 7.08
N GLY A 61 15.59 12.61 6.38
CA GLY A 61 14.67 13.32 5.52
C GLY A 61 13.37 12.52 5.41
N GLU A 62 12.39 13.20 4.79
CA GLU A 62 11.09 12.64 4.54
C GLU A 62 11.14 11.87 3.22
N VAL A 63 10.90 10.54 3.35
CA VAL A 63 10.93 9.66 2.19
C VAL A 63 9.72 8.72 2.28
N VAL A 64 9.54 7.95 1.18
CA VAL A 64 8.51 6.93 1.14
C VAL A 64 9.28 5.63 1.33
N LYS A 65 8.65 4.56 0.86
CA LYS A 65 9.21 3.22 0.84
C LYS A 65 8.79 2.56 -0.44
N HIS A 66 9.45 1.43 -0.71
CA HIS A 66 9.15 0.64 -1.90
C HIS A 66 9.17 -0.85 -1.51
N TYR A 67 8.02 -1.49 -1.79
CA TYR A 67 7.81 -2.92 -1.55
C TYR A 67 7.22 -3.53 -2.84
N LYS A 68 8.10 -4.31 -3.50
CA LYS A 68 7.78 -4.97 -4.76
C LYS A 68 6.93 -6.23 -4.56
N ILE A 69 5.66 -6.01 -4.93
CA ILE A 69 4.56 -6.99 -4.98
C ILE A 69 4.46 -7.69 -6.33
N ARG A 70 4.65 -9.02 -6.25
CA ARG A 70 4.58 -9.88 -7.43
C ARG A 70 3.21 -10.54 -7.50
N SER A 71 3.03 -11.28 -8.61
CA SER A 71 1.79 -12.01 -8.83
C SER A 71 2.16 -13.37 -9.41
N LEU A 72 1.92 -14.36 -8.54
CA LEU A 72 2.22 -15.76 -8.83
C LEU A 72 0.99 -16.42 -9.43
N ASP A 73 1.35 -17.55 -10.05
CA ASP A 73 0.38 -18.40 -10.76
C ASP A 73 -0.72 -18.97 -9.87
N ASN A 74 -0.48 -18.89 -8.55
CA ASN A 74 -1.46 -19.41 -7.59
C ASN A 74 -2.53 -18.37 -7.22
N GLY A 75 -2.37 -17.18 -7.84
CA GLY A 75 -3.32 -16.10 -7.64
C GLY A 75 -3.16 -15.42 -6.28
N GLY A 76 -1.94 -14.88 -6.11
CA GLY A 76 -1.53 -14.16 -4.94
C GLY A 76 -0.54 -13.05 -5.25
N TYR A 77 -0.02 -12.57 -4.10
CA TYR A 77 0.90 -11.47 -4.02
C TYR A 77 1.85 -11.81 -2.91
N TYR A 78 3.12 -11.43 -3.18
CA TYR A 78 4.17 -11.74 -2.20
C TYR A 78 5.28 -10.67 -2.27
N ILE A 79 5.75 -10.37 -1.05
CA ILE A 79 6.80 -9.34 -0.88
C ILE A 79 8.04 -9.94 -0.22
N SER A 80 7.75 -10.69 0.86
CA SER A 80 8.76 -11.41 1.61
C SER A 80 8.30 -12.83 1.31
N PRO A 81 9.21 -13.63 0.72
CA PRO A 81 8.83 -14.98 0.32
C PRO A 81 8.46 -15.94 1.45
N ARG A 82 8.62 -15.43 2.69
CA ARG A 82 8.23 -16.20 3.87
C ARG A 82 6.71 -16.03 4.17
N ILE A 83 6.09 -15.10 3.38
CA ILE A 83 4.69 -14.68 3.43
C ILE A 83 4.09 -14.19 2.06
N THR A 84 3.10 -15.02 1.70
CA THR A 84 2.29 -14.86 0.48
C THR A 84 0.79 -14.74 0.91
N PHE A 85 0.01 -14.08 0.02
CA PHE A 85 -1.44 -13.87 0.22
C PHE A 85 -2.12 -14.07 -1.16
N PRO A 86 -3.49 -14.22 -1.22
CA PRO A 86 -4.15 -14.39 -2.53
C PRO A 86 -4.59 -13.04 -3.15
N THR A 87 -4.66 -12.01 -2.28
CA THR A 87 -4.98 -10.67 -2.77
C THR A 87 -4.21 -9.71 -1.90
N LEU A 88 -4.27 -8.45 -2.36
CA LEU A 88 -3.57 -7.47 -1.55
C LEU A 88 -4.39 -7.20 -0.30
N GLN A 89 -5.73 -7.38 -0.26
CA GLN A 89 -6.42 -7.06 1.03
C GLN A 89 -5.98 -8.00 2.16
N ALA A 90 -5.82 -9.31 1.81
CA ALA A 90 -5.41 -10.23 2.86
C ALA A 90 -3.93 -10.01 3.24
N LEU A 91 -3.22 -9.33 2.33
CA LEU A 91 -1.82 -8.95 2.55
C LEU A 91 -1.75 -7.76 3.51
N VAL A 92 -2.65 -6.79 3.25
CA VAL A 92 -2.67 -5.54 3.97
C VAL A 92 -3.18 -5.76 5.41
N GLN A 93 -4.10 -6.73 5.55
CA GLN A 93 -4.73 -7.13 6.82
C GLN A 93 -3.67 -7.65 7.79
N HIS A 94 -2.76 -8.47 7.19
CA HIS A 94 -1.72 -9.14 7.97
C HIS A 94 -0.70 -8.11 8.42
N TYR A 95 -0.26 -7.31 7.44
CA TYR A 95 0.69 -6.26 7.81
C TYR A 95 0.01 -5.14 8.59
N SER A 96 -1.36 -5.16 8.61
CA SER A 96 -2.04 -4.11 9.34
C SER A 96 -2.07 -4.41 10.84
N LYS A 97 -1.55 -5.59 11.23
CA LYS A 97 -1.49 -5.86 12.65
C LYS A 97 -0.12 -5.93 13.18
N LYS A 98 0.73 -6.51 12.35
CA LYS A 98 2.14 -6.65 12.68
C LYS A 98 2.93 -6.67 11.37
N GLY A 99 4.07 -5.97 11.43
CA GLY A 99 4.94 -5.88 10.27
C GLY A 99 5.61 -7.18 9.90
N ASP A 100 6.18 -7.87 10.91
CA ASP A 100 6.88 -9.14 10.76
C ASP A 100 8.32 -9.01 10.20
N GLY A 101 8.44 -8.02 9.32
CA GLY A 101 9.71 -7.72 8.67
C GLY A 101 9.67 -6.56 7.67
N LEU A 102 8.64 -5.68 7.80
CA LEU A 102 8.58 -4.55 6.89
C LEU A 102 9.24 -3.28 7.48
N CYS A 103 9.82 -3.37 8.69
CA CYS A 103 10.44 -2.21 9.35
C CYS A 103 9.36 -1.30 10.00
N GLN A 104 8.32 -1.01 9.20
CA GLN A 104 7.18 -0.21 9.60
C GLN A 104 6.02 -0.85 8.87
N LYS A 105 5.21 -1.44 9.75
CA LYS A 105 4.00 -2.13 9.37
C LYS A 105 2.98 -1.10 8.87
N LEU A 106 1.94 -1.72 8.31
CA LEU A 106 0.82 -0.99 7.74
C LEU A 106 -0.14 -0.50 8.82
N THR A 107 -0.28 0.84 8.92
CA THR A 107 -1.17 1.38 9.94
C THR A 107 -2.47 1.98 9.35
N LEU A 108 -2.36 3.11 8.57
CA LEU A 108 -3.57 3.73 8.02
C LEU A 108 -3.36 4.08 6.53
N PRO A 109 -4.36 3.78 5.65
CA PRO A 109 -4.21 4.06 4.22
C PRO A 109 -4.52 5.51 3.85
N CYS A 110 -3.45 6.28 4.06
CA CYS A 110 -3.35 7.72 3.79
C CYS A 110 -4.63 8.51 4.18
N VAL A 111 -4.52 9.84 4.00
CA VAL A 111 -5.68 10.70 4.23
C VAL A 111 -6.58 10.60 2.98
N ASN A 112 -7.90 10.51 3.22
CA ASN A 112 -8.83 10.44 2.09
C ASN A 112 -9.42 11.84 1.89
N LEU A 113 -8.64 12.63 1.13
CA LEU A 113 -9.00 14.00 0.81
C LEU A 113 -9.31 14.84 2.07
N ALA A 114 -8.24 15.41 2.65
CA ALA A 114 -8.42 16.23 3.85
C ALA A 114 -9.21 17.53 3.52
#